data_7BQI
# 
_entry.id   7BQI 
# 
_audit_conform.dict_name       mmcif_pdbx.dic 
_audit_conform.dict_version    5.387 
_audit_conform.dict_location   http://mmcif.pdb.org/dictionaries/ascii/mmcif_pdbx.dic 
# 
loop_
_database_2.database_id 
_database_2.database_code 
_database_2.pdbx_database_accession 
_database_2.pdbx_DOI 
PDB   7BQI         pdb_00007bqi 10.2210/pdb7bqi/pdb 
WWPDB D_1300016284 ?            ?                   
# 
loop_
_pdbx_audit_revision_history.ordinal 
_pdbx_audit_revision_history.data_content_type 
_pdbx_audit_revision_history.major_revision 
_pdbx_audit_revision_history.minor_revision 
_pdbx_audit_revision_history.revision_date 
1 'Structure model' 1 0 2020-08-05 
2 'Structure model' 1 1 2020-09-16 
3 'Structure model' 1 2 2024-03-27 
4 'Structure model' 1 3 2024-04-03 
# 
_pdbx_audit_revision_details.ordinal             1 
_pdbx_audit_revision_details.revision_ordinal    1 
_pdbx_audit_revision_details.data_content_type   'Structure model' 
_pdbx_audit_revision_details.provider            repository 
_pdbx_audit_revision_details.type                'Initial release' 
_pdbx_audit_revision_details.description         ? 
_pdbx_audit_revision_details.details             ? 
# 
loop_
_pdbx_audit_revision_group.ordinal 
_pdbx_audit_revision_group.revision_ordinal 
_pdbx_audit_revision_group.data_content_type 
_pdbx_audit_revision_group.group 
1 2 'Structure model' 'Database references'    
2 3 'Structure model' 'Data collection'        
3 3 'Structure model' 'Database references'    
4 4 'Structure model' 'Refinement description' 
# 
loop_
_pdbx_audit_revision_category.ordinal 
_pdbx_audit_revision_category.revision_ordinal 
_pdbx_audit_revision_category.data_content_type 
_pdbx_audit_revision_category.category 
1 2 'Structure model' citation                      
2 2 'Structure model' citation_author               
3 3 'Structure model' chem_comp_atom                
4 3 'Structure model' chem_comp_bond                
5 3 'Structure model' database_2                    
6 4 'Structure model' pdbx_initial_refinement_model 
# 
loop_
_pdbx_audit_revision_item.ordinal 
_pdbx_audit_revision_item.revision_ordinal 
_pdbx_audit_revision_item.data_content_type 
_pdbx_audit_revision_item.item 
1  2 'Structure model' '_citation.country'                   
2  2 'Structure model' '_citation.journal_abbrev'            
3  2 'Structure model' '_citation.journal_id_ASTM'           
4  2 'Structure model' '_citation.journal_id_CSD'            
5  2 'Structure model' '_citation.journal_id_ISSN'           
6  2 'Structure model' '_citation.journal_volume'            
7  2 'Structure model' '_citation.page_first'                
8  2 'Structure model' '_citation.page_last'                 
9  2 'Structure model' '_citation.pdbx_database_id_DOI'      
10 2 'Structure model' '_citation.pdbx_database_id_PubMed'   
11 2 'Structure model' '_citation.title'                     
12 2 'Structure model' '_citation.year'                      
13 2 'Structure model' '_citation_author.identifier_ORCID'   
14 3 'Structure model' '_database_2.pdbx_DOI'                
15 3 'Structure model' '_database_2.pdbx_database_accession' 
# 
_pdbx_database_status.status_code                     REL 
_pdbx_database_status.status_code_sf                  REL 
_pdbx_database_status.status_code_mr                  ? 
_pdbx_database_status.entry_id                        7BQI 
_pdbx_database_status.recvd_initial_deposition_date   2020-03-24 
_pdbx_database_status.SG_entry                        N 
_pdbx_database_status.deposit_site                    PDBJ 
_pdbx_database_status.process_site                    PDBJ 
_pdbx_database_status.status_code_cs                  ? 
_pdbx_database_status.status_code_nmr_data            ? 
_pdbx_database_status.methods_development_category    ? 
_pdbx_database_status.pdb_format_compatible           Y 
# 
loop_
_audit_author.name 
_audit_author.pdbx_ordinal 
_audit_author.identifier_ORCID 
'Sakurai, S.' 1 ?                   
'Shimizu, T.' 2 0000-0002-0547-8922 
'Ohto, U.'    3 0000-0002-4422-4044 
# 
_citation.abstract                  ? 
_citation.abstract_id_CAS           ? 
_citation.book_id_ISBN              ? 
_citation.book_publisher            ? 
_citation.book_publisher_city       ? 
_citation.book_title                ? 
_citation.coordinate_linkage        ? 
_citation.country                   US 
_citation.database_id_Medline       ? 
_citation.details                   ? 
_citation.id                        primary 
_citation.journal_abbrev            'Acta Crystallogr.,Sect.F' 
_citation.journal_id_ASTM           ACSFEN 
_citation.journal_id_CSD            ? 
_citation.journal_id_ISSN           2053-230X 
_citation.journal_full              ? 
_citation.journal_issue             ? 
_citation.journal_volume            76 
_citation.language                  ? 
_citation.page_first                326 
_citation.page_last                 333 
_citation.title                     'Crystal structure of the FYCO1 RUN domain suggests possible interfaces with small GTPases.' 
_citation.year                      2020 
_citation.database_id_CSD           ? 
_citation.pdbx_database_id_DOI      10.1107/S2053230X20009012 
_citation.pdbx_database_id_PubMed   32744243 
_citation.unpublished_flag          ? 
# 
loop_
_citation_author.citation_id 
_citation_author.name 
_citation_author.ordinal 
_citation_author.identifier_ORCID 
primary 'Sakurai, S.' 1 ? 
primary 'Shimizu, T.' 2 ? 
primary 'Ohto, U.'    3 ? 
# 
loop_
_entity.id 
_entity.type 
_entity.src_method 
_entity.pdbx_description 
_entity.formula_weight 
_entity.pdbx_number_of_molecules 
_entity.pdbx_ec 
_entity.pdbx_mutation 
_entity.pdbx_fragment 
_entity.details 
1 polymer man 'FYVE and coiled-coil domain-containing protein 1' 20871.553 1   ? ? 'RUN domain' ? 
2 water   nat water                                              18.015    129 ? ? ?            ? 
# 
_entity_name_com.entity_id   1 
_entity_name_com.name        'Zinc finger FYVE domain-containing protein 7' 
# 
_entity_poly.entity_id                      1 
_entity_poly.type                           'polypeptide(L)' 
_entity_poly.nstd_linkage                   no 
_entity_poly.nstd_monomer                   no 
_entity_poly.pdbx_seq_one_letter_code       
;GPLGSMASTNAESQLQRIIRDLQDAVTELSKEFQEAGEPITDDSTSLHKFSYKLEYLLQFDQKEKATLLGNKKDYWDYFC
ACLAKVKGANDGIRFVKSISELRTSLGKGRAFIRYSLVHQRLADTLQQCFMNTKVTSDWYYARSPFLQPKLSSDIVGQLY
ELTEVQFDLASRGFDLDAAWPTF
;
_entity_poly.pdbx_seq_one_letter_code_can   
;GPLGSMASTNAESQLQRIIRDLQDAVTELSKEFQEAGEPITDDSTSLHKFSYKLEYLLQFDQKEKATLLGNKKDYWDYFC
ACLAKVKGANDGIRFVKSISELRTSLGKGRAFIRYSLVHQRLADTLQQCFMNTKVTSDWYYARSPFLQPKLSSDIVGQLY
ELTEVQFDLASRGFDLDAAWPTF
;
_entity_poly.pdbx_strand_id                 A 
_entity_poly.pdbx_target_identifier         ? 
# 
_pdbx_entity_nonpoly.entity_id   2 
_pdbx_entity_nonpoly.name        water 
_pdbx_entity_nonpoly.comp_id     HOH 
# 
loop_
_entity_poly_seq.entity_id 
_entity_poly_seq.num 
_entity_poly_seq.mon_id 
_entity_poly_seq.hetero 
1 1   GLY n 
1 2   PRO n 
1 3   LEU n 
1 4   GLY n 
1 5   SER n 
1 6   MET n 
1 7   ALA n 
1 8   SER n 
1 9   THR n 
1 10  ASN n 
1 11  ALA n 
1 12  GLU n 
1 13  SER n 
1 14  GLN n 
1 15  LEU n 
1 16  GLN n 
1 17  ARG n 
1 18  ILE n 
1 19  ILE n 
1 20  ARG n 
1 21  ASP n 
1 22  LEU n 
1 23  GLN n 
1 24  ASP n 
1 25  ALA n 
1 26  VAL n 
1 27  THR n 
1 28  GLU n 
1 29  LEU n 
1 30  SER n 
1 31  LYS n 
1 32  GLU n 
1 33  PHE n 
1 34  GLN n 
1 35  GLU n 
1 36  ALA n 
1 37  GLY n 
1 38  GLU n 
1 39  PRO n 
1 40  ILE n 
1 41  THR n 
1 42  ASP n 
1 43  ASP n 
1 44  SER n 
1 45  THR n 
1 46  SER n 
1 47  LEU n 
1 48  HIS n 
1 49  LYS n 
1 50  PHE n 
1 51  SER n 
1 52  TYR n 
1 53  LYS n 
1 54  LEU n 
1 55  GLU n 
1 56  TYR n 
1 57  LEU n 
1 58  LEU n 
1 59  GLN n 
1 60  PHE n 
1 61  ASP n 
1 62  GLN n 
1 63  LYS n 
1 64  GLU n 
1 65  LYS n 
1 66  ALA n 
1 67  THR n 
1 68  LEU n 
1 69  LEU n 
1 70  GLY n 
1 71  ASN n 
1 72  LYS n 
1 73  LYS n 
1 74  ASP n 
1 75  TYR n 
1 76  TRP n 
1 77  ASP n 
1 78  TYR n 
1 79  PHE n 
1 80  CYS n 
1 81  ALA n 
1 82  CYS n 
1 83  LEU n 
1 84  ALA n 
1 85  LYS n 
1 86  VAL n 
1 87  LYS n 
1 88  GLY n 
1 89  ALA n 
1 90  ASN n 
1 91  ASP n 
1 92  GLY n 
1 93  ILE n 
1 94  ARG n 
1 95  PHE n 
1 96  VAL n 
1 97  LYS n 
1 98  SER n 
1 99  ILE n 
1 100 SER n 
1 101 GLU n 
1 102 LEU n 
1 103 ARG n 
1 104 THR n 
1 105 SER n 
1 106 LEU n 
1 107 GLY n 
1 108 LYS n 
1 109 GLY n 
1 110 ARG n 
1 111 ALA n 
1 112 PHE n 
1 113 ILE n 
1 114 ARG n 
1 115 TYR n 
1 116 SER n 
1 117 LEU n 
1 118 VAL n 
1 119 HIS n 
1 120 GLN n 
1 121 ARG n 
1 122 LEU n 
1 123 ALA n 
1 124 ASP n 
1 125 THR n 
1 126 LEU n 
1 127 GLN n 
1 128 GLN n 
1 129 CYS n 
1 130 PHE n 
1 131 MET n 
1 132 ASN n 
1 133 THR n 
1 134 LYS n 
1 135 VAL n 
1 136 THR n 
1 137 SER n 
1 138 ASP n 
1 139 TRP n 
1 140 TYR n 
1 141 TYR n 
1 142 ALA n 
1 143 ARG n 
1 144 SER n 
1 145 PRO n 
1 146 PHE n 
1 147 LEU n 
1 148 GLN n 
1 149 PRO n 
1 150 LYS n 
1 151 LEU n 
1 152 SER n 
1 153 SER n 
1 154 ASP n 
1 155 ILE n 
1 156 VAL n 
1 157 GLY n 
1 158 GLN n 
1 159 LEU n 
1 160 TYR n 
1 161 GLU n 
1 162 LEU n 
1 163 THR n 
1 164 GLU n 
1 165 VAL n 
1 166 GLN n 
1 167 PHE n 
1 168 ASP n 
1 169 LEU n 
1 170 ALA n 
1 171 SER n 
1 172 ARG n 
1 173 GLY n 
1 174 PHE n 
1 175 ASP n 
1 176 LEU n 
1 177 ASP n 
1 178 ALA n 
1 179 ALA n 
1 180 TRP n 
1 181 PRO n 
1 182 THR n 
1 183 PHE n 
# 
_entity_src_gen.entity_id                          1 
_entity_src_gen.pdbx_src_id                        1 
_entity_src_gen.pdbx_alt_source_flag               sample 
_entity_src_gen.pdbx_seq_type                      'Biological sequence' 
_entity_src_gen.pdbx_beg_seq_num                   1 
_entity_src_gen.pdbx_end_seq_num                   183 
_entity_src_gen.gene_src_common_name               Human 
_entity_src_gen.gene_src_genus                     ? 
_entity_src_gen.pdbx_gene_src_gene                 'FYCO1, ZFYVE7' 
_entity_src_gen.gene_src_species                   ? 
_entity_src_gen.gene_src_strain                    ? 
_entity_src_gen.gene_src_tissue                    ? 
_entity_src_gen.gene_src_tissue_fraction           ? 
_entity_src_gen.gene_src_details                   ? 
_entity_src_gen.pdbx_gene_src_fragment             ? 
_entity_src_gen.pdbx_gene_src_scientific_name      'Homo sapiens' 
_entity_src_gen.pdbx_gene_src_ncbi_taxonomy_id     9606 
_entity_src_gen.pdbx_gene_src_variant              ? 
_entity_src_gen.pdbx_gene_src_cell_line            ? 
_entity_src_gen.pdbx_gene_src_atcc                 ? 
_entity_src_gen.pdbx_gene_src_organ                ? 
_entity_src_gen.pdbx_gene_src_organelle            ? 
_entity_src_gen.pdbx_gene_src_cell                 ? 
_entity_src_gen.pdbx_gene_src_cellular_location    ? 
_entity_src_gen.host_org_common_name               ? 
_entity_src_gen.pdbx_host_org_scientific_name      'Escherichia coli' 
_entity_src_gen.pdbx_host_org_ncbi_taxonomy_id     562 
_entity_src_gen.host_org_genus                     ? 
_entity_src_gen.pdbx_host_org_gene                 ? 
_entity_src_gen.pdbx_host_org_organ                ? 
_entity_src_gen.host_org_species                   ? 
_entity_src_gen.pdbx_host_org_tissue               ? 
_entity_src_gen.pdbx_host_org_tissue_fraction      ? 
_entity_src_gen.pdbx_host_org_strain               ? 
_entity_src_gen.pdbx_host_org_variant              ? 
_entity_src_gen.pdbx_host_org_cell_line            ? 
_entity_src_gen.pdbx_host_org_atcc                 ? 
_entity_src_gen.pdbx_host_org_culture_collection   ? 
_entity_src_gen.pdbx_host_org_cell                 ? 
_entity_src_gen.pdbx_host_org_organelle            ? 
_entity_src_gen.pdbx_host_org_cellular_location    ? 
_entity_src_gen.pdbx_host_org_vector_type          ? 
_entity_src_gen.pdbx_host_org_vector               ? 
_entity_src_gen.host_org_details                   ? 
_entity_src_gen.expression_system_id               ? 
_entity_src_gen.plasmid_name                       ? 
_entity_src_gen.plasmid_details                    ? 
_entity_src_gen.pdbx_description                   ? 
# 
loop_
_chem_comp.id 
_chem_comp.type 
_chem_comp.mon_nstd_flag 
_chem_comp.name 
_chem_comp.pdbx_synonyms 
_chem_comp.formula 
_chem_comp.formula_weight 
ALA 'L-peptide linking' y ALANINE         ? 'C3 H7 N O2'     89.093  
ARG 'L-peptide linking' y ARGININE        ? 'C6 H15 N4 O2 1' 175.209 
ASN 'L-peptide linking' y ASPARAGINE      ? 'C4 H8 N2 O3'    132.118 
ASP 'L-peptide linking' y 'ASPARTIC ACID' ? 'C4 H7 N O4'     133.103 
CYS 'L-peptide linking' y CYSTEINE        ? 'C3 H7 N O2 S'   121.158 
GLN 'L-peptide linking' y GLUTAMINE       ? 'C5 H10 N2 O3'   146.144 
GLU 'L-peptide linking' y 'GLUTAMIC ACID' ? 'C5 H9 N O4'     147.129 
GLY 'peptide linking'   y GLYCINE         ? 'C2 H5 N O2'     75.067  
HIS 'L-peptide linking' y HISTIDINE       ? 'C6 H10 N3 O2 1' 156.162 
HOH non-polymer         . WATER           ? 'H2 O'           18.015  
ILE 'L-peptide linking' y ISOLEUCINE      ? 'C6 H13 N O2'    131.173 
LEU 'L-peptide linking' y LEUCINE         ? 'C6 H13 N O2'    131.173 
LYS 'L-peptide linking' y LYSINE          ? 'C6 H15 N2 O2 1' 147.195 
MET 'L-peptide linking' y METHIONINE      ? 'C5 H11 N O2 S'  149.211 
PHE 'L-peptide linking' y PHENYLALANINE   ? 'C9 H11 N O2'    165.189 
PRO 'L-peptide linking' y PROLINE         ? 'C5 H9 N O2'     115.130 
SER 'L-peptide linking' y SERINE          ? 'C3 H7 N O3'     105.093 
THR 'L-peptide linking' y THREONINE       ? 'C4 H9 N O3'     119.119 
TRP 'L-peptide linking' y TRYPTOPHAN      ? 'C11 H12 N2 O2'  204.225 
TYR 'L-peptide linking' y TYROSINE        ? 'C9 H11 N O3'    181.189 
VAL 'L-peptide linking' y VALINE          ? 'C5 H11 N O2'    117.146 
# 
loop_
_pdbx_poly_seq_scheme.asym_id 
_pdbx_poly_seq_scheme.entity_id 
_pdbx_poly_seq_scheme.seq_id 
_pdbx_poly_seq_scheme.mon_id 
_pdbx_poly_seq_scheme.ndb_seq_num 
_pdbx_poly_seq_scheme.pdb_seq_num 
_pdbx_poly_seq_scheme.auth_seq_num 
_pdbx_poly_seq_scheme.pdb_mon_id 
_pdbx_poly_seq_scheme.auth_mon_id 
_pdbx_poly_seq_scheme.pdb_strand_id 
_pdbx_poly_seq_scheme.pdb_ins_code 
_pdbx_poly_seq_scheme.hetero 
A 1 1   GLY 1   -4  ?   ?   ?   A . n 
A 1 2   PRO 2   -3  ?   ?   ?   A . n 
A 1 3   LEU 3   -2  ?   ?   ?   A . n 
A 1 4   GLY 4   -1  ?   ?   ?   A . n 
A 1 5   SER 5   0   ?   ?   ?   A . n 
A 1 6   MET 6   1   ?   ?   ?   A . n 
A 1 7   ALA 7   2   ?   ?   ?   A . n 
A 1 8   SER 8   3   ?   ?   ?   A . n 
A 1 9   THR 9   4   ?   ?   ?   A . n 
A 1 10  ASN 10  5   5   ASN ASN A . n 
A 1 11  ALA 11  6   6   ALA ALA A . n 
A 1 12  GLU 12  7   7   GLU GLU A . n 
A 1 13  SER 13  8   8   SER SER A . n 
A 1 14  GLN 14  9   9   GLN GLN A . n 
A 1 15  LEU 15  10  10  LEU LEU A . n 
A 1 16  GLN 16  11  11  GLN GLN A . n 
A 1 17  ARG 17  12  12  ARG ARG A . n 
A 1 18  ILE 18  13  13  ILE ILE A . n 
A 1 19  ILE 19  14  14  ILE ILE A . n 
A 1 20  ARG 20  15  15  ARG ARG A . n 
A 1 21  ASP 21  16  16  ASP ASP A . n 
A 1 22  LEU 22  17  17  LEU LEU A . n 
A 1 23  GLN 23  18  18  GLN GLN A . n 
A 1 24  ASP 24  19  19  ASP ASP A . n 
A 1 25  ALA 25  20  20  ALA ALA A . n 
A 1 26  VAL 26  21  21  VAL VAL A . n 
A 1 27  THR 27  22  22  THR THR A . n 
A 1 28  GLU 28  23  23  GLU GLU A . n 
A 1 29  LEU 29  24  24  LEU LEU A . n 
A 1 30  SER 30  25  25  SER SER A . n 
A 1 31  LYS 31  26  26  LYS LYS A . n 
A 1 32  GLU 32  27  27  GLU GLU A . n 
A 1 33  PHE 33  28  28  PHE PHE A . n 
A 1 34  GLN 34  29  29  GLN GLN A . n 
A 1 35  GLU 35  30  30  GLU GLU A . n 
A 1 36  ALA 36  31  31  ALA ALA A . n 
A 1 37  GLY 37  32  32  GLY GLY A . n 
A 1 38  GLU 38  33  33  GLU GLU A . n 
A 1 39  PRO 39  34  34  PRO PRO A . n 
A 1 40  ILE 40  35  35  ILE ILE A . n 
A 1 41  THR 41  36  36  THR THR A . n 
A 1 42  ASP 42  37  37  ASP ASP A . n 
A 1 43  ASP 43  38  38  ASP ASP A . n 
A 1 44  SER 44  39  39  SER SER A . n 
A 1 45  THR 45  40  40  THR THR A . n 
A 1 46  SER 46  41  41  SER SER A . n 
A 1 47  LEU 47  42  42  LEU LEU A . n 
A 1 48  HIS 48  43  43  HIS HIS A . n 
A 1 49  LYS 49  44  44  LYS LYS A . n 
A 1 50  PHE 50  45  45  PHE PHE A . n 
A 1 51  SER 51  46  46  SER SER A . n 
A 1 52  TYR 52  47  47  TYR TYR A . n 
A 1 53  LYS 53  48  48  LYS LYS A . n 
A 1 54  LEU 54  49  49  LEU LEU A . n 
A 1 55  GLU 55  50  50  GLU GLU A . n 
A 1 56  TYR 56  51  51  TYR TYR A . n 
A 1 57  LEU 57  52  52  LEU LEU A . n 
A 1 58  LEU 58  53  53  LEU LEU A . n 
A 1 59  GLN 59  54  54  GLN GLN A . n 
A 1 60  PHE 60  55  55  PHE PHE A . n 
A 1 61  ASP 61  56  56  ASP ASP A . n 
A 1 62  GLN 62  57  57  GLN GLN A . n 
A 1 63  LYS 63  58  58  LYS LYS A . n 
A 1 64  GLU 64  59  59  GLU GLU A . n 
A 1 65  LYS 65  60  60  LYS LYS A . n 
A 1 66  ALA 66  61  61  ALA ALA A . n 
A 1 67  THR 67  62  62  THR THR A . n 
A 1 68  LEU 68  63  63  LEU LEU A . n 
A 1 69  LEU 69  64  64  LEU LEU A . n 
A 1 70  GLY 70  65  65  GLY GLY A . n 
A 1 71  ASN 71  66  66  ASN ASN A . n 
A 1 72  LYS 72  67  67  LYS LYS A . n 
A 1 73  LYS 73  68  68  LYS LYS A . n 
A 1 74  ASP 74  69  69  ASP ASP A . n 
A 1 75  TYR 75  70  70  TYR TYR A . n 
A 1 76  TRP 76  71  71  TRP TRP A . n 
A 1 77  ASP 77  72  72  ASP ASP A . n 
A 1 78  TYR 78  73  73  TYR TYR A . n 
A 1 79  PHE 79  74  74  PHE PHE A . n 
A 1 80  CYS 80  75  75  CYS CYS A . n 
A 1 81  ALA 81  76  76  ALA ALA A . n 
A 1 82  CYS 82  77  77  CYS CYS A . n 
A 1 83  LEU 83  78  78  LEU LEU A . n 
A 1 84  ALA 84  79  79  ALA ALA A . n 
A 1 85  LYS 85  80  80  LYS LYS A . n 
A 1 86  VAL 86  81  81  VAL VAL A . n 
A 1 87  LYS 87  82  82  LYS LYS A . n 
A 1 88  GLY 88  83  83  GLY GLY A . n 
A 1 89  ALA 89  84  84  ALA ALA A . n 
A 1 90  ASN 90  85  85  ASN ASN A . n 
A 1 91  ASP 91  86  86  ASP ASP A . n 
A 1 92  GLY 92  87  87  GLY GLY A . n 
A 1 93  ILE 93  88  88  ILE ILE A . n 
A 1 94  ARG 94  89  89  ARG ARG A . n 
A 1 95  PHE 95  90  90  PHE PHE A . n 
A 1 96  VAL 96  91  91  VAL VAL A . n 
A 1 97  LYS 97  92  92  LYS LYS A . n 
A 1 98  SER 98  93  93  SER SER A . n 
A 1 99  ILE 99  94  94  ILE ILE A . n 
A 1 100 SER 100 95  95  SER SER A . n 
A 1 101 GLU 101 96  96  GLU GLU A . n 
A 1 102 LEU 102 97  97  LEU LEU A . n 
A 1 103 ARG 103 98  98  ARG ARG A . n 
A 1 104 THR 104 99  99  THR THR A . n 
A 1 105 SER 105 100 100 SER SER A . n 
A 1 106 LEU 106 101 101 LEU LEU A . n 
A 1 107 GLY 107 102 102 GLY GLY A . n 
A 1 108 LYS 108 103 103 LYS LYS A . n 
A 1 109 GLY 109 104 104 GLY GLY A . n 
A 1 110 ARG 110 105 105 ARG ARG A . n 
A 1 111 ALA 111 106 106 ALA ALA A . n 
A 1 112 PHE 112 107 107 PHE PHE A . n 
A 1 113 ILE 113 108 108 ILE ILE A . n 
A 1 114 ARG 114 109 109 ARG ARG A . n 
A 1 115 TYR 115 110 110 TYR TYR A . n 
A 1 116 SER 116 111 111 SER SER A . n 
A 1 117 LEU 117 112 112 LEU LEU A . n 
A 1 118 VAL 118 113 113 VAL VAL A . n 
A 1 119 HIS 119 114 114 HIS HIS A . n 
A 1 120 GLN 120 115 115 GLN GLN A . n 
A 1 121 ARG 121 116 116 ARG ARG A . n 
A 1 122 LEU 122 117 117 LEU LEU A . n 
A 1 123 ALA 123 118 118 ALA ALA A . n 
A 1 124 ASP 124 119 119 ASP ASP A . n 
A 1 125 THR 125 120 120 THR THR A . n 
A 1 126 LEU 126 121 121 LEU LEU A . n 
A 1 127 GLN 127 122 122 GLN GLN A . n 
A 1 128 GLN 128 123 123 GLN GLN A . n 
A 1 129 CYS 129 124 124 CYS CYS A . n 
A 1 130 PHE 130 125 125 PHE PHE A . n 
A 1 131 MET 131 126 126 MET MET A . n 
A 1 132 ASN 132 127 127 ASN ASN A . n 
A 1 133 THR 133 128 128 THR THR A . n 
A 1 134 LYS 134 129 129 LYS LYS A . n 
A 1 135 VAL 135 130 130 VAL VAL A . n 
A 1 136 THR 136 131 131 THR THR A . n 
A 1 137 SER 137 132 132 SER SER A . n 
A 1 138 ASP 138 133 133 ASP ASP A . n 
A 1 139 TRP 139 134 134 TRP TRP A . n 
A 1 140 TYR 140 135 135 TYR TYR A . n 
A 1 141 TYR 141 136 136 TYR TYR A . n 
A 1 142 ALA 142 137 137 ALA ALA A . n 
A 1 143 ARG 143 138 138 ARG ARG A . n 
A 1 144 SER 144 139 139 SER SER A . n 
A 1 145 PRO 145 140 140 PRO PRO A . n 
A 1 146 PHE 146 141 141 PHE PHE A . n 
A 1 147 LEU 147 142 142 LEU LEU A . n 
A 1 148 GLN 148 143 143 GLN GLN A . n 
A 1 149 PRO 149 144 144 PRO PRO A . n 
A 1 150 LYS 150 145 145 LYS LYS A . n 
A 1 151 LEU 151 146 146 LEU LEU A . n 
A 1 152 SER 152 147 147 SER SER A . n 
A 1 153 SER 153 148 148 SER SER A . n 
A 1 154 ASP 154 149 149 ASP ASP A . n 
A 1 155 ILE 155 150 150 ILE ILE A . n 
A 1 156 VAL 156 151 151 VAL VAL A . n 
A 1 157 GLY 157 152 152 GLY GLY A . n 
A 1 158 GLN 158 153 153 GLN GLN A . n 
A 1 159 LEU 159 154 154 LEU LEU A . n 
A 1 160 TYR 160 155 155 TYR TYR A . n 
A 1 161 GLU 161 156 156 GLU GLU A . n 
A 1 162 LEU 162 157 157 LEU LEU A . n 
A 1 163 THR 163 158 158 THR THR A . n 
A 1 164 GLU 164 159 159 GLU GLU A . n 
A 1 165 VAL 165 160 160 VAL VAL A . n 
A 1 166 GLN 166 161 161 GLN GLN A . n 
A 1 167 PHE 167 162 162 PHE PHE A . n 
A 1 168 ASP 168 163 163 ASP ASP A . n 
A 1 169 LEU 169 164 164 LEU LEU A . n 
A 1 170 ALA 170 165 165 ALA ALA A . n 
A 1 171 SER 171 166 166 SER SER A . n 
A 1 172 ARG 172 167 167 ARG ARG A . n 
A 1 173 GLY 173 168 168 GLY GLY A . n 
A 1 174 PHE 174 169 169 PHE PHE A . n 
A 1 175 ASP 175 170 170 ASP ASP A . n 
A 1 176 LEU 176 171 171 LEU LEU A . n 
A 1 177 ASP 177 172 172 ASP ASP A . n 
A 1 178 ALA 178 173 173 ALA ALA A . n 
A 1 179 ALA 179 174 174 ALA ALA A . n 
A 1 180 TRP 180 175 175 TRP TRP A . n 
A 1 181 PRO 181 176 176 PRO PRO A . n 
A 1 182 THR 182 177 177 THR THR A . n 
A 1 183 PHE 183 178 178 PHE PHE A . n 
# 
loop_
_pdbx_nonpoly_scheme.asym_id 
_pdbx_nonpoly_scheme.entity_id 
_pdbx_nonpoly_scheme.mon_id 
_pdbx_nonpoly_scheme.ndb_seq_num 
_pdbx_nonpoly_scheme.pdb_seq_num 
_pdbx_nonpoly_scheme.auth_seq_num 
_pdbx_nonpoly_scheme.pdb_mon_id 
_pdbx_nonpoly_scheme.auth_mon_id 
_pdbx_nonpoly_scheme.pdb_strand_id 
_pdbx_nonpoly_scheme.pdb_ins_code 
B 2 HOH 1   201 85  HOH HOH A . 
B 2 HOH 2   202 87  HOH HOH A . 
B 2 HOH 3   203 128 HOH HOH A . 
B 2 HOH 4   204 99  HOH HOH A . 
B 2 HOH 5   205 107 HOH HOH A . 
B 2 HOH 6   206 34  HOH HOH A . 
B 2 HOH 7   207 116 HOH HOH A . 
B 2 HOH 8   208 76  HOH HOH A . 
B 2 HOH 9   209 17  HOH HOH A . 
B 2 HOH 10  210 126 HOH HOH A . 
B 2 HOH 11  211 62  HOH HOH A . 
B 2 HOH 12  212 50  HOH HOH A . 
B 2 HOH 13  213 109 HOH HOH A . 
B 2 HOH 14  214 20  HOH HOH A . 
B 2 HOH 15  215 70  HOH HOH A . 
B 2 HOH 16  216 67  HOH HOH A . 
B 2 HOH 17  217 86  HOH HOH A . 
B 2 HOH 18  218 5   HOH HOH A . 
B 2 HOH 19  219 106 HOH HOH A . 
B 2 HOH 20  220 53  HOH HOH A . 
B 2 HOH 21  221 3   HOH HOH A . 
B 2 HOH 22  222 74  HOH HOH A . 
B 2 HOH 23  223 66  HOH HOH A . 
B 2 HOH 24  224 101 HOH HOH A . 
B 2 HOH 25  225 82  HOH HOH A . 
B 2 HOH 26  226 123 HOH HOH A . 
B 2 HOH 27  227 72  HOH HOH A . 
B 2 HOH 28  228 110 HOH HOH A . 
B 2 HOH 29  229 15  HOH HOH A . 
B 2 HOH 30  230 60  HOH HOH A . 
B 2 HOH 31  231 26  HOH HOH A . 
B 2 HOH 32  232 51  HOH HOH A . 
B 2 HOH 33  233 124 HOH HOH A . 
B 2 HOH 34  234 33  HOH HOH A . 
B 2 HOH 35  235 30  HOH HOH A . 
B 2 HOH 36  236 24  HOH HOH A . 
B 2 HOH 37  237 32  HOH HOH A . 
B 2 HOH 38  238 69  HOH HOH A . 
B 2 HOH 39  239 35  HOH HOH A . 
B 2 HOH 40  240 2   HOH HOH A . 
B 2 HOH 41  241 100 HOH HOH A . 
B 2 HOH 42  242 16  HOH HOH A . 
B 2 HOH 43  243 14  HOH HOH A . 
B 2 HOH 44  244 79  HOH HOH A . 
B 2 HOH 45  245 88  HOH HOH A . 
B 2 HOH 46  246 89  HOH HOH A . 
B 2 HOH 47  247 49  HOH HOH A . 
B 2 HOH 48  248 55  HOH HOH A . 
B 2 HOH 49  249 68  HOH HOH A . 
B 2 HOH 50  250 80  HOH HOH A . 
B 2 HOH 51  251 56  HOH HOH A . 
B 2 HOH 52  252 6   HOH HOH A . 
B 2 HOH 53  253 9   HOH HOH A . 
B 2 HOH 54  254 54  HOH HOH A . 
B 2 HOH 55  255 42  HOH HOH A . 
B 2 HOH 56  256 18  HOH HOH A . 
B 2 HOH 57  257 1   HOH HOH A . 
B 2 HOH 58  258 23  HOH HOH A . 
B 2 HOH 59  259 57  HOH HOH A . 
B 2 HOH 60  260 37  HOH HOH A . 
B 2 HOH 61  261 105 HOH HOH A . 
B 2 HOH 62  262 52  HOH HOH A . 
B 2 HOH 63  263 108 HOH HOH A . 
B 2 HOH 64  264 27  HOH HOH A . 
B 2 HOH 65  265 83  HOH HOH A . 
B 2 HOH 66  266 98  HOH HOH A . 
B 2 HOH 67  267 131 HOH HOH A . 
B 2 HOH 68  268 130 HOH HOH A . 
B 2 HOH 69  269 40  HOH HOH A . 
B 2 HOH 70  270 64  HOH HOH A . 
B 2 HOH 71  271 46  HOH HOH A . 
B 2 HOH 72  272 115 HOH HOH A . 
B 2 HOH 73  273 113 HOH HOH A . 
B 2 HOH 74  274 91  HOH HOH A . 
B 2 HOH 75  275 4   HOH HOH A . 
B 2 HOH 76  276 84  HOH HOH A . 
B 2 HOH 77  277 97  HOH HOH A . 
B 2 HOH 78  278 8   HOH HOH A . 
B 2 HOH 79  279 43  HOH HOH A . 
B 2 HOH 80  280 25  HOH HOH A . 
B 2 HOH 81  281 112 HOH HOH A . 
B 2 HOH 82  282 102 HOH HOH A . 
B 2 HOH 83  283 90  HOH HOH A . 
B 2 HOH 84  284 31  HOH HOH A . 
B 2 HOH 85  285 136 HOH HOH A . 
B 2 HOH 86  286 36  HOH HOH A . 
B 2 HOH 87  287 38  HOH HOH A . 
B 2 HOH 88  288 129 HOH HOH A . 
B 2 HOH 89  289 21  HOH HOH A . 
B 2 HOH 90  290 61  HOH HOH A . 
B 2 HOH 91  291 7   HOH HOH A . 
B 2 HOH 92  292 73  HOH HOH A . 
B 2 HOH 93  293 48  HOH HOH A . 
B 2 HOH 94  294 41  HOH HOH A . 
B 2 HOH 95  295 10  HOH HOH A . 
B 2 HOH 96  296 11  HOH HOH A . 
B 2 HOH 97  297 28  HOH HOH A . 
B 2 HOH 98  298 59  HOH HOH A . 
B 2 HOH 99  299 75  HOH HOH A . 
B 2 HOH 100 300 138 HOH HOH A . 
B 2 HOH 101 301 22  HOH HOH A . 
B 2 HOH 102 302 44  HOH HOH A . 
B 2 HOH 103 303 45  HOH HOH A . 
B 2 HOH 104 304 81  HOH HOH A . 
B 2 HOH 105 305 78  HOH HOH A . 
B 2 HOH 106 306 125 HOH HOH A . 
B 2 HOH 107 307 132 HOH HOH A . 
B 2 HOH 108 308 103 HOH HOH A . 
B 2 HOH 109 309 58  HOH HOH A . 
B 2 HOH 110 310 121 HOH HOH A . 
B 2 HOH 111 311 120 HOH HOH A . 
B 2 HOH 112 312 47  HOH HOH A . 
B 2 HOH 113 313 127 HOH HOH A . 
B 2 HOH 114 314 122 HOH HOH A . 
B 2 HOH 115 315 118 HOH HOH A . 
B 2 HOH 116 316 119 HOH HOH A . 
B 2 HOH 117 317 117 HOH HOH A . 
B 2 HOH 118 318 71  HOH HOH A . 
B 2 HOH 119 319 104 HOH HOH A . 
B 2 HOH 120 320 77  HOH HOH A . 
B 2 HOH 121 321 133 HOH HOH A . 
B 2 HOH 122 322 137 HOH HOH A . 
B 2 HOH 123 323 95  HOH HOH A . 
B 2 HOH 124 324 96  HOH HOH A . 
B 2 HOH 125 325 92  HOH HOH A . 
B 2 HOH 126 326 93  HOH HOH A . 
B 2 HOH 127 327 114 HOH HOH A . 
B 2 HOH 128 328 135 HOH HOH A . 
B 2 HOH 129 329 111 HOH HOH A . 
# 
loop_
_software.citation_id 
_software.classification 
_software.compiler_name 
_software.compiler_version 
_software.contact_author 
_software.contact_author_email 
_software.date 
_software.description 
_software.dependencies 
_software.hardware 
_software.language 
_software.location 
_software.mods 
_software.name 
_software.os 
_software.os_version 
_software.type 
_software.version 
_software.pdbx_ordinal 
? refinement        ? ? ? ? ? ? ? ? ? ? ? REFMAC      ? ? ? 5.8.0049 1 
? 'data extraction' ? ? ? ? ? ? ? ? ? ? ? PDB_EXTRACT ? ? ? 3.25     2 
? 'data reduction'  ? ? ? ? ? ? ? ? ? ? ? HKL-2000    ? ? ? .        3 
? 'data scaling'    ? ? ? ? ? ? ? ? ? ? ? HKL-2000    ? ? ? .        4 
? phasing           ? ? ? ? ? ? ? ? ? ? ? AutoSol     ? ? ? .        5 
# 
_cell.angle_alpha                  90.000 
_cell.angle_alpha_esd              ? 
_cell.angle_beta                   90.000 
_cell.angle_beta_esd               ? 
_cell.angle_gamma                  90.000 
_cell.angle_gamma_esd              ? 
_cell.entry_id                     7BQI 
_cell.details                      ? 
_cell.formula_units_Z              ? 
_cell.length_a                     48.119 
_cell.length_a_esd                 ? 
_cell.length_b                     48.119 
_cell.length_b_esd                 ? 
_cell.length_c                     142.671 
_cell.length_c_esd                 ? 
_cell.volume                       ? 
_cell.volume_esd                   ? 
_cell.Z_PDB                        8 
_cell.reciprocal_angle_alpha       ? 
_cell.reciprocal_angle_beta        ? 
_cell.reciprocal_angle_gamma       ? 
_cell.reciprocal_angle_alpha_esd   ? 
_cell.reciprocal_angle_beta_esd    ? 
_cell.reciprocal_angle_gamma_esd   ? 
_cell.reciprocal_length_a          ? 
_cell.reciprocal_length_b          ? 
_cell.reciprocal_length_c          ? 
_cell.reciprocal_length_a_esd      ? 
_cell.reciprocal_length_b_esd      ? 
_cell.reciprocal_length_c_esd      ? 
_cell.pdbx_unique_axis             ? 
# 
_symmetry.entry_id                         7BQI 
_symmetry.cell_setting                     ? 
_symmetry.Int_Tables_number                92 
_symmetry.space_group_name_Hall            ? 
_symmetry.space_group_name_H-M             'P 41 21 2' 
_symmetry.pdbx_full_space_group_name_H-M   ? 
# 
_exptl.absorpt_coefficient_mu     ? 
_exptl.absorpt_correction_T_max   ? 
_exptl.absorpt_correction_T_min   ? 
_exptl.absorpt_correction_type    ? 
_exptl.absorpt_process_details    ? 
_exptl.entry_id                   7BQI 
_exptl.crystals_number            1 
_exptl.details                    ? 
_exptl.method                     'X-RAY DIFFRACTION' 
_exptl.method_details             ? 
# 
_exptl_crystal.colour                      ? 
_exptl_crystal.density_diffrn              ? 
_exptl_crystal.density_Matthews            1.98 
_exptl_crystal.density_method              ? 
_exptl_crystal.density_percent_sol         37.83 
_exptl_crystal.description                 ? 
_exptl_crystal.F_000                       ? 
_exptl_crystal.id                          1 
_exptl_crystal.preparation                 ? 
_exptl_crystal.size_max                    ? 
_exptl_crystal.size_mid                    ? 
_exptl_crystal.size_min                    ? 
_exptl_crystal.size_rad                    ? 
_exptl_crystal.colour_lustre               ? 
_exptl_crystal.colour_modifier             ? 
_exptl_crystal.colour_primary              ? 
_exptl_crystal.density_meas                ? 
_exptl_crystal.density_meas_esd            ? 
_exptl_crystal.density_meas_gt             ? 
_exptl_crystal.density_meas_lt             ? 
_exptl_crystal.density_meas_temp           ? 
_exptl_crystal.density_meas_temp_esd       ? 
_exptl_crystal.density_meas_temp_gt        ? 
_exptl_crystal.density_meas_temp_lt        ? 
_exptl_crystal.pdbx_crystal_image_url      ? 
_exptl_crystal.pdbx_crystal_image_format   ? 
_exptl_crystal.pdbx_mosaicity              ? 
_exptl_crystal.pdbx_mosaicity_esd          ? 
# 
_exptl_crystal_grow.apparatus       ? 
_exptl_crystal_grow.atmosphere      ? 
_exptl_crystal_grow.crystal_id      1 
_exptl_crystal_grow.details         ? 
_exptl_crystal_grow.method          'VAPOR DIFFUSION, SITTING DROP' 
_exptl_crystal_grow.method_ref      ? 
_exptl_crystal_grow.pH              ? 
_exptl_crystal_grow.pressure        ? 
_exptl_crystal_grow.pressure_esd    ? 
_exptl_crystal_grow.seeding         ? 
_exptl_crystal_grow.seeding_ref     ? 
_exptl_crystal_grow.temp            277 
_exptl_crystal_grow.temp_details    ? 
_exptl_crystal_grow.temp_esd        ? 
_exptl_crystal_grow.time            ? 
_exptl_crystal_grow.pdbx_details    '20% (w/v) PEG 3350, 180mM tri-ammonium citrate' 
_exptl_crystal_grow.pdbx_pH_range   ? 
# 
_diffrn.ambient_environment              ? 
_diffrn.ambient_temp                     100 
_diffrn.ambient_temp_details             ? 
_diffrn.ambient_temp_esd                 ? 
_diffrn.crystal_id                       1 
_diffrn.crystal_support                  ? 
_diffrn.crystal_treatment                ? 
_diffrn.details                          ? 
_diffrn.id                               1 
_diffrn.ambient_pressure                 ? 
_diffrn.ambient_pressure_esd             ? 
_diffrn.ambient_pressure_gt              ? 
_diffrn.ambient_pressure_lt              ? 
_diffrn.ambient_temp_gt                  ? 
_diffrn.ambient_temp_lt                  ? 
_diffrn.pdbx_serial_crystal_experiment   N 
# 
_diffrn_detector.details                      ? 
_diffrn_detector.detector                     CCD 
_diffrn_detector.diffrn_id                    1 
_diffrn_detector.type                         'ADSC QUANTUM 270' 
_diffrn_detector.area_resol_mean              ? 
_diffrn_detector.dtime                        ? 
_diffrn_detector.pdbx_frames_total            ? 
_diffrn_detector.pdbx_collection_time_total   ? 
_diffrn_detector.pdbx_collection_date         2014-11-15 
_diffrn_detector.pdbx_frequency               ? 
# 
_diffrn_radiation.collimation                      ? 
_diffrn_radiation.diffrn_id                        1 
_diffrn_radiation.filter_edge                      ? 
_diffrn_radiation.inhomogeneity                    ? 
_diffrn_radiation.monochromator                    ? 
_diffrn_radiation.polarisn_norm                    ? 
_diffrn_radiation.polarisn_ratio                   ? 
_diffrn_radiation.probe                            ? 
_diffrn_radiation.type                             ? 
_diffrn_radiation.xray_symbol                      ? 
_diffrn_radiation.wavelength_id                    1 
_diffrn_radiation.pdbx_monochromatic_or_laue_m_l   M 
_diffrn_radiation.pdbx_wavelength_list             ? 
_diffrn_radiation.pdbx_wavelength                  ? 
_diffrn_radiation.pdbx_diffrn_protocol             'SINGLE WAVELENGTH' 
_diffrn_radiation.pdbx_analyzer                    ? 
_diffrn_radiation.pdbx_scattering_type             x-ray 
# 
_diffrn_radiation_wavelength.id           1 
_diffrn_radiation_wavelength.wavelength   1.0000 
_diffrn_radiation_wavelength.wt           1.0 
# 
_diffrn_source.current                     ? 
_diffrn_source.details                     ? 
_diffrn_source.diffrn_id                   1 
_diffrn_source.power                       ? 
_diffrn_source.size                        ? 
_diffrn_source.source                      SYNCHROTRON 
_diffrn_source.target                      ? 
_diffrn_source.type                        'PHOTON FACTORY BEAMLINE AR-NE3A' 
_diffrn_source.voltage                     ? 
_diffrn_source.take-off_angle              ? 
_diffrn_source.pdbx_wavelength_list        1.0000 
_diffrn_source.pdbx_wavelength             ? 
_diffrn_source.pdbx_synchrotron_beamline   AR-NE3A 
_diffrn_source.pdbx_synchrotron_site       'Photon Factory' 
# 
_reflns.B_iso_Wilson_estimate            ? 
_reflns.entry_id                         7BQI 
_reflns.data_reduction_details           ? 
_reflns.data_reduction_method            ? 
_reflns.d_resolution_high                1.30 
_reflns.d_resolution_low                 50.00 
_reflns.details                          ? 
_reflns.limit_h_max                      ? 
_reflns.limit_h_min                      ? 
_reflns.limit_k_max                      ? 
_reflns.limit_k_min                      ? 
_reflns.limit_l_max                      ? 
_reflns.limit_l_min                      ? 
_reflns.number_all                       ? 
_reflns.number_obs                       38506 
_reflns.observed_criterion               ? 
_reflns.observed_criterion_F_max         ? 
_reflns.observed_criterion_F_min         ? 
_reflns.observed_criterion_I_max         ? 
_reflns.observed_criterion_I_min         ? 
_reflns.observed_criterion_sigma_F       ? 
_reflns.observed_criterion_sigma_I       ? 
_reflns.percent_possible_obs             90.7 
_reflns.R_free_details                   ? 
_reflns.Rmerge_F_all                     ? 
_reflns.Rmerge_F_obs                     ? 
_reflns.Friedel_coverage                 ? 
_reflns.number_gt                        ? 
_reflns.threshold_expression             ? 
_reflns.pdbx_redundancy                  7.2 
_reflns.pdbx_Rmerge_I_obs                0.092 
_reflns.pdbx_Rmerge_I_all                ? 
_reflns.pdbx_Rsym_value                  ? 
_reflns.pdbx_netI_over_av_sigmaI         ? 
_reflns.pdbx_netI_over_sigmaI            41.6 
_reflns.pdbx_res_netI_over_av_sigmaI_2   ? 
_reflns.pdbx_res_netI_over_sigmaI_2      ? 
_reflns.pdbx_chi_squared                 ? 
_reflns.pdbx_scaling_rejects             ? 
_reflns.pdbx_d_res_high_opt              ? 
_reflns.pdbx_d_res_low_opt               ? 
_reflns.pdbx_d_res_opt_method            ? 
_reflns.phase_calculation_details        ? 
_reflns.pdbx_Rrim_I_all                  ? 
_reflns.pdbx_Rpim_I_all                  ? 
_reflns.pdbx_d_opt                       ? 
_reflns.pdbx_number_measured_all         ? 
_reflns.pdbx_diffrn_id                   1 
_reflns.pdbx_ordinal                     1 
_reflns.pdbx_CC_half                     ? 
_reflns.pdbx_CC_star                     ? 
_reflns.pdbx_R_split                     ? 
# 
_reflns_shell.d_res_high                  1.30 
_reflns_shell.d_res_low                   1.32 
_reflns_shell.meanI_over_sigI_all         ? 
_reflns_shell.meanI_over_sigI_obs         4.5 
_reflns_shell.number_measured_all         ? 
_reflns_shell.number_measured_obs         ? 
_reflns_shell.number_possible             ? 
_reflns_shell.number_unique_all           ? 
_reflns_shell.number_unique_obs           1885 
_reflns_shell.percent_possible_all        ? 
_reflns_shell.percent_possible_obs        ? 
_reflns_shell.Rmerge_F_all                ? 
_reflns_shell.Rmerge_F_obs                ? 
_reflns_shell.Rmerge_I_all                ? 
_reflns_shell.Rmerge_I_obs                0.540 
_reflns_shell.meanI_over_sigI_gt          ? 
_reflns_shell.meanI_over_uI_all           ? 
_reflns_shell.meanI_over_uI_gt            ? 
_reflns_shell.number_measured_gt          ? 
_reflns_shell.number_unique_gt            ? 
_reflns_shell.percent_possible_gt         ? 
_reflns_shell.Rmerge_F_gt                 ? 
_reflns_shell.Rmerge_I_gt                 ? 
_reflns_shell.pdbx_redundancy             ? 
_reflns_shell.pdbx_Rsym_value             ? 
_reflns_shell.pdbx_chi_squared            ? 
_reflns_shell.pdbx_netI_over_sigmaI_all   ? 
_reflns_shell.pdbx_netI_over_sigmaI_obs   ? 
_reflns_shell.pdbx_Rrim_I_all             ? 
_reflns_shell.pdbx_Rpim_I_all             ? 
_reflns_shell.pdbx_rejects                ? 
_reflns_shell.pdbx_ordinal                1 
_reflns_shell.pdbx_diffrn_id              1 
_reflns_shell.pdbx_CC_half                ? 
_reflns_shell.pdbx_CC_star                ? 
_reflns_shell.pdbx_R_split                ? 
# 
_refine.aniso_B[1][1]                            0.0300 
_refine.aniso_B[1][2]                            -0.0000 
_refine.aniso_B[1][3]                            0.0000 
_refine.aniso_B[2][2]                            0.0300 
_refine.aniso_B[2][3]                            0.0000 
_refine.aniso_B[3][3]                            -0.0600 
_refine.B_iso_max                                58.330 
_refine.B_iso_mean                               18.7310 
_refine.B_iso_min                                8.610 
_refine.correlation_coeff_Fo_to_Fc               0.9410 
_refine.correlation_coeff_Fo_to_Fc_free          0.9250 
_refine.details                                  
'HYDROGENS HAVE BEEN ADDED IN THE RIDING POSITIONS U VALUES      : REFINED INDIVIDUALLY' 
_refine.diff_density_max                         ? 
_refine.diff_density_max_esd                     ? 
_refine.diff_density_min                         ? 
_refine.diff_density_min_esd                     ? 
_refine.diff_density_rms                         ? 
_refine.diff_density_rms_esd                     ? 
_refine.entry_id                                 7BQI 
_refine.pdbx_refine_id                           'X-RAY DIFFRACTION' 
_refine.ls_abs_structure_details                 ? 
_refine.ls_abs_structure_Flack                   ? 
_refine.ls_abs_structure_Flack_esd               ? 
_refine.ls_abs_structure_Rogers                  ? 
_refine.ls_abs_structure_Rogers_esd              ? 
_refine.ls_d_res_high                            1.3000 
_refine.ls_d_res_low                             45.6000 
_refine.ls_extinction_coef                       ? 
_refine.ls_extinction_coef_esd                   ? 
_refine.ls_extinction_expression                 ? 
_refine.ls_extinction_method                     ? 
_refine.ls_goodness_of_fit_all                   ? 
_refine.ls_goodness_of_fit_all_esd               ? 
_refine.ls_goodness_of_fit_obs                   ? 
_refine.ls_goodness_of_fit_obs_esd               ? 
_refine.ls_hydrogen_treatment                    ? 
_refine.ls_matrix_type                           ? 
_refine.ls_number_constraints                    ? 
_refine.ls_number_parameters                     ? 
_refine.ls_number_reflns_all                     ? 
_refine.ls_number_reflns_obs                     36472 
_refine.ls_number_reflns_R_free                  1932 
_refine.ls_number_reflns_R_work                  ? 
_refine.ls_number_restraints                     ? 
_refine.ls_percent_reflns_obs                    90.7100 
_refine.ls_percent_reflns_R_free                 5.0000 
_refine.ls_R_factor_all                          ? 
_refine.ls_R_factor_obs                          0.2129 
_refine.ls_R_factor_R_free                       0.2399 
_refine.ls_R_factor_R_free_error                 ? 
_refine.ls_R_factor_R_free_error_details         ? 
_refine.ls_R_factor_R_work                       0.2114 
_refine.ls_R_Fsqd_factor_obs                     ? 
_refine.ls_R_I_factor_obs                        ? 
_refine.ls_redundancy_reflns_all                 ? 
_refine.ls_redundancy_reflns_obs                 ? 
_refine.ls_restrained_S_all                      ? 
_refine.ls_restrained_S_obs                      ? 
_refine.ls_shift_over_esd_max                    ? 
_refine.ls_shift_over_esd_mean                   ? 
_refine.ls_structure_factor_coef                 ? 
_refine.ls_weighting_details                     ? 
_refine.ls_weighting_scheme                      ? 
_refine.ls_wR_factor_all                         ? 
_refine.ls_wR_factor_obs                         ? 
_refine.ls_wR_factor_R_free                      ? 
_refine.ls_wR_factor_R_work                      ? 
_refine.occupancy_max                            ? 
_refine.occupancy_min                            ? 
_refine.solvent_model_details                    ? 
_refine.solvent_model_param_bsol                 ? 
_refine.solvent_model_param_ksol                 ? 
_refine.pdbx_R_complete                          ? 
_refine.ls_R_factor_gt                           ? 
_refine.ls_goodness_of_fit_gt                    ? 
_refine.ls_goodness_of_fit_ref                   ? 
_refine.ls_shift_over_su_max                     ? 
_refine.ls_shift_over_su_max_lt                  ? 
_refine.ls_shift_over_su_mean                    ? 
_refine.ls_shift_over_su_mean_lt                 ? 
_refine.pdbx_ls_sigma_I                          ? 
_refine.pdbx_ls_sigma_F                          0.000 
_refine.pdbx_ls_sigma_Fsqd                       ? 
_refine.pdbx_data_cutoff_high_absF               ? 
_refine.pdbx_data_cutoff_high_rms_absF           ? 
_refine.pdbx_data_cutoff_low_absF                ? 
_refine.pdbx_isotropic_thermal_model             ? 
_refine.pdbx_ls_cross_valid_method               THROUGHOUT 
_refine.pdbx_method_to_determine_struct          SIRAS 
_refine.pdbx_starting_model                      'SAD model' 
_refine.pdbx_stereochemistry_target_values       ? 
_refine.pdbx_R_Free_selection_details            RANDOM 
_refine.pdbx_stereochem_target_val_spec_case     ? 
_refine.pdbx_overall_ESU_R                       0.0670 
_refine.pdbx_overall_ESU_R_Free                  0.0690 
_refine.pdbx_solvent_vdw_probe_radii             1.2000 
_refine.pdbx_solvent_ion_probe_radii             0.8000 
_refine.pdbx_solvent_shrinkage_radii             0.8000 
_refine.pdbx_real_space_R                        ? 
_refine.pdbx_density_correlation                 ? 
_refine.pdbx_pd_number_of_powder_patterns        ? 
_refine.pdbx_pd_number_of_points                 ? 
_refine.pdbx_pd_meas_number_of_points            ? 
_refine.pdbx_pd_proc_ls_prof_R_factor            ? 
_refine.pdbx_pd_proc_ls_prof_wR_factor           ? 
_refine.pdbx_pd_Marquardt_correlation_coeff      ? 
_refine.pdbx_pd_Fsqrd_R_factor                   ? 
_refine.pdbx_pd_ls_matrix_band_width             ? 
_refine.pdbx_overall_phase_error                 ? 
_refine.pdbx_overall_SU_R_free_Cruickshank_DPI   ? 
_refine.pdbx_overall_SU_R_free_Blow_DPI          ? 
_refine.pdbx_overall_SU_R_Blow_DPI               ? 
_refine.pdbx_TLS_residual_ADP_flag               ? 
_refine.pdbx_diffrn_id                           1 
_refine.overall_SU_B                             0.9480 
_refine.overall_SU_ML                            0.0410 
_refine.overall_SU_R_Cruickshank_DPI             ? 
_refine.overall_SU_R_free                        ? 
_refine.overall_FOM_free_R_set                   ? 
_refine.overall_FOM_work_R_set                   ? 
_refine.pdbx_average_fsc_overall                 ? 
_refine.pdbx_average_fsc_work                    ? 
_refine.pdbx_average_fsc_free                    ? 
# 
_refine_hist.pdbx_refine_id                   'X-RAY DIFFRACTION' 
_refine_hist.cycle_id                         final 
_refine_hist.details                          ? 
_refine_hist.d_res_high                       1.3000 
_refine_hist.d_res_low                        45.6000 
_refine_hist.number_atoms_solvent             129 
_refine_hist.number_atoms_total               1545 
_refine_hist.number_reflns_all                ? 
_refine_hist.number_reflns_obs                ? 
_refine_hist.number_reflns_R_free             ? 
_refine_hist.number_reflns_R_work             ? 
_refine_hist.R_factor_all                     ? 
_refine_hist.R_factor_obs                     ? 
_refine_hist.R_factor_R_free                  ? 
_refine_hist.R_factor_R_work                  ? 
_refine_hist.pdbx_number_residues_total       174 
_refine_hist.pdbx_B_iso_mean_ligand           ? 
_refine_hist.pdbx_B_iso_mean_solvent          27.05 
_refine_hist.pdbx_number_atoms_protein        1416 
_refine_hist.pdbx_number_atoms_nucleic_acid   0 
_refine_hist.pdbx_number_atoms_ligand         0 
_refine_hist.pdbx_number_atoms_lipid          ? 
_refine_hist.pdbx_number_atoms_carb           ? 
_refine_hist.pdbx_pseudo_atom_details         ? 
# 
loop_
_refine_ls_restr.pdbx_refine_id 
_refine_ls_restr.criterion 
_refine_ls_restr.dev_ideal 
_refine_ls_restr.dev_ideal_target 
_refine_ls_restr.number 
_refine_ls_restr.rejects 
_refine_ls_restr.type 
_refine_ls_restr.weight 
_refine_ls_restr.pdbx_restraint_function 
'X-RAY DIFFRACTION' ? 0.030  0.019  1511 ? r_bond_refined_d       ? ? 
'X-RAY DIFFRACTION' ? 0.003  0.020  1407 ? r_bond_other_d         ? ? 
'X-RAY DIFFRACTION' ? 2.434  1.955  2050 ? r_angle_refined_deg    ? ? 
'X-RAY DIFFRACTION' ? 1.045  3.000  3250 ? r_angle_other_deg      ? ? 
'X-RAY DIFFRACTION' ? 5.970  5.000  187  ? r_dihedral_angle_1_deg ? ? 
'X-RAY DIFFRACTION' ? 38.175 24.545 77   ? r_dihedral_angle_2_deg ? ? 
'X-RAY DIFFRACTION' ? 12.749 15.000 272  ? r_dihedral_angle_3_deg ? ? 
'X-RAY DIFFRACTION' ? 15.416 15.000 9    ? r_dihedral_angle_4_deg ? ? 
'X-RAY DIFFRACTION' ? 0.159  0.200  219  ? r_chiral_restr         ? ? 
'X-RAY DIFFRACTION' ? 0.013  0.020  1755 ? r_gen_planes_refined   ? ? 
'X-RAY DIFFRACTION' ? 0.001  0.020  366  ? r_gen_planes_other     ? ? 
# 
_refine_ls_shell.pdbx_refine_id                   'X-RAY DIFFRACTION' 
_refine_ls_shell.d_res_high                       1.3000 
_refine_ls_shell.d_res_low                        1.3330 
_refine_ls_shell.number_reflns_all                2806 
_refine_ls_shell.number_reflns_obs                ? 
_refine_ls_shell.number_reflns_R_free             144 
_refine_ls_shell.number_reflns_R_work             2662 
_refine_ls_shell.percent_reflns_obs               91.2500 
_refine_ls_shell.percent_reflns_R_free            ? 
_refine_ls_shell.R_factor_all                     ? 
_refine_ls_shell.R_factor_obs                     ? 
_refine_ls_shell.R_factor_R_free                  0.3280 
_refine_ls_shell.R_factor_R_free_error            0.0000 
_refine_ls_shell.R_factor_R_work                  0.2760 
_refine_ls_shell.redundancy_reflns_all            ? 
_refine_ls_shell.redundancy_reflns_obs            ? 
_refine_ls_shell.wR_factor_all                    ? 
_refine_ls_shell.wR_factor_obs                    ? 
_refine_ls_shell.wR_factor_R_free                 ? 
_refine_ls_shell.wR_factor_R_work                 ? 
_refine_ls_shell.pdbx_R_complete                  ? 
_refine_ls_shell.pdbx_total_number_of_bins_used   20 
_refine_ls_shell.pdbx_phase_error                 ? 
_refine_ls_shell.pdbx_fsc_work                    ? 
_refine_ls_shell.pdbx_fsc_free                    ? 
# 
_struct.entry_id                     7BQI 
_struct.title                        'Crystal structure of FYCO1 RUN domain' 
_struct.pdbx_model_details           ? 
_struct.pdbx_formula_weight          ? 
_struct.pdbx_formula_weight_method   ? 
_struct.pdbx_model_type_details      ? 
_struct.pdbx_CASP_flag               N 
# 
_struct_keywords.entry_id        7BQI 
_struct_keywords.text            'Autophagy, CYTOSOLIC PROTEIN' 
_struct_keywords.pdbx_keywords   'CYTOSOLIC PROTEIN' 
# 
loop_
_struct_asym.id 
_struct_asym.pdbx_blank_PDB_chainid_flag 
_struct_asym.pdbx_modified 
_struct_asym.entity_id 
_struct_asym.details 
A N N 1 ? 
B N N 2 ? 
# 
_struct_ref.id                         1 
_struct_ref.db_name                    UNP 
_struct_ref.db_code                    FYCO1_HUMAN 
_struct_ref.pdbx_db_accession          Q9BQS8 
_struct_ref.pdbx_db_isoform            ? 
_struct_ref.entity_id                  1 
_struct_ref.pdbx_seq_one_letter_code   
;MASTNAESQLQRIIRDLQDAVTELSKEFQEAGEPITDDSTSLHKFSYKLEYLLQFDQKEKATLLGNKKDYWDYFCACLAK
VKGANDGIRFVKSISELRTSLGKGRAFIRYSLVHQRLADTLQQCFMNTKVTSDWYYARSPFLQPKLSSDIVGQLYELTEV
QFDLASRGFDLDAAWPTF
;
_struct_ref.pdbx_align_begin           1 
# 
_struct_ref_seq.align_id                      1 
_struct_ref_seq.ref_id                        1 
_struct_ref_seq.pdbx_PDB_id_code              7BQI 
_struct_ref_seq.pdbx_strand_id                A 
_struct_ref_seq.seq_align_beg                 6 
_struct_ref_seq.pdbx_seq_align_beg_ins_code   ? 
_struct_ref_seq.seq_align_end                 183 
_struct_ref_seq.pdbx_seq_align_end_ins_code   ? 
_struct_ref_seq.pdbx_db_accession             Q9BQS8 
_struct_ref_seq.db_align_beg                  1 
_struct_ref_seq.pdbx_db_align_beg_ins_code    ? 
_struct_ref_seq.db_align_end                  178 
_struct_ref_seq.pdbx_db_align_end_ins_code    ? 
_struct_ref_seq.pdbx_auth_seq_align_beg       1 
_struct_ref_seq.pdbx_auth_seq_align_end       178 
# 
loop_
_struct_ref_seq_dif.align_id 
_struct_ref_seq_dif.pdbx_pdb_id_code 
_struct_ref_seq_dif.mon_id 
_struct_ref_seq_dif.pdbx_pdb_strand_id 
_struct_ref_seq_dif.seq_num 
_struct_ref_seq_dif.pdbx_pdb_ins_code 
_struct_ref_seq_dif.pdbx_seq_db_name 
_struct_ref_seq_dif.pdbx_seq_db_accession_code 
_struct_ref_seq_dif.db_mon_id 
_struct_ref_seq_dif.pdbx_seq_db_seq_num 
_struct_ref_seq_dif.details 
_struct_ref_seq_dif.pdbx_auth_seq_num 
_struct_ref_seq_dif.pdbx_ordinal 
1 7BQI GLY A 1 ? UNP Q9BQS8 ? ? 'expression tag' -4 1 
1 7BQI PRO A 2 ? UNP Q9BQS8 ? ? 'expression tag' -3 2 
1 7BQI LEU A 3 ? UNP Q9BQS8 ? ? 'expression tag' -2 3 
1 7BQI GLY A 4 ? UNP Q9BQS8 ? ? 'expression tag' -1 4 
1 7BQI SER A 5 ? UNP Q9BQS8 ? ? 'expression tag' 0  5 
# 
_pdbx_struct_assembly.id                   1 
_pdbx_struct_assembly.details              author_defined_assembly 
_pdbx_struct_assembly.method_details       ? 
_pdbx_struct_assembly.oligomeric_details   monomeric 
_pdbx_struct_assembly.oligomeric_count     1 
# 
_pdbx_struct_assembly_gen.assembly_id       1 
_pdbx_struct_assembly_gen.oper_expression   1 
_pdbx_struct_assembly_gen.asym_id_list      A,B 
# 
_pdbx_struct_assembly_auth_evidence.id                     1 
_pdbx_struct_assembly_auth_evidence.assembly_id            1 
_pdbx_struct_assembly_auth_evidence.experimental_support   'gel filtration' 
_pdbx_struct_assembly_auth_evidence.details                ? 
# 
_pdbx_struct_oper_list.id                   1 
_pdbx_struct_oper_list.type                 'identity operation' 
_pdbx_struct_oper_list.name                 1_555 
_pdbx_struct_oper_list.symmetry_operation   x,y,z 
_pdbx_struct_oper_list.matrix[1][1]         1.0000000000 
_pdbx_struct_oper_list.matrix[1][2]         0.0000000000 
_pdbx_struct_oper_list.matrix[1][3]         0.0000000000 
_pdbx_struct_oper_list.vector[1]            0.0000000000 
_pdbx_struct_oper_list.matrix[2][1]         0.0000000000 
_pdbx_struct_oper_list.matrix[2][2]         1.0000000000 
_pdbx_struct_oper_list.matrix[2][3]         0.0000000000 
_pdbx_struct_oper_list.vector[2]            0.0000000000 
_pdbx_struct_oper_list.matrix[3][1]         0.0000000000 
_pdbx_struct_oper_list.matrix[3][2]         0.0000000000 
_pdbx_struct_oper_list.matrix[3][3]         1.0000000000 
_pdbx_struct_oper_list.vector[3]            0.0000000000 
# 
loop_
_struct_conf.conf_type_id 
_struct_conf.id 
_struct_conf.pdbx_PDB_helix_id 
_struct_conf.beg_label_comp_id 
_struct_conf.beg_label_asym_id 
_struct_conf.beg_label_seq_id 
_struct_conf.pdbx_beg_PDB_ins_code 
_struct_conf.end_label_comp_id 
_struct_conf.end_label_asym_id 
_struct_conf.end_label_seq_id 
_struct_conf.pdbx_end_PDB_ins_code 
_struct_conf.beg_auth_comp_id 
_struct_conf.beg_auth_asym_id 
_struct_conf.beg_auth_seq_id 
_struct_conf.end_auth_comp_id 
_struct_conf.end_auth_asym_id 
_struct_conf.end_auth_seq_id 
_struct_conf.pdbx_PDB_helix_class 
_struct_conf.details 
_struct_conf.pdbx_PDB_helix_length 
HELX_P HELX_P1 AA1 ASN A 10  ? GLY A 37  ? ASN A 5   GLY A 32  1 ? 28 
HELX_P HELX_P2 AA2 SER A 44  ? PHE A 60  ? SER A 39  PHE A 55  1 ? 17 
HELX_P HELX_P3 AA3 ASP A 74  ? ALA A 84  ? ASP A 69  ALA A 79  1 ? 11 
HELX_P HELX_P4 AA4 ASN A 90  ? SER A 98  ? ASN A 85  SER A 93  1 ? 9  
HELX_P HELX_P5 AA5 THR A 104 ? HIS A 119 ? THR A 99  HIS A 114 1 ? 16 
HELX_P HELX_P6 AA6 ARG A 121 ? ASN A 132 ? ARG A 116 ASN A 127 1 ? 12 
HELX_P HELX_P7 AA7 ASN A 132 ? TYR A 140 ? ASN A 127 TYR A 135 1 ? 9  
HELX_P HELX_P8 AA8 SER A 144 ? LEU A 147 ? SER A 139 LEU A 142 5 ? 4  
HELX_P HELX_P9 AA9 GLN A 148 ? GLU A 164 ? GLN A 143 GLU A 159 1 ? 17 
# 
_struct_conf_type.id          HELX_P 
_struct_conf_type.criteria    ? 
_struct_conf_type.reference   ? 
# 
loop_
_pdbx_validate_rmsd_bond.id 
_pdbx_validate_rmsd_bond.PDB_model_num 
_pdbx_validate_rmsd_bond.auth_atom_id_1 
_pdbx_validate_rmsd_bond.auth_asym_id_1 
_pdbx_validate_rmsd_bond.auth_comp_id_1 
_pdbx_validate_rmsd_bond.auth_seq_id_1 
_pdbx_validate_rmsd_bond.PDB_ins_code_1 
_pdbx_validate_rmsd_bond.label_alt_id_1 
_pdbx_validate_rmsd_bond.auth_atom_id_2 
_pdbx_validate_rmsd_bond.auth_asym_id_2 
_pdbx_validate_rmsd_bond.auth_comp_id_2 
_pdbx_validate_rmsd_bond.auth_seq_id_2 
_pdbx_validate_rmsd_bond.PDB_ins_code_2 
_pdbx_validate_rmsd_bond.label_alt_id_2 
_pdbx_validate_rmsd_bond.bond_value 
_pdbx_validate_rmsd_bond.bond_target_value 
_pdbx_validate_rmsd_bond.bond_deviation 
_pdbx_validate_rmsd_bond.bond_standard_deviation 
_pdbx_validate_rmsd_bond.linker_flag 
1 1 CE1 A TYR 47  ? ? CZ  A TYR 47  ? ? 1.284 1.381 -0.097 0.013 N 
2 1 CZ  A TYR 110 ? ? CE2 A TYR 110 ? ? 1.291 1.381 -0.090 0.013 N 
3 1 N   A PHE 162 ? ? CA  A PHE 162 ? ? 1.318 1.459 -0.141 0.020 N 
# 
loop_
_pdbx_validate_rmsd_angle.id 
_pdbx_validate_rmsd_angle.PDB_model_num 
_pdbx_validate_rmsd_angle.auth_atom_id_1 
_pdbx_validate_rmsd_angle.auth_asym_id_1 
_pdbx_validate_rmsd_angle.auth_comp_id_1 
_pdbx_validate_rmsd_angle.auth_seq_id_1 
_pdbx_validate_rmsd_angle.PDB_ins_code_1 
_pdbx_validate_rmsd_angle.label_alt_id_1 
_pdbx_validate_rmsd_angle.auth_atom_id_2 
_pdbx_validate_rmsd_angle.auth_asym_id_2 
_pdbx_validate_rmsd_angle.auth_comp_id_2 
_pdbx_validate_rmsd_angle.auth_seq_id_2 
_pdbx_validate_rmsd_angle.PDB_ins_code_2 
_pdbx_validate_rmsd_angle.label_alt_id_2 
_pdbx_validate_rmsd_angle.auth_atom_id_3 
_pdbx_validate_rmsd_angle.auth_asym_id_3 
_pdbx_validate_rmsd_angle.auth_comp_id_3 
_pdbx_validate_rmsd_angle.auth_seq_id_3 
_pdbx_validate_rmsd_angle.PDB_ins_code_3 
_pdbx_validate_rmsd_angle.label_alt_id_3 
_pdbx_validate_rmsd_angle.angle_value 
_pdbx_validate_rmsd_angle.angle_target_value 
_pdbx_validate_rmsd_angle.angle_deviation 
_pdbx_validate_rmsd_angle.angle_standard_deviation 
_pdbx_validate_rmsd_angle.linker_flag 
1 1 CB A ASP 19  ? ? CG A ASP 19  ? ? OD2 A ASP 19  ? ? 112.19 118.30 -6.11  0.90 N 
2 1 CB A ASP 69  ? ? CG A ASP 69  ? ? OD1 A ASP 69  ? ? 124.65 118.30 6.35   0.90 N 
3 1 CB A PHE 74  ? ? CG A PHE 74  ? ? CD2 A PHE 74  ? ? 116.04 120.80 -4.76  0.70 N 
4 1 CB A LEU 78  ? ? CA A LEU 78  ? ? C   A LEU 78  ? ? 98.04  110.20 -12.16 1.90 N 
5 1 NE A ARG 109 ? ? CZ A ARG 109 ? ? NH1 A ARG 109 ? ? 124.25 120.30 3.95   0.50 N 
6 1 NE A ARG 116 ? ? CZ A ARG 116 ? ? NH2 A ARG 116 ? ? 116.28 120.30 -4.02  0.50 N 
7 1 CB A PHE 125 ? ? CG A PHE 125 ? ? CD1 A PHE 125 ? ? 125.03 120.80 4.23   0.70 N 
8 1 CB A ASP 149 ? ? CG A ASP 149 ? ? OD1 A ASP 149 ? ? 128.46 118.30 10.16  0.90 N 
9 1 CB A ASP 149 ? ? CG A ASP 149 ? ? OD2 A ASP 149 ? ? 112.56 118.30 -5.74  0.90 N 
# 
loop_
_pdbx_struct_special_symmetry.id 
_pdbx_struct_special_symmetry.PDB_model_num 
_pdbx_struct_special_symmetry.auth_asym_id 
_pdbx_struct_special_symmetry.auth_comp_id 
_pdbx_struct_special_symmetry.auth_seq_id 
_pdbx_struct_special_symmetry.PDB_ins_code 
_pdbx_struct_special_symmetry.label_asym_id 
_pdbx_struct_special_symmetry.label_comp_id 
_pdbx_struct_special_symmetry.label_seq_id 
1 1 A HOH 217 ? B HOH . 
2 1 A HOH 312 ? B HOH . 
# 
loop_
_pdbx_unobs_or_zero_occ_residues.id 
_pdbx_unobs_or_zero_occ_residues.PDB_model_num 
_pdbx_unobs_or_zero_occ_residues.polymer_flag 
_pdbx_unobs_or_zero_occ_residues.occupancy_flag 
_pdbx_unobs_or_zero_occ_residues.auth_asym_id 
_pdbx_unobs_or_zero_occ_residues.auth_comp_id 
_pdbx_unobs_or_zero_occ_residues.auth_seq_id 
_pdbx_unobs_or_zero_occ_residues.PDB_ins_code 
_pdbx_unobs_or_zero_occ_residues.label_asym_id 
_pdbx_unobs_or_zero_occ_residues.label_comp_id 
_pdbx_unobs_or_zero_occ_residues.label_seq_id 
1 1 Y 1 A GLY -4 ? A GLY 1 
2 1 Y 1 A PRO -3 ? A PRO 2 
3 1 Y 1 A LEU -2 ? A LEU 3 
4 1 Y 1 A GLY -1 ? A GLY 4 
5 1 Y 1 A SER 0  ? A SER 5 
6 1 Y 1 A MET 1  ? A MET 6 
7 1 Y 1 A ALA 2  ? A ALA 7 
8 1 Y 1 A SER 3  ? A SER 8 
9 1 Y 1 A THR 4  ? A THR 9 
# 
loop_
_chem_comp_atom.comp_id 
_chem_comp_atom.atom_id 
_chem_comp_atom.type_symbol 
_chem_comp_atom.pdbx_aromatic_flag 
_chem_comp_atom.pdbx_stereo_config 
_chem_comp_atom.pdbx_ordinal 
ALA N    N N N 1   
ALA CA   C N S 2   
ALA C    C N N 3   
ALA O    O N N 4   
ALA CB   C N N 5   
ALA OXT  O N N 6   
ALA H    H N N 7   
ALA H2   H N N 8   
ALA HA   H N N 9   
ALA HB1  H N N 10  
ALA HB2  H N N 11  
ALA HB3  H N N 12  
ALA HXT  H N N 13  
ARG N    N N N 14  
ARG CA   C N S 15  
ARG C    C N N 16  
ARG O    O N N 17  
ARG CB   C N N 18  
ARG CG   C N N 19  
ARG CD   C N N 20  
ARG NE   N N N 21  
ARG CZ   C N N 22  
ARG NH1  N N N 23  
ARG NH2  N N N 24  
ARG OXT  O N N 25  
ARG H    H N N 26  
ARG H2   H N N 27  
ARG HA   H N N 28  
ARG HB2  H N N 29  
ARG HB3  H N N 30  
ARG HG2  H N N 31  
ARG HG3  H N N 32  
ARG HD2  H N N 33  
ARG HD3  H N N 34  
ARG HE   H N N 35  
ARG HH11 H N N 36  
ARG HH12 H N N 37  
ARG HH21 H N N 38  
ARG HH22 H N N 39  
ARG HXT  H N N 40  
ASN N    N N N 41  
ASN CA   C N S 42  
ASN C    C N N 43  
ASN O    O N N 44  
ASN CB   C N N 45  
ASN CG   C N N 46  
ASN OD1  O N N 47  
ASN ND2  N N N 48  
ASN OXT  O N N 49  
ASN H    H N N 50  
ASN H2   H N N 51  
ASN HA   H N N 52  
ASN HB2  H N N 53  
ASN HB3  H N N 54  
ASN HD21 H N N 55  
ASN HD22 H N N 56  
ASN HXT  H N N 57  
ASP N    N N N 58  
ASP CA   C N S 59  
ASP C    C N N 60  
ASP O    O N N 61  
ASP CB   C N N 62  
ASP CG   C N N 63  
ASP OD1  O N N 64  
ASP OD2  O N N 65  
ASP OXT  O N N 66  
ASP H    H N N 67  
ASP H2   H N N 68  
ASP HA   H N N 69  
ASP HB2  H N N 70  
ASP HB3  H N N 71  
ASP HD2  H N N 72  
ASP HXT  H N N 73  
CYS N    N N N 74  
CYS CA   C N R 75  
CYS C    C N N 76  
CYS O    O N N 77  
CYS CB   C N N 78  
CYS SG   S N N 79  
CYS OXT  O N N 80  
CYS H    H N N 81  
CYS H2   H N N 82  
CYS HA   H N N 83  
CYS HB2  H N N 84  
CYS HB3  H N N 85  
CYS HG   H N N 86  
CYS HXT  H N N 87  
GLN N    N N N 88  
GLN CA   C N S 89  
GLN C    C N N 90  
GLN O    O N N 91  
GLN CB   C N N 92  
GLN CG   C N N 93  
GLN CD   C N N 94  
GLN OE1  O N N 95  
GLN NE2  N N N 96  
GLN OXT  O N N 97  
GLN H    H N N 98  
GLN H2   H N N 99  
GLN HA   H N N 100 
GLN HB2  H N N 101 
GLN HB3  H N N 102 
GLN HG2  H N N 103 
GLN HG3  H N N 104 
GLN HE21 H N N 105 
GLN HE22 H N N 106 
GLN HXT  H N N 107 
GLU N    N N N 108 
GLU CA   C N S 109 
GLU C    C N N 110 
GLU O    O N N 111 
GLU CB   C N N 112 
GLU CG   C N N 113 
GLU CD   C N N 114 
GLU OE1  O N N 115 
GLU OE2  O N N 116 
GLU OXT  O N N 117 
GLU H    H N N 118 
GLU H2   H N N 119 
GLU HA   H N N 120 
GLU HB2  H N N 121 
GLU HB3  H N N 122 
GLU HG2  H N N 123 
GLU HG3  H N N 124 
GLU HE2  H N N 125 
GLU HXT  H N N 126 
GLY N    N N N 127 
GLY CA   C N N 128 
GLY C    C N N 129 
GLY O    O N N 130 
GLY OXT  O N N 131 
GLY H    H N N 132 
GLY H2   H N N 133 
GLY HA2  H N N 134 
GLY HA3  H N N 135 
GLY HXT  H N N 136 
HIS N    N N N 137 
HIS CA   C N S 138 
HIS C    C N N 139 
HIS O    O N N 140 
HIS CB   C N N 141 
HIS CG   C Y N 142 
HIS ND1  N Y N 143 
HIS CD2  C Y N 144 
HIS CE1  C Y N 145 
HIS NE2  N Y N 146 
HIS OXT  O N N 147 
HIS H    H N N 148 
HIS H2   H N N 149 
HIS HA   H N N 150 
HIS HB2  H N N 151 
HIS HB3  H N N 152 
HIS HD1  H N N 153 
HIS HD2  H N N 154 
HIS HE1  H N N 155 
HIS HE2  H N N 156 
HIS HXT  H N N 157 
HOH O    O N N 158 
HOH H1   H N N 159 
HOH H2   H N N 160 
ILE N    N N N 161 
ILE CA   C N S 162 
ILE C    C N N 163 
ILE O    O N N 164 
ILE CB   C N S 165 
ILE CG1  C N N 166 
ILE CG2  C N N 167 
ILE CD1  C N N 168 
ILE OXT  O N N 169 
ILE H    H N N 170 
ILE H2   H N N 171 
ILE HA   H N N 172 
ILE HB   H N N 173 
ILE HG12 H N N 174 
ILE HG13 H N N 175 
ILE HG21 H N N 176 
ILE HG22 H N N 177 
ILE HG23 H N N 178 
ILE HD11 H N N 179 
ILE HD12 H N N 180 
ILE HD13 H N N 181 
ILE HXT  H N N 182 
LEU N    N N N 183 
LEU CA   C N S 184 
LEU C    C N N 185 
LEU O    O N N 186 
LEU CB   C N N 187 
LEU CG   C N N 188 
LEU CD1  C N N 189 
LEU CD2  C N N 190 
LEU OXT  O N N 191 
LEU H    H N N 192 
LEU H2   H N N 193 
LEU HA   H N N 194 
LEU HB2  H N N 195 
LEU HB3  H N N 196 
LEU HG   H N N 197 
LEU HD11 H N N 198 
LEU HD12 H N N 199 
LEU HD13 H N N 200 
LEU HD21 H N N 201 
LEU HD22 H N N 202 
LEU HD23 H N N 203 
LEU HXT  H N N 204 
LYS N    N N N 205 
LYS CA   C N S 206 
LYS C    C N N 207 
LYS O    O N N 208 
LYS CB   C N N 209 
LYS CG   C N N 210 
LYS CD   C N N 211 
LYS CE   C N N 212 
LYS NZ   N N N 213 
LYS OXT  O N N 214 
LYS H    H N N 215 
LYS H2   H N N 216 
LYS HA   H N N 217 
LYS HB2  H N N 218 
LYS HB3  H N N 219 
LYS HG2  H N N 220 
LYS HG3  H N N 221 
LYS HD2  H N N 222 
LYS HD3  H N N 223 
LYS HE2  H N N 224 
LYS HE3  H N N 225 
LYS HZ1  H N N 226 
LYS HZ2  H N N 227 
LYS HZ3  H N N 228 
LYS HXT  H N N 229 
MET N    N N N 230 
MET CA   C N S 231 
MET C    C N N 232 
MET O    O N N 233 
MET CB   C N N 234 
MET CG   C N N 235 
MET SD   S N N 236 
MET CE   C N N 237 
MET OXT  O N N 238 
MET H    H N N 239 
MET H2   H N N 240 
MET HA   H N N 241 
MET HB2  H N N 242 
MET HB3  H N N 243 
MET HG2  H N N 244 
MET HG3  H N N 245 
MET HE1  H N N 246 
MET HE2  H N N 247 
MET HE3  H N N 248 
MET HXT  H N N 249 
PHE N    N N N 250 
PHE CA   C N S 251 
PHE C    C N N 252 
PHE O    O N N 253 
PHE CB   C N N 254 
PHE CG   C Y N 255 
PHE CD1  C Y N 256 
PHE CD2  C Y N 257 
PHE CE1  C Y N 258 
PHE CE2  C Y N 259 
PHE CZ   C Y N 260 
PHE OXT  O N N 261 
PHE H    H N N 262 
PHE H2   H N N 263 
PHE HA   H N N 264 
PHE HB2  H N N 265 
PHE HB3  H N N 266 
PHE HD1  H N N 267 
PHE HD2  H N N 268 
PHE HE1  H N N 269 
PHE HE2  H N N 270 
PHE HZ   H N N 271 
PHE HXT  H N N 272 
PRO N    N N N 273 
PRO CA   C N S 274 
PRO C    C N N 275 
PRO O    O N N 276 
PRO CB   C N N 277 
PRO CG   C N N 278 
PRO CD   C N N 279 
PRO OXT  O N N 280 
PRO H    H N N 281 
PRO HA   H N N 282 
PRO HB2  H N N 283 
PRO HB3  H N N 284 
PRO HG2  H N N 285 
PRO HG3  H N N 286 
PRO HD2  H N N 287 
PRO HD3  H N N 288 
PRO HXT  H N N 289 
SER N    N N N 290 
SER CA   C N S 291 
SER C    C N N 292 
SER O    O N N 293 
SER CB   C N N 294 
SER OG   O N N 295 
SER OXT  O N N 296 
SER H    H N N 297 
SER H2   H N N 298 
SER HA   H N N 299 
SER HB2  H N N 300 
SER HB3  H N N 301 
SER HG   H N N 302 
SER HXT  H N N 303 
THR N    N N N 304 
THR CA   C N S 305 
THR C    C N N 306 
THR O    O N N 307 
THR CB   C N R 308 
THR OG1  O N N 309 
THR CG2  C N N 310 
THR OXT  O N N 311 
THR H    H N N 312 
THR H2   H N N 313 
THR HA   H N N 314 
THR HB   H N N 315 
THR HG1  H N N 316 
THR HG21 H N N 317 
THR HG22 H N N 318 
THR HG23 H N N 319 
THR HXT  H N N 320 
TRP N    N N N 321 
TRP CA   C N S 322 
TRP C    C N N 323 
TRP O    O N N 324 
TRP CB   C N N 325 
TRP CG   C Y N 326 
TRP CD1  C Y N 327 
TRP CD2  C Y N 328 
TRP NE1  N Y N 329 
TRP CE2  C Y N 330 
TRP CE3  C Y N 331 
TRP CZ2  C Y N 332 
TRP CZ3  C Y N 333 
TRP CH2  C Y N 334 
TRP OXT  O N N 335 
TRP H    H N N 336 
TRP H2   H N N 337 
TRP HA   H N N 338 
TRP HB2  H N N 339 
TRP HB3  H N N 340 
TRP HD1  H N N 341 
TRP HE1  H N N 342 
TRP HE3  H N N 343 
TRP HZ2  H N N 344 
TRP HZ3  H N N 345 
TRP HH2  H N N 346 
TRP HXT  H N N 347 
TYR N    N N N 348 
TYR CA   C N S 349 
TYR C    C N N 350 
TYR O    O N N 351 
TYR CB   C N N 352 
TYR CG   C Y N 353 
TYR CD1  C Y N 354 
TYR CD2  C Y N 355 
TYR CE1  C Y N 356 
TYR CE2  C Y N 357 
TYR CZ   C Y N 358 
TYR OH   O N N 359 
TYR OXT  O N N 360 
TYR H    H N N 361 
TYR H2   H N N 362 
TYR HA   H N N 363 
TYR HB2  H N N 364 
TYR HB3  H N N 365 
TYR HD1  H N N 366 
TYR HD2  H N N 367 
TYR HE1  H N N 368 
TYR HE2  H N N 369 
TYR HH   H N N 370 
TYR HXT  H N N 371 
VAL N    N N N 372 
VAL CA   C N S 373 
VAL C    C N N 374 
VAL O    O N N 375 
VAL CB   C N N 376 
VAL CG1  C N N 377 
VAL CG2  C N N 378 
VAL OXT  O N N 379 
VAL H    H N N 380 
VAL H2   H N N 381 
VAL HA   H N N 382 
VAL HB   H N N 383 
VAL HG11 H N N 384 
VAL HG12 H N N 385 
VAL HG13 H N N 386 
VAL HG21 H N N 387 
VAL HG22 H N N 388 
VAL HG23 H N N 389 
VAL HXT  H N N 390 
# 
loop_
_chem_comp_bond.comp_id 
_chem_comp_bond.atom_id_1 
_chem_comp_bond.atom_id_2 
_chem_comp_bond.value_order 
_chem_comp_bond.pdbx_aromatic_flag 
_chem_comp_bond.pdbx_stereo_config 
_chem_comp_bond.pdbx_ordinal 
ALA N   CA   sing N N 1   
ALA N   H    sing N N 2   
ALA N   H2   sing N N 3   
ALA CA  C    sing N N 4   
ALA CA  CB   sing N N 5   
ALA CA  HA   sing N N 6   
ALA C   O    doub N N 7   
ALA C   OXT  sing N N 8   
ALA CB  HB1  sing N N 9   
ALA CB  HB2  sing N N 10  
ALA CB  HB3  sing N N 11  
ALA OXT HXT  sing N N 12  
ARG N   CA   sing N N 13  
ARG N   H    sing N N 14  
ARG N   H2   sing N N 15  
ARG CA  C    sing N N 16  
ARG CA  CB   sing N N 17  
ARG CA  HA   sing N N 18  
ARG C   O    doub N N 19  
ARG C   OXT  sing N N 20  
ARG CB  CG   sing N N 21  
ARG CB  HB2  sing N N 22  
ARG CB  HB3  sing N N 23  
ARG CG  CD   sing N N 24  
ARG CG  HG2  sing N N 25  
ARG CG  HG3  sing N N 26  
ARG CD  NE   sing N N 27  
ARG CD  HD2  sing N N 28  
ARG CD  HD3  sing N N 29  
ARG NE  CZ   sing N N 30  
ARG NE  HE   sing N N 31  
ARG CZ  NH1  sing N N 32  
ARG CZ  NH2  doub N N 33  
ARG NH1 HH11 sing N N 34  
ARG NH1 HH12 sing N N 35  
ARG NH2 HH21 sing N N 36  
ARG NH2 HH22 sing N N 37  
ARG OXT HXT  sing N N 38  
ASN N   CA   sing N N 39  
ASN N   H    sing N N 40  
ASN N   H2   sing N N 41  
ASN CA  C    sing N N 42  
ASN CA  CB   sing N N 43  
ASN CA  HA   sing N N 44  
ASN C   O    doub N N 45  
ASN C   OXT  sing N N 46  
ASN CB  CG   sing N N 47  
ASN CB  HB2  sing N N 48  
ASN CB  HB3  sing N N 49  
ASN CG  OD1  doub N N 50  
ASN CG  ND2  sing N N 51  
ASN ND2 HD21 sing N N 52  
ASN ND2 HD22 sing N N 53  
ASN OXT HXT  sing N N 54  
ASP N   CA   sing N N 55  
ASP N   H    sing N N 56  
ASP N   H2   sing N N 57  
ASP CA  C    sing N N 58  
ASP CA  CB   sing N N 59  
ASP CA  HA   sing N N 60  
ASP C   O    doub N N 61  
ASP C   OXT  sing N N 62  
ASP CB  CG   sing N N 63  
ASP CB  HB2  sing N N 64  
ASP CB  HB3  sing N N 65  
ASP CG  OD1  doub N N 66  
ASP CG  OD2  sing N N 67  
ASP OD2 HD2  sing N N 68  
ASP OXT HXT  sing N N 69  
CYS N   CA   sing N N 70  
CYS N   H    sing N N 71  
CYS N   H2   sing N N 72  
CYS CA  C    sing N N 73  
CYS CA  CB   sing N N 74  
CYS CA  HA   sing N N 75  
CYS C   O    doub N N 76  
CYS C   OXT  sing N N 77  
CYS CB  SG   sing N N 78  
CYS CB  HB2  sing N N 79  
CYS CB  HB3  sing N N 80  
CYS SG  HG   sing N N 81  
CYS OXT HXT  sing N N 82  
GLN N   CA   sing N N 83  
GLN N   H    sing N N 84  
GLN N   H2   sing N N 85  
GLN CA  C    sing N N 86  
GLN CA  CB   sing N N 87  
GLN CA  HA   sing N N 88  
GLN C   O    doub N N 89  
GLN C   OXT  sing N N 90  
GLN CB  CG   sing N N 91  
GLN CB  HB2  sing N N 92  
GLN CB  HB3  sing N N 93  
GLN CG  CD   sing N N 94  
GLN CG  HG2  sing N N 95  
GLN CG  HG3  sing N N 96  
GLN CD  OE1  doub N N 97  
GLN CD  NE2  sing N N 98  
GLN NE2 HE21 sing N N 99  
GLN NE2 HE22 sing N N 100 
GLN OXT HXT  sing N N 101 
GLU N   CA   sing N N 102 
GLU N   H    sing N N 103 
GLU N   H2   sing N N 104 
GLU CA  C    sing N N 105 
GLU CA  CB   sing N N 106 
GLU CA  HA   sing N N 107 
GLU C   O    doub N N 108 
GLU C   OXT  sing N N 109 
GLU CB  CG   sing N N 110 
GLU CB  HB2  sing N N 111 
GLU CB  HB3  sing N N 112 
GLU CG  CD   sing N N 113 
GLU CG  HG2  sing N N 114 
GLU CG  HG3  sing N N 115 
GLU CD  OE1  doub N N 116 
GLU CD  OE2  sing N N 117 
GLU OE2 HE2  sing N N 118 
GLU OXT HXT  sing N N 119 
GLY N   CA   sing N N 120 
GLY N   H    sing N N 121 
GLY N   H2   sing N N 122 
GLY CA  C    sing N N 123 
GLY CA  HA2  sing N N 124 
GLY CA  HA3  sing N N 125 
GLY C   O    doub N N 126 
GLY C   OXT  sing N N 127 
GLY OXT HXT  sing N N 128 
HIS N   CA   sing N N 129 
HIS N   H    sing N N 130 
HIS N   H2   sing N N 131 
HIS CA  C    sing N N 132 
HIS CA  CB   sing N N 133 
HIS CA  HA   sing N N 134 
HIS C   O    doub N N 135 
HIS C   OXT  sing N N 136 
HIS CB  CG   sing N N 137 
HIS CB  HB2  sing N N 138 
HIS CB  HB3  sing N N 139 
HIS CG  ND1  sing Y N 140 
HIS CG  CD2  doub Y N 141 
HIS ND1 CE1  doub Y N 142 
HIS ND1 HD1  sing N N 143 
HIS CD2 NE2  sing Y N 144 
HIS CD2 HD2  sing N N 145 
HIS CE1 NE2  sing Y N 146 
HIS CE1 HE1  sing N N 147 
HIS NE2 HE2  sing N N 148 
HIS OXT HXT  sing N N 149 
HOH O   H1   sing N N 150 
HOH O   H2   sing N N 151 
ILE N   CA   sing N N 152 
ILE N   H    sing N N 153 
ILE N   H2   sing N N 154 
ILE CA  C    sing N N 155 
ILE CA  CB   sing N N 156 
ILE CA  HA   sing N N 157 
ILE C   O    doub N N 158 
ILE C   OXT  sing N N 159 
ILE CB  CG1  sing N N 160 
ILE CB  CG2  sing N N 161 
ILE CB  HB   sing N N 162 
ILE CG1 CD1  sing N N 163 
ILE CG1 HG12 sing N N 164 
ILE CG1 HG13 sing N N 165 
ILE CG2 HG21 sing N N 166 
ILE CG2 HG22 sing N N 167 
ILE CG2 HG23 sing N N 168 
ILE CD1 HD11 sing N N 169 
ILE CD1 HD12 sing N N 170 
ILE CD1 HD13 sing N N 171 
ILE OXT HXT  sing N N 172 
LEU N   CA   sing N N 173 
LEU N   H    sing N N 174 
LEU N   H2   sing N N 175 
LEU CA  C    sing N N 176 
LEU CA  CB   sing N N 177 
LEU CA  HA   sing N N 178 
LEU C   O    doub N N 179 
LEU C   OXT  sing N N 180 
LEU CB  CG   sing N N 181 
LEU CB  HB2  sing N N 182 
LEU CB  HB3  sing N N 183 
LEU CG  CD1  sing N N 184 
LEU CG  CD2  sing N N 185 
LEU CG  HG   sing N N 186 
LEU CD1 HD11 sing N N 187 
LEU CD1 HD12 sing N N 188 
LEU CD1 HD13 sing N N 189 
LEU CD2 HD21 sing N N 190 
LEU CD2 HD22 sing N N 191 
LEU CD2 HD23 sing N N 192 
LEU OXT HXT  sing N N 193 
LYS N   CA   sing N N 194 
LYS N   H    sing N N 195 
LYS N   H2   sing N N 196 
LYS CA  C    sing N N 197 
LYS CA  CB   sing N N 198 
LYS CA  HA   sing N N 199 
LYS C   O    doub N N 200 
LYS C   OXT  sing N N 201 
LYS CB  CG   sing N N 202 
LYS CB  HB2  sing N N 203 
LYS CB  HB3  sing N N 204 
LYS CG  CD   sing N N 205 
LYS CG  HG2  sing N N 206 
LYS CG  HG3  sing N N 207 
LYS CD  CE   sing N N 208 
LYS CD  HD2  sing N N 209 
LYS CD  HD3  sing N N 210 
LYS CE  NZ   sing N N 211 
LYS CE  HE2  sing N N 212 
LYS CE  HE3  sing N N 213 
LYS NZ  HZ1  sing N N 214 
LYS NZ  HZ2  sing N N 215 
LYS NZ  HZ3  sing N N 216 
LYS OXT HXT  sing N N 217 
MET N   CA   sing N N 218 
MET N   H    sing N N 219 
MET N   H2   sing N N 220 
MET CA  C    sing N N 221 
MET CA  CB   sing N N 222 
MET CA  HA   sing N N 223 
MET C   O    doub N N 224 
MET C   OXT  sing N N 225 
MET CB  CG   sing N N 226 
MET CB  HB2  sing N N 227 
MET CB  HB3  sing N N 228 
MET CG  SD   sing N N 229 
MET CG  HG2  sing N N 230 
MET CG  HG3  sing N N 231 
MET SD  CE   sing N N 232 
MET CE  HE1  sing N N 233 
MET CE  HE2  sing N N 234 
MET CE  HE3  sing N N 235 
MET OXT HXT  sing N N 236 
PHE N   CA   sing N N 237 
PHE N   H    sing N N 238 
PHE N   H2   sing N N 239 
PHE CA  C    sing N N 240 
PHE CA  CB   sing N N 241 
PHE CA  HA   sing N N 242 
PHE C   O    doub N N 243 
PHE C   OXT  sing N N 244 
PHE CB  CG   sing N N 245 
PHE CB  HB2  sing N N 246 
PHE CB  HB3  sing N N 247 
PHE CG  CD1  doub Y N 248 
PHE CG  CD2  sing Y N 249 
PHE CD1 CE1  sing Y N 250 
PHE CD1 HD1  sing N N 251 
PHE CD2 CE2  doub Y N 252 
PHE CD2 HD2  sing N N 253 
PHE CE1 CZ   doub Y N 254 
PHE CE1 HE1  sing N N 255 
PHE CE2 CZ   sing Y N 256 
PHE CE2 HE2  sing N N 257 
PHE CZ  HZ   sing N N 258 
PHE OXT HXT  sing N N 259 
PRO N   CA   sing N N 260 
PRO N   CD   sing N N 261 
PRO N   H    sing N N 262 
PRO CA  C    sing N N 263 
PRO CA  CB   sing N N 264 
PRO CA  HA   sing N N 265 
PRO C   O    doub N N 266 
PRO C   OXT  sing N N 267 
PRO CB  CG   sing N N 268 
PRO CB  HB2  sing N N 269 
PRO CB  HB3  sing N N 270 
PRO CG  CD   sing N N 271 
PRO CG  HG2  sing N N 272 
PRO CG  HG3  sing N N 273 
PRO CD  HD2  sing N N 274 
PRO CD  HD3  sing N N 275 
PRO OXT HXT  sing N N 276 
SER N   CA   sing N N 277 
SER N   H    sing N N 278 
SER N   H2   sing N N 279 
SER CA  C    sing N N 280 
SER CA  CB   sing N N 281 
SER CA  HA   sing N N 282 
SER C   O    doub N N 283 
SER C   OXT  sing N N 284 
SER CB  OG   sing N N 285 
SER CB  HB2  sing N N 286 
SER CB  HB3  sing N N 287 
SER OG  HG   sing N N 288 
SER OXT HXT  sing N N 289 
THR N   CA   sing N N 290 
THR N   H    sing N N 291 
THR N   H2   sing N N 292 
THR CA  C    sing N N 293 
THR CA  CB   sing N N 294 
THR CA  HA   sing N N 295 
THR C   O    doub N N 296 
THR C   OXT  sing N N 297 
THR CB  OG1  sing N N 298 
THR CB  CG2  sing N N 299 
THR CB  HB   sing N N 300 
THR OG1 HG1  sing N N 301 
THR CG2 HG21 sing N N 302 
THR CG2 HG22 sing N N 303 
THR CG2 HG23 sing N N 304 
THR OXT HXT  sing N N 305 
TRP N   CA   sing N N 306 
TRP N   H    sing N N 307 
TRP N   H2   sing N N 308 
TRP CA  C    sing N N 309 
TRP CA  CB   sing N N 310 
TRP CA  HA   sing N N 311 
TRP C   O    doub N N 312 
TRP C   OXT  sing N N 313 
TRP CB  CG   sing N N 314 
TRP CB  HB2  sing N N 315 
TRP CB  HB3  sing N N 316 
TRP CG  CD1  doub Y N 317 
TRP CG  CD2  sing Y N 318 
TRP CD1 NE1  sing Y N 319 
TRP CD1 HD1  sing N N 320 
TRP CD2 CE2  doub Y N 321 
TRP CD2 CE3  sing Y N 322 
TRP NE1 CE2  sing Y N 323 
TRP NE1 HE1  sing N N 324 
TRP CE2 CZ2  sing Y N 325 
TRP CE3 CZ3  doub Y N 326 
TRP CE3 HE3  sing N N 327 
TRP CZ2 CH2  doub Y N 328 
TRP CZ2 HZ2  sing N N 329 
TRP CZ3 CH2  sing Y N 330 
TRP CZ3 HZ3  sing N N 331 
TRP CH2 HH2  sing N N 332 
TRP OXT HXT  sing N N 333 
TYR N   CA   sing N N 334 
TYR N   H    sing N N 335 
TYR N   H2   sing N N 336 
TYR CA  C    sing N N 337 
TYR CA  CB   sing N N 338 
TYR CA  HA   sing N N 339 
TYR C   O    doub N N 340 
TYR C   OXT  sing N N 341 
TYR CB  CG   sing N N 342 
TYR CB  HB2  sing N N 343 
TYR CB  HB3  sing N N 344 
TYR CG  CD1  doub Y N 345 
TYR CG  CD2  sing Y N 346 
TYR CD1 CE1  sing Y N 347 
TYR CD1 HD1  sing N N 348 
TYR CD2 CE2  doub Y N 349 
TYR CD2 HD2  sing N N 350 
TYR CE1 CZ   doub Y N 351 
TYR CE1 HE1  sing N N 352 
TYR CE2 CZ   sing Y N 353 
TYR CE2 HE2  sing N N 354 
TYR CZ  OH   sing N N 355 
TYR OH  HH   sing N N 356 
TYR OXT HXT  sing N N 357 
VAL N   CA   sing N N 358 
VAL N   H    sing N N 359 
VAL N   H2   sing N N 360 
VAL CA  C    sing N N 361 
VAL CA  CB   sing N N 362 
VAL CA  HA   sing N N 363 
VAL C   O    doub N N 364 
VAL C   OXT  sing N N 365 
VAL CB  CG1  sing N N 366 
VAL CB  CG2  sing N N 367 
VAL CB  HB   sing N N 368 
VAL CG1 HG11 sing N N 369 
VAL CG1 HG12 sing N N 370 
VAL CG1 HG13 sing N N 371 
VAL CG2 HG21 sing N N 372 
VAL CG2 HG22 sing N N 373 
VAL CG2 HG23 sing N N 374 
VAL OXT HXT  sing N N 375 
# 
_pdbx_initial_refinement_model.accession_code   ? 
_pdbx_initial_refinement_model.id               1 
_pdbx_initial_refinement_model.entity_id_list   ? 
_pdbx_initial_refinement_model.type             'experimental model' 
_pdbx_initial_refinement_model.source_name      Other 
_pdbx_initial_refinement_model.details          'SAD model' 
# 
_atom_sites.entry_id                    7BQI 
_atom_sites.Cartn_transf_matrix[1][1]   ? 
_atom_sites.Cartn_transf_matrix[1][2]   ? 
_atom_sites.Cartn_transf_matrix[1][3]   ? 
_atom_sites.Cartn_transf_matrix[2][1]   ? 
_atom_sites.Cartn_transf_matrix[2][2]   ? 
_atom_sites.Cartn_transf_matrix[2][3]   ? 
_atom_sites.Cartn_transf_matrix[3][1]   ? 
_atom_sites.Cartn_transf_matrix[3][2]   ? 
_atom_sites.Cartn_transf_matrix[3][3]   ? 
_atom_sites.Cartn_transf_vector[1]      ? 
_atom_sites.Cartn_transf_vector[2]      ? 
_atom_sites.Cartn_transf_vector[3]      ? 
_atom_sites.fract_transf_matrix[1][1]   0.01814194 
_atom_sites.fract_transf_matrix[1][2]   0.00404602 
_atom_sites.fract_transf_matrix[1][3]   0.00929469 
_atom_sites.fract_transf_matrix[2][1]   -0.00833296 
_atom_sites.fract_transf_matrix[2][2]   0.01680313 
_atom_sites.fract_transf_matrix[2][3]   0.00895031 
_atom_sites.fract_transf_matrix[3][1]   -0.00194689 
_atom_sites.fract_transf_matrix[3][2]   -0.00389208 
_atom_sites.fract_transf_matrix[3][3]   0.00549431 
_atom_sites.fract_transf_vector[1]      0.719957 
_atom_sites.fract_transf_vector[2]      0.397227 
_atom_sites.fract_transf_vector[3]      0.398684 
_atom_sites.solution_primary            ? 
_atom_sites.solution_secondary          ? 
_atom_sites.solution_hydrogens          ? 
_atom_sites.special_details             ? 
# 
loop_
_atom_type.symbol 
C 
N 
O 
S 
# 
loop_
_atom_site.group_PDB 
_atom_site.id 
_atom_site.type_symbol 
_atom_site.label_atom_id 
_atom_site.label_alt_id 
_atom_site.label_comp_id 
_atom_site.label_asym_id 
_atom_site.label_entity_id 
_atom_site.label_seq_id 
_atom_site.pdbx_PDB_ins_code 
_atom_site.Cartn_x 
_atom_site.Cartn_y 
_atom_site.Cartn_z 
_atom_site.occupancy 
_atom_site.B_iso_or_equiv 
_atom_site.pdbx_formal_charge 
_atom_site.auth_seq_id 
_atom_site.auth_comp_id 
_atom_site.auth_asym_id 
_atom_site.auth_atom_id 
_atom_site.pdbx_PDB_model_num 
ATOM   1    N N   . ASN A 1 10  ? 14.837  12.507  -14.240 1.00 37.31 ? 5   ASN A N   1 
ATOM   2    C CA  . ASN A 1 10  ? 15.267  12.849  -12.842 1.00 36.09 ? 5   ASN A CA  1 
ATOM   3    C C   . ASN A 1 10  ? 14.511  12.027  -11.833 1.00 30.18 ? 5   ASN A C   1 
ATOM   4    O O   . ASN A 1 10  ? 14.696  10.782  -11.691 1.00 29.00 ? 5   ASN A O   1 
ATOM   5    C CB  . ASN A 1 10  ? 14.916  14.304  -12.521 1.00 38.53 ? 5   ASN A CB  1 
ATOM   6    C CG  . ASN A 1 10  ? 15.917  15.315  -13.015 1.00 33.53 ? 5   ASN A CG  1 
ATOM   7    O OD1 . ASN A 1 10  ? 16.057  16.450  -12.394 1.00 35.13 ? 5   ASN A OD1 1 
ATOM   8    N ND2 . ASN A 1 10  ? 16.567  15.030  -14.149 1.00 34.82 ? 5   ASN A ND2 1 
ATOM   9    N N   . ALA A 1 11  ? 13.660  12.752  -11.099 1.00 26.98 ? 6   ALA A N   1 
ATOM   10   C CA  . ALA A 1 11  ? 12.637  12.128  -10.290 1.00 25.60 ? 6   ALA A CA  1 
ATOM   11   C C   . ALA A 1 11  ? 11.823  11.205  -11.157 1.00 24.92 ? 6   ALA A C   1 
ATOM   12   O O   . ALA A 1 11  ? 11.323  10.228  -10.634 1.00 22.21 ? 6   ALA A O   1 
ATOM   13   C CB  . ALA A 1 11  ? 11.780  13.174  -9.653  1.00 26.25 ? 6   ALA A CB  1 
ATOM   14   N N   . GLU A 1 12  ? 11.568  11.538  -12.430 1.00 22.22 ? 7   GLU A N   1 
ATOM   15   C CA  . GLU A 1 12  ? 10.866  10.703  -13.382 1.00 21.16 ? 7   GLU A CA  1 
ATOM   16   C C   . GLU A 1 12  ? 11.609  9.404   -13.572 1.00 22.11 ? 7   GLU A C   1 
ATOM   17   O O   . GLU A 1 12  ? 10.984  8.334   -13.611 1.00 19.90 ? 7   GLU A O   1 
ATOM   18   C CB  . GLU A 1 12  ? 10.652  11.470  -14.723 1.00 25.73 ? 7   GLU A CB  1 
ATOM   19   C CG  . GLU A 1 12  ? 9.761   10.730  -15.704 1.00 28.44 ? 7   GLU A CG  1 
ATOM   20   C CD  . GLU A 1 12  ? 8.315   10.613  -15.191 1.00 27.50 ? 7   GLU A CD  1 
ATOM   21   O OE1 . GLU A 1 12  ? 7.938   11.464  -14.365 1.00 30.78 ? 7   GLU A OE1 1 
ATOM   22   O OE2 . GLU A 1 12  ? 7.561   9.710   -15.608 1.00 31.31 ? 7   GLU A OE2 1 
ATOM   23   N N   . SER A 1 13  ? 12.934  9.479   -13.710 1.00 20.15 ? 8   SER A N   1 
ATOM   24   C CA  . SER A 1 13  ? 13.642  8.264   -13.969 1.00 21.31 ? 8   SER A CA  1 
ATOM   25   C C   . SER A 1 13  ? 13.661  7.400   -12.689 1.00 16.79 ? 8   SER A C   1 
ATOM   26   O O   . SER A 1 13  ? 13.523  6.166   -12.892 1.00 18.67 ? 8   SER A O   1 
ATOM   27   C CB  . SER A 1 13  ? 15.051  8.535   -14.471 1.00 21.49 ? 8   SER A CB  1 
ATOM   28   O OG  . SER A 1 13  ? 14.994  9.175   -15.713 1.00 28.56 ? 8   SER A OG  1 
ATOM   29   N N   . GLN A 1 14  ? 13.832  8.038   -11.528 1.00 20.25 ? 9   GLN A N   1 
ATOM   30   C CA  . GLN A 1 14  ? 13.736  7.279   -10.270 1.00 18.50 ? 9   GLN A CA  1 
ATOM   31   C C   . GLN A 1 14  ? 12.313  6.611   -10.115 1.00 18.58 ? 9   GLN A C   1 
ATOM   32   O O   . GLN A 1 14  ? 12.187  5.404   -9.857  1.00 16.88 ? 9   GLN A O   1 
ATOM   33   C CB  . GLN A 1 14  ? 13.950  8.211   -9.106  1.00 21.05 ? 9   GLN A CB  1 
ATOM   34   C CG  . GLN A 1 14  ? 13.692  7.555   -7.755  1.00 28.12 ? 9   GLN A CG  1 
ATOM   35   C CD  . GLN A 1 14  ? 14.865  6.816   -7.065  1.00 33.51 ? 9   GLN A CD  1 
ATOM   36   O OE1 . GLN A 1 14  ? 15.866  6.325   -7.667  1.00 41.27 ? 9   GLN A OE1 1 
ATOM   37   N NE2 . GLN A 1 14  ? 14.713  6.693   -5.791  1.00 28.78 ? 9   GLN A NE2 1 
ATOM   38   N N   . LEU A 1 15  ? 11.253  7.339   -10.470 1.00 16.03 ? 10  LEU A N   1 
ATOM   39   C CA  . LEU A 1 15  ? 9.868   6.752   -10.439 1.00 14.99 ? 10  LEU A CA  1 
ATOM   40   C C   . LEU A 1 15  ? 9.744   5.541   -11.276 1.00 16.08 ? 10  LEU A C   1 
ATOM   41   O O   . LEU A 1 15  ? 9.181   4.533   -10.846 1.00 16.31 ? 10  LEU A O   1 
ATOM   42   C CB  . LEU A 1 15  ? 8.891   7.844   -10.879 1.00 15.62 ? 10  LEU A CB  1 
ATOM   43   C CG  . LEU A 1 15  ? 7.477   7.332   -10.946 1.00 15.98 ? 10  LEU A CG  1 
ATOM   44   C CD1 . LEU A 1 15  ? 7.008   6.849   -9.540  1.00 15.87 ? 10  LEU A CD1 1 
ATOM   45   C CD2 . LEU A 1 15  ? 6.610   8.404   -11.612 1.00 15.95 ? 10  LEU A CD2 1 
ATOM   46   N N   . GLN A 1 16  ? 10.193  5.650   -12.522 1.00 15.05 ? 11  GLN A N   1 
ATOM   47   C CA  . GLN A 1 16  ? 10.091  4.569   -13.377 1.00 15.60 ? 11  GLN A CA  1 
ATOM   48   C C   . GLN A 1 16  ? 10.821  3.300   -12.901 1.00 14.60 ? 11  GLN A C   1 
ATOM   49   O O   . GLN A 1 16  ? 10.344  2.172   -13.069 1.00 16.52 ? 11  GLN A O   1 
ATOM   50   C CB  . GLN A 1 16  ? 10.485  5.037   -14.808 1.00 20.69 ? 11  GLN A CB  1 
ATOM   51   C CG  . GLN A 1 16  ? 9.532   6.168   -15.329 1.00 20.29 ? 11  GLN A CG  1 
ATOM   52   C CD  . GLN A 1 16  ? 8.079   5.706   -15.717 1.00 27.88 ? 11  GLN A CD  1 
ATOM   53   O OE1 . GLN A 1 16  ? 7.173   6.527   -15.685 1.00 38.23 ? 11  GLN A OE1 1 
ATOM   54   N NE2 . GLN A 1 16  ? 7.869   4.450   -15.978 1.00 30.79 ? 11  GLN A NE2 1 
ATOM   55   N N   . ARG A 1 17  ? 12.008  3.559   -12.329 1.00 15.72 ? 12  ARG A N   1 
ATOM   56   C CA  . ARG A 1 17  ? 12.742  2.472   -11.788 1.00 16.22 ? 12  ARG A CA  1 
ATOM   57   C C   . ARG A 1 17  ? 11.943  1.764   -10.639 1.00 13.53 ? 12  ARG A C   1 
ATOM   58   O O   . ARG A 1 17  ? 11.998  0.584   -10.506 1.00 15.34 ? 12  ARG A O   1 
ATOM   59   C CB  . ARG A 1 17  ? 14.075  3.009   -11.230 1.00 19.61 ? 12  ARG A CB  1 
ATOM   60   C CG  . ARG A 1 17  ? 15.070  2.008   -10.736 1.00 23.17 ? 12  ARG A CG  1 
ATOM   61   C CD  . ARG A 1 17  ? 15.468  0.914   -11.748 1.00 23.32 ? 12  ARG A CD  1 
ATOM   62   N NE  . ARG A 1 17  ? 14.648  -0.294  -11.574 1.00 22.61 ? 12  ARG A NE  1 
ATOM   63   C CZ  . ARG A 1 17  ? 14.872  -1.473  -12.107 1.00 28.96 ? 12  ARG A CZ  1 
ATOM   64   N NH1 . ARG A 1 17  ? 14.049  -2.472  -11.870 1.00 31.11 ? 12  ARG A NH1 1 
ATOM   65   N NH2 . ARG A 1 17  ? 15.898  -1.639  -12.978 1.00 37.59 ? 12  ARG A NH2 1 
ATOM   66   N N   . ILE A 1 18  ? 11.376  2.594   -9.764  1.00 13.42 ? 13  ILE A N   1 
ATOM   67   C CA  . ILE A 1 18  ? 10.590  2.008   -8.610  1.00 11.83 ? 13  ILE A CA  1 
ATOM   68   C C   . ILE A 1 18  ? 9.391   1.254   -9.087  1.00 13.60 ? 13  ILE A C   1 
ATOM   69   O O   . ILE A 1 18  ? 9.108   0.129   -8.604  1.00 13.86 ? 13  ILE A O   1 
ATOM   70   C CB  . ILE A 1 18  ? 10.279  3.084   -7.639  1.00 12.20 ? 13  ILE A CB  1 
ATOM   71   C CG1 . ILE A 1 18  ? 11.508  3.841   -7.068  1.00 14.95 ? 13  ILE A CG1 1 
ATOM   72   C CG2 . ILE A 1 18  ? 9.335   2.474   -6.565  1.00 14.67 ? 13  ILE A CG2 1 
ATOM   73   C CD1 . ILE A 1 18  ? 12.505  2.965   -6.309  1.00 17.08 ? 13  ILE A CD1 1 
ATOM   74   N N   . ILE A 1 19  ? 8.698   1.738   -10.116 1.00 11.98 ? 14  ILE A N   1 
ATOM   75   C CA  . ILE A 1 19  ? 7.599   0.965   -10.667 1.00 13.77 ? 14  ILE A CA  1 
ATOM   76   C C   . ILE A 1 19  ? 8.094   -0.381  -11.196 1.00 14.60 ? 14  ILE A C   1 
ATOM   77   O O   . ILE A 1 19  ? 7.460   -1.388  -10.983 1.00 15.35 ? 14  ILE A O   1 
ATOM   78   C CB  . ILE A 1 19  ? 6.845   1.809   -11.744 1.00 13.80 ? 14  ILE A CB  1 
ATOM   79   C CG1 . ILE A 1 19  ? 6.229   3.003   -11.066 1.00 13.08 ? 14  ILE A CG1 1 
ATOM   80   C CG2 . ILE A 1 19  ? 5.867   0.974   -12.471 1.00 16.26 ? 14  ILE A CG2 1 
ATOM   81   C CD1 . ILE A 1 19  ? 5.502   3.917   -12.095 1.00 16.85 ? 14  ILE A CD1 1 
ATOM   82   N N   . ARG A 1 20  ? 9.293   -0.407  -11.872 1.00 15.63 ? 15  ARG A N   1 
ATOM   83   C CA  . ARG A 1 20  ? 9.830   -1.678  -12.286 1.00 15.93 ? 15  ARG A CA  1 
ATOM   84   C C   . ARG A 1 20  ? 10.217  -2.567  -11.134 1.00 14.02 ? 15  ARG A C   1 
ATOM   85   O O   . ARG A 1 20  ? 10.021  -3.763  -11.273 1.00 17.77 ? 15  ARG A O   1 
ATOM   86   C CB  . ARG A 1 20  ? 10.996  -1.428  -13.273 1.00 18.15 ? 15  ARG A CB  1 
ATOM   87   C CG  . ARG A 1 20  ? 10.683  -0.806  -14.572 1.00 25.29 ? 15  ARG A CG  1 
ATOM   88   C CD  . ARG A 1 20  ? 11.912  -0.685  -15.492 1.00 31.33 ? 15  ARG A CD  1 
ATOM   89   N NE  . ARG A 1 20  ? 11.859  0.630   -16.137 1.00 40.50 ? 15  ARG A NE  1 
ATOM   90   C CZ  . ARG A 1 20  ? 12.606  1.700   -15.850 1.00 39.28 ? 15  ARG A CZ  1 
ATOM   91   N NH1 . ARG A 1 20  ? 12.381  2.812   -16.512 1.00 43.01 ? 15  ARG A NH1 1 
ATOM   92   N NH2 . ARG A 1 20  ? 13.602  1.659   -14.977 1.00 42.50 ? 15  ARG A NH2 1 
ATOM   93   N N   . ASP A 1 21  ? 10.820  -1.961  -10.123 1.00 13.84 ? 16  ASP A N   1 
ATOM   94   C CA  . ASP A 1 21  ? 11.143  -2.723  -8.900  1.00 14.36 ? 16  ASP A CA  1 
ATOM   95   C C   . ASP A 1 21  ? 9.861   -3.386  -8.292  1.00 15.67 ? 16  ASP A C   1 
ATOM   96   O O   . ASP A 1 21  ? 9.949   -4.527  -7.803  1.00 16.14 ? 16  ASP A O   1 
ATOM   97   C CB  . ASP A 1 21  ? 11.821  -1.874  -7.903  1.00 15.83 ? 16  ASP A CB  1 
ATOM   98   C CG  . ASP A 1 21  ? 13.231  -1.342  -8.288  1.00 14.05 ? 16  ASP A CG  1 
ATOM   99   O OD1 . ASP A 1 21  ? 13.860  -2.069  -9.154  1.00 18.83 ? 16  ASP A OD1 1 
ATOM   100  O OD2 . ASP A 1 21  ? 13.638  -0.378  -7.661  1.00 16.06 ? 16  ASP A OD2 1 
ATOM   101  N N   . LEU A 1 22  ? 8.769   -2.639  -8.226  1.00 14.76 ? 17  LEU A N   1 
ATOM   102  C CA  . LEU A 1 22  ? 7.545   -3.182  -7.742  1.00 14.49 ? 17  LEU A CA  1 
ATOM   103  C C   . LEU A 1 22  ? 7.171   -4.368  -8.573  1.00 16.71 ? 17  LEU A C   1 
ATOM   104  O O   . LEU A 1 22  ? 6.807   -5.413  -8.017  1.00 15.42 ? 17  LEU A O   1 
ATOM   105  C CB  . LEU A 1 22  ? 6.438   -2.156  -7.802  1.00 15.07 ? 17  LEU A CB  1 
ATOM   106  C CG  . LEU A 1 22  ? 5.136   -2.575  -7.088  1.00 15.15 ? 17  LEU A CG  1 
ATOM   107  C CD1 . LEU A 1 22  ? 5.282   -2.526  -5.583  1.00 16.48 ? 17  LEU A CD1 1 
ATOM   108  C CD2 . LEU A 1 22  ? 3.989   -1.633  -7.550  1.00 14.38 ? 17  LEU A CD2 1 
ATOM   109  N N   . GLN A 1 23  ? 7.203   -4.277  -9.928  1.00 16.20 ? 18  GLN A N   1 
ATOM   110  C CA  . GLN A 1 23  ? 6.992   -5.411  -10.774 1.00 17.64 ? 18  GLN A CA  1 
ATOM   111  C C   . GLN A 1 23  ? 7.892   -6.648  -10.508 1.00 19.88 ? 18  GLN A C   1 
ATOM   112  O O   . GLN A 1 23  ? 7.425   -7.780  -10.474 1.00 20.95 ? 18  GLN A O   1 
ATOM   113  C CB  . GLN A 1 23  ? 7.069   -4.979  -12.234 1.00 19.22 ? 18  GLN A CB  1 
ATOM   114  C CG  . GLN A 1 23  ? 6.985   -6.170  -13.183 1.00 22.56 ? 18  GLN A CG  1 
ATOM   115  C CD  . GLN A 1 23  ? 5.528   -6.766  -13.281 1.00 25.66 ? 18  GLN A CD  1 
ATOM   116  O OE1 . GLN A 1 23  ? 4.664   -6.287  -14.060 1.00 36.24 ? 18  GLN A OE1 1 
ATOM   117  N NE2 . GLN A 1 23  ? 5.238   -7.809  -12.464 1.00 26.89 ? 18  GLN A NE2 1 
ATOM   118  N N   . ASP A 1 24  ? 9.146   -6.388  -10.281 1.00 17.39 ? 19  ASP A N   1 
ATOM   119  C CA  . ASP A 1 24  ? 10.115  -7.485  -10.006 1.00 17.98 ? 19  ASP A CA  1 
ATOM   120  C C   . ASP A 1 24  ? 9.786   -8.097  -8.634  1.00 16.27 ? 19  ASP A C   1 
ATOM   121  O O   . ASP A 1 24  ? 9.834   -9.294  -8.482  1.00 19.99 ? 19  ASP A O   1 
ATOM   122  C CB  . ASP A 1 24  ? 11.458  -6.969  -10.032 1.00 20.04 ? 19  ASP A CB  1 
ATOM   123  C CG  . ASP A 1 24  ? 11.939  -6.601  -11.469 1.00 19.33 ? 19  ASP A CG  1 
ATOM   124  O OD1 . ASP A 1 24  ? 11.284  -6.924  -12.515 1.00 22.35 ? 19  ASP A OD1 1 
ATOM   125  O OD2 . ASP A 1 24  ? 12.853  -5.856  -11.456 1.00 22.84 ? 19  ASP A OD2 1 
ATOM   126  N N   . ALA A 1 25  ? 9.340   -7.259  -7.658  1.00 15.87 ? 20  ALA A N   1 
ATOM   127  C CA  . ALA A 1 25  ? 8.968   -7.831  -6.371  1.00 15.08 ? 20  ALA A CA  1 
ATOM   128  C C   . ALA A 1 25  ? 7.724   -8.717  -6.529  1.00 14.43 ? 20  ALA A C   1 
ATOM   129  O O   . ALA A 1 25  ? 7.650   -9.776  -5.896  1.00 15.10 ? 20  ALA A O   1 
ATOM   130  C CB  . ALA A 1 25  ? 8.709   -6.769  -5.349  1.00 16.03 ? 20  ALA A CB  1 
ATOM   131  N N   . VAL A 1 26  ? 6.719   -8.287  -7.302  1.00 14.02 ? 21  VAL A N   1 
ATOM   132  C CA  . VAL A 1 26  ? 5.549   -9.005  -7.599  1.00 15.96 ? 21  VAL A CA  1 
ATOM   133  C C   . VAL A 1 26  ? 5.894   -10.344 -8.266  1.00 14.67 ? 21  VAL A C   1 
ATOM   134  O O   . VAL A 1 26  ? 5.427   -11.382 -7.858  1.00 17.90 ? 21  VAL A O   1 
ATOM   135  C CB  . VAL A 1 26  ? 4.493   -8.221  -8.414  1.00 15.84 ? 21  VAL A CB  1 
ATOM   136  C CG1 . VAL A 1 26  ? 3.425   -9.100  -8.904  1.00 18.14 ? 21  VAL A CG1 1 
ATOM   137  C CG2 . VAL A 1 26  ? 3.912   -7.073  -7.524  1.00 15.63 ? 21  VAL A CG2 1 
ATOM   138  N N   . THR A 1 27  ? 6.738   -10.271 -9.299  1.00 17.32 ? 22  THR A N   1 
ATOM   139  C CA  . THR A 1 27  ? 7.142   -11.544 -9.907  1.00 19.20 ? 22  THR A CA  1 
ATOM   140  C C   . THR A 1 27  ? 7.883   -12.465 -8.926  1.00 15.64 ? 22  THR A C   1 
ATOM   141  O O   . THR A 1 27  ? 7.670   -13.642 -9.007  1.00 18.82 ? 22  THR A O   1 
ATOM   142  C CB  . THR A 1 27  ? 7.991   -11.295 -11.129 1.00 20.33 ? 22  THR A CB  1 
ATOM   143  O OG1 . THR A 1 27  ? 7.423   -10.320 -12.022 1.00 23.26 ? 22  THR A OG1 1 
ATOM   144  C CG2 . THR A 1 27  ? 8.302   -12.616 -11.906 1.00 23.34 ? 22  THR A CG2 1 
ATOM   145  N N   . GLU A 1 28  ? 8.822   -11.952 -8.152  1.00 16.03 ? 23  GLU A N   1 
ATOM   146  C CA  . GLU A 1 28  ? 9.449   -12.711 -7.109  1.00 15.79 ? 23  GLU A CA  1 
ATOM   147  C C   . GLU A 1 28  ? 8.439   -13.419 -6.183  1.00 17.46 ? 23  GLU A C   1 
ATOM   148  O O   . GLU A 1 28  ? 8.606   -14.590 -5.877  1.00 20.21 ? 23  GLU A O   1 
ATOM   149  C CB  . GLU A 1 28  ? 10.472  -11.891 -6.326  1.00 17.31 ? 23  GLU A CB  1 
ATOM   150  C CG  . GLU A 1 28  ? 11.740  -11.408 -7.027  1.00 18.20 ? 23  GLU A CG  1 
ATOM   151  C CD  . GLU A 1 28  ? 12.461  -10.271 -6.239  1.00 20.63 ? 23  GLU A CD  1 
ATOM   152  O OE1 . GLU A 1 28  ? 12.385  -10.109 -4.941  1.00 18.57 ? 23  GLU A OE1 1 
ATOM   153  O OE2 . GLU A 1 28  ? 13.113  -9.501  -6.976  1.00 21.28 ? 23  GLU A OE2 1 
ATOM   154  N N   . LEU A 1 29  ? 7.340   -12.731 -5.771  1.00 18.47 ? 24  LEU A N   1 
ATOM   155  C CA  . LEU A 1 29  ? 6.395   -13.244 -4.803  1.00 16.76 ? 24  LEU A CA  1 
ATOM   156  C C   . LEU A 1 29  ? 5.635   -14.304 -5.515  1.00 17.99 ? 24  LEU A C   1 
ATOM   157  O O   . LEU A 1 29  ? 5.396   -15.353 -4.919  1.00 19.30 ? 24  LEU A O   1 
ATOM   158  C CB  . LEU A 1 29  ? 5.474   -12.070 -4.287  1.00 17.20 ? 24  LEU A CB  1 
ATOM   159  C CG  . LEU A 1 29  ? 6.174   -11.190 -3.287  1.00 15.07 ? 24  LEU A CG  1 
ATOM   160  C CD1 . LEU A 1 29  ? 5.337   -9.881  -3.149  1.00 14.96 ? 24  LEU A CD1 1 
ATOM   161  C CD2 . LEU A 1 29  ? 6.267   -11.870 -1.950  1.00 14.86 ? 24  LEU A CD2 1 
ATOM   162  N N   . SER A 1 30  ? 5.303   -14.083 -6.786  1.00 18.44 ? 25  SER A N   1 
ATOM   163  C CA  . SER A 1 30  ? 4.561   -15.082 -7.541  1.00 20.94 ? 25  SER A CA  1 
ATOM   164  C C   . SER A 1 30  ? 5.413   -16.393 -7.700  1.00 24.34 ? 25  SER A C   1 
ATOM   165  O O   . SER A 1 30  ? 4.879   -17.489 -7.507  1.00 25.15 ? 25  SER A O   1 
ATOM   166  C CB  . SER A 1 30  ? 4.206   -14.505 -8.929  1.00 22.15 ? 25  SER A CB  1 
ATOM   167  O OG  . SER A 1 30  ? 3.209   -13.457 -8.872  1.00 27.11 ? 25  SER A OG  1 
ATOM   168  N N   . LYS A 1 31  ? 6.722   -16.220 -7.934  1.00 20.21 ? 26  LYS A N   1 
ATOM   169  C CA  . LYS A 1 31  ? 7.653   -17.358 -8.117  1.00 23.53 ? 26  LYS A CA  1 
ATOM   170  C C   . LYS A 1 31  ? 7.883   -18.019 -6.802  1.00 26.17 ? 26  LYS A C   1 
ATOM   171  O O   . LYS A 1 31  ? 7.844   -19.270 -6.713  1.00 26.23 ? 26  LYS A O   1 
ATOM   172  C CB  . LYS A 1 31  ? 8.925   -16.882 -8.746  1.00 25.48 ? 26  LYS A CB  1 
ATOM   173  C CG  . LYS A 1 31  ? 8.790   -16.670 -10.238 1.00 29.31 ? 26  LYS A CG  1 
ATOM   174  C CD  . LYS A 1 31  ? 10.130  -16.845 -10.939 1.00 35.10 ? 26  LYS A CD  1 
ATOM   175  C CE  . LYS A 1 31  ? 10.310  -15.843 -12.074 1.00 37.44 ? 26  LYS A CE  1 
ATOM   176  N NZ  . LYS A 1 31  ? 9.202   -15.712 -13.058 1.00 38.79 ? 26  LYS A NZ  1 
ATOM   177  N N   . GLU A 1 32  ? 8.064   -17.199 -5.725  1.00 23.23 ? 27  GLU A N   1 
ATOM   178  C CA  . GLU A 1 32  ? 8.341   -17.747 -4.417  1.00 24.68 ? 27  GLU A CA  1 
ATOM   179  C C   . GLU A 1 32  ? 7.150   -18.604 -3.992  1.00 25.06 ? 27  GLU A C   1 
ATOM   180  O O   . GLU A 1 32  ? 7.304   -19.618 -3.298  1.00 26.62 ? 27  GLU A O   1 
ATOM   181  C CB  . GLU A 1 32  ? 8.640   -16.598 -3.408  1.00 23.40 ? 27  GLU A CB  1 
ATOM   182  C CG  . GLU A 1 32  ? 8.961   -17.077 -2.007  1.00 22.96 ? 27  GLU A CG  1 
ATOM   183  C CD  . GLU A 1 32  ? 8.946   -16.043 -0.906  1.00 22.17 ? 27  GLU A CD  1 
ATOM   184  O OE1 . GLU A 1 32  ? 9.047   -14.845 -1.291  1.00 24.57 ? 27  GLU A OE1 1 
ATOM   185  O OE2 . GLU A 1 32  ? 8.967   -16.431 0.331   1.00 26.20 ? 27  GLU A OE2 1 
ATOM   186  N N   . PHE A 1 33  ? 5.941   -18.133 -4.322  1.00 26.27 ? 28  PHE A N   1 
ATOM   187  C CA  . PHE A 1 33  ? 4.689   -18.761 -3.996  1.00 23.24 ? 28  PHE A CA  1 
ATOM   188  C C   . PHE A 1 33  ? 4.637   -20.123 -4.682  1.00 24.63 ? 28  PHE A C   1 
ATOM   189  O O   . PHE A 1 33  ? 4.329   -21.128 -4.030  1.00 28.48 ? 28  PHE A O   1 
ATOM   190  C CB  . PHE A 1 33  ? 3.470   -17.872 -4.325  1.00 25.34 ? 28  PHE A CB  1 
ATOM   191  C CG  . PHE A 1 33  ? 2.151   -18.456 -3.927  1.00 25.84 ? 28  PHE A CG  1 
ATOM   192  C CD1 . PHE A 1 33  ? 1.903   -18.929 -2.645  1.00 24.93 ? 28  PHE A CD1 1 
ATOM   193  C CD2 . PHE A 1 33  ? 1.127   -18.521 -4.806  1.00 23.69 ? 28  PHE A CD2 1 
ATOM   194  C CE1 . PHE A 1 33  ? 0.635   -19.444 -2.313  1.00 25.56 ? 28  PHE A CE1 1 
ATOM   195  C CE2 . PHE A 1 33  ? -0.107  -19.015 -4.500  1.00 23.97 ? 28  PHE A CE2 1 
ATOM   196  C CZ  . PHE A 1 33  ? -0.384  -19.493 -3.240  1.00 21.95 ? 28  PHE A CZ  1 
ATOM   197  N N   . GLN A 1 34  ? 4.839   -20.088 -5.995  1.00 30.54 ? 29  GLN A N   1 
ATOM   198  C CA  . GLN A 1 34  ? 4.875   -21.245 -6.873  1.00 29.38 ? 29  GLN A CA  1 
ATOM   199  C C   . GLN A 1 34  ? 5.888   -22.253 -6.370  1.00 30.21 ? 29  GLN A C   1 
ATOM   200  O O   . GLN A 1 34  ? 5.612   -23.411 -6.257  1.00 32.90 ? 29  GLN A O   1 
ATOM   201  C CB  . GLN A 1 34  ? 5.174   -20.782 -8.329  1.00 36.09 ? 29  GLN A CB  1 
ATOM   202  C CG  . GLN A 1 34  ? 4.122   -19.897 -8.999  1.00 43.60 ? 29  GLN A CG  1 
ATOM   203  C CD  . GLN A 1 34  ? 2.695   -20.454 -8.976  1.00 49.59 ? 29  GLN A CD  1 
ATOM   204  O OE1 . GLN A 1 34  ? 1.823   -19.965 -8.232  1.00 58.33 ? 29  GLN A OE1 1 
ATOM   205  N NE2 . GLN A 1 34  ? 2.441   -21.476 -9.805  1.00 54.56 ? 29  GLN A NE2 1 
ATOM   206  N N   . GLU A 1 35  ? 7.109   -21.777 -6.054  1.00 30.75 ? 30  GLU A N   1 
ATOM   207  C CA  . GLU A 1 35  ? 8.214   -22.606 -5.519  1.00 30.92 ? 30  GLU A CA  1 
ATOM   208  C C   . GLU A 1 35  ? 7.934   -23.240 -4.152  1.00 30.62 ? 30  GLU A C   1 
ATOM   209  O O   . GLU A 1 35  ? 8.237   -24.446 -3.936  1.00 35.27 ? 30  GLU A O   1 
ATOM   210  C CB  . GLU A 1 35  ? 9.474   -21.753 -5.346  1.00 34.56 ? 30  GLU A CB  1 
ATOM   211  C CG  . GLU A 1 35  ? 10.610  -22.223 -6.175  1.00 38.25 ? 30  GLU A CG  1 
ATOM   212  C CD  . GLU A 1 35  ? 11.789  -21.288 -6.164  1.00 31.62 ? 30  GLU A CD  1 
ATOM   213  O OE1 . GLU A 1 35  ? 12.512  -21.156 -5.110  1.00 37.39 ? 30  GLU A OE1 1 
ATOM   214  O OE2 . GLU A 1 35  ? 11.997  -20.705 -7.227  1.00 26.86 ? 30  GLU A OE2 1 
ATOM   215  N N   . ALA A 1 36  ? 7.439   -22.435 -3.214  1.00 31.61 ? 31  ALA A N   1 
ATOM   216  C CA  . ALA A 1 36  ? 7.197   -22.816 -1.804  1.00 29.66 ? 31  ALA A CA  1 
ATOM   217  C C   . ALA A 1 36  ? 6.000   -23.700 -1.692  1.00 33.73 ? 31  ALA A C   1 
ATOM   218  O O   . ALA A 1 36  ? 5.944   -24.555 -0.810  1.00 35.76 ? 31  ALA A O   1 
ATOM   219  C CB  . ALA A 1 36  ? 6.955   -21.567 -0.935  1.00 31.41 ? 31  ALA A CB  1 
ATOM   220  N N   . GLY A 1 37  ? 5.016   -23.440 -2.558  1.00 33.78 ? 32  GLY A N   1 
ATOM   221  C CA  . GLY A 1 37  ? 3.798   -24.247 -2.615  1.00 35.80 ? 32  GLY A CA  1 
ATOM   222  C C   . GLY A 1 37  ? 2.887   -23.975 -1.447  1.00 34.46 ? 32  GLY A C   1 
ATOM   223  O O   . GLY A 1 37  ? 1.988   -24.780 -1.125  1.00 31.40 ? 32  GLY A O   1 
ATOM   224  N N   . GLU A 1 38  ? 3.091   -22.800 -0.844  1.00 31.88 ? 33  GLU A N   1 
ATOM   225  C CA  . GLU A 1 38  ? 2.374   -22.356 0.329   1.00 25.19 ? 33  GLU A CA  1 
ATOM   226  C C   . GLU A 1 38  ? 2.337   -20.831 0.373   1.00 24.36 ? 33  GLU A C   1 
ATOM   227  O O   . GLU A 1 38  ? 3.169   -20.157 -0.310  1.00 26.39 ? 33  GLU A O   1 
ATOM   228  C CB  . GLU A 1 38  ? 3.006   -22.929 1.606   1.00 32.68 ? 33  GLU A CB  1 
ATOM   229  C CG  . GLU A 1 38  ? 4.392   -22.435 2.020   1.00 38.25 ? 33  GLU A CG  1 
ATOM   230  C CD  . GLU A 1 38  ? 4.969   -23.172 3.232   1.00 44.31 ? 33  GLU A CD  1 
ATOM   231  O OE1 . GLU A 1 38  ? 4.704   -24.389 3.414   1.00 46.07 ? 33  GLU A OE1 1 
ATOM   232  O OE2 . GLU A 1 38  ? 5.734   -22.533 3.998   1.00 49.72 ? 33  GLU A OE2 1 
ATOM   233  N N   . PRO A 1 39  ? 1.461   -20.280 1.181   1.00 20.06 ? 34  PRO A N   1 
ATOM   234  C CA  . PRO A 1 39  ? 1.392   -18.771 1.312   1.00 21.52 ? 34  PRO A CA  1 
ATOM   235  C C   . PRO A 1 39  ? 2.682   -18.136 1.739   1.00 20.52 ? 34  PRO A C   1 
ATOM   236  O O   . PRO A 1 39  ? 3.472   -18.661 2.511   1.00 21.17 ? 34  PRO A O   1 
ATOM   237  C CB  . PRO A 1 39  ? 0.362   -18.571 2.410   1.00 22.82 ? 34  PRO A CB  1 
ATOM   238  C CG  . PRO A 1 39  ? -0.611  -19.726 2.324   1.00 22.41 ? 34  PRO A CG  1 
ATOM   239  C CD  . PRO A 1 39  ? 0.292   -20.918 1.864   1.00 21.89 ? 34  PRO A CD  1 
ATOM   240  N N   . ILE A 1 40  ? 2.845   -16.868 1.214   1.00 18.09 ? 35  ILE A N   1 
ATOM   241  C CA  . ILE A 1 40  ? 3.999   -16.055 1.553   1.00 18.21 ? 35  ILE A CA  1 
ATOM   242  C C   . ILE A 1 40  ? 3.913   -15.711 2.988   1.00 15.77 ? 35  ILE A C   1 
ATOM   243  O O   . ILE A 1 40  ? 2.790   -15.349 3.546   1.00 18.99 ? 35  ILE A O   1 
ATOM   244  C CB  . ILE A 1 40  ? 3.975   -14.752 0.721   1.00 16.67 ? 35  ILE A CB  1 
ATOM   245  C CG1 . ILE A 1 40  ? 3.895   -15.075 -0.786  1.00 17.10 ? 35  ILE A CG1 1 
ATOM   246  C CG2 . ILE A 1 40  ? 5.158   -13.853 1.109   1.00 16.76 ? 35  ILE A CG2 1 
ATOM   247  C CD1 . ILE A 1 40  ? 5.082   -15.830 -1.287  1.00 19.57 ? 35  ILE A CD1 1 
ATOM   248  N N   . THR A 1 41  ? 5.019   -15.731 3.637   1.00 17.84 ? 36  THR A N   1 
ATOM   249  C CA  . THR A 1 41  ? 5.143   -15.384 5.005   1.00 15.44 ? 36  THR A CA  1 
ATOM   250  C C   . THR A 1 41  ? 6.049   -14.184 5.357   1.00 15.40 ? 36  THR A C   1 
ATOM   251  O O   . THR A 1 41  ? 6.699   -13.686 4.404   1.00 14.86 ? 36  THR A O   1 
ATOM   252  C CB  . THR A 1 41  ? 5.526   -16.601 5.910   1.00 19.81 ? 36  THR A CB  1 
ATOM   253  O OG1 . THR A 1 41  ? 6.710   -17.213 5.383   1.00 25.80 ? 36  THR A OG1 1 
ATOM   254  C CG2 . THR A 1 41  ? 4.377   -17.605 5.918   1.00 20.22 ? 36  THR A CG2 1 
ATOM   255  N N   . ASP A 1 42  ? 6.156   -13.694 6.565   1.00 15.84 ? 37  ASP A N   1 
ATOM   256  C CA  . ASP A 1 42  ? 6.933   -12.541 6.924   1.00 19.32 ? 37  ASP A CA  1 
ATOM   257  C C   . ASP A 1 42  ? 8.460   -12.616 6.810   1.00 17.30 ? 37  ASP A C   1 
ATOM   258  O O   . ASP A 1 42  ? 9.202   -11.615 6.921   1.00 19.29 ? 37  ASP A O   1 
ATOM   259  C CB  . ASP A 1 42  ? 6.546   -11.963 8.300   1.00 19.75 ? 37  ASP A CB  1 
ATOM   260  C CG  . ASP A 1 42  ? 5.088   -11.550 8.374   1.00 25.46 ? 37  ASP A CG  1 
ATOM   261  O OD1 . ASP A 1 42  ? 4.562   -10.925 7.460   1.00 26.44 ? 37  ASP A OD1 1 
ATOM   262  O OD2 . ASP A 1 42  ? 4.468   -11.879 9.395   1.00 28.76 ? 37  ASP A OD2 1 
ATOM   263  N N   . ASP A 1 43  ? 8.913   -13.825 6.596   1.00 17.70 ? 38  ASP A N   1 
ATOM   264  C CA  . ASP A 1 43  ? 10.371  -13.965 6.379   1.00 18.95 ? 38  ASP A CA  1 
ATOM   265  C C   . ASP A 1 43  ? 10.753  -13.831 4.904   1.00 18.76 ? 38  ASP A C   1 
ATOM   266  O O   . ASP A 1 43  ? 11.924  -14.015 4.507   1.00 19.39 ? 38  ASP A O   1 
ATOM   267  C CB  . ASP A 1 43  ? 10.893  -15.234 6.977   1.00 22.42 ? 38  ASP A CB  1 
ATOM   268  C CG  . ASP A 1 43  ? 10.403  -16.388 6.322   1.00 22.45 ? 38  ASP A CG  1 
ATOM   269  O OD1 . ASP A 1 43  ? 9.339   -16.377 5.696   1.00 27.83 ? 38  ASP A OD1 1 
ATOM   270  O OD2 . ASP A 1 43  ? 11.063  -17.451 6.544   1.00 31.58 ? 38  ASP A OD2 1 
ATOM   271  N N   . SER A 1 44  ? 9.777   -13.567 4.025   1.00 14.38 ? 39  SER A N   1 
ATOM   272  C CA  . SER A 1 44  ? 10.067  -13.344 2.612   1.00 14.27 ? 39  SER A CA  1 
ATOM   273  C C   . SER A 1 44  ? 10.730  -12.026 2.348   1.00 13.85 ? 39  SER A C   1 
ATOM   274  O O   . SER A 1 44  ? 10.172  -10.948 2.572   1.00 13.46 ? 39  SER A O   1 
ATOM   275  C CB  . SER A 1 44  ? 8.799   -13.458 1.780   1.00 14.44 ? 39  SER A CB  1 
ATOM   276  O OG  . SER A 1 44  ? 9.092   -12.938 0.488   1.00 15.40 ? 39  SER A OG  1 
ATOM   277  N N   . THR A 1 45  ? 12.008  -11.996 1.899   1.00 14.42 ? 40  THR A N   1 
ATOM   278  C CA  . THR A 1 45  ? 12.670  -10.789 1.552   1.00 15.86 ? 40  THR A CA  1 
ATOM   279  C C   . THR A 1 45  ? 12.054  -10.065 0.349   1.00 14.36 ? 40  THR A C   1 
ATOM   280  O O   . THR A 1 45  ? 12.175  -8.819  0.184   1.00 13.94 ? 40  THR A O   1 
ATOM   281  C CB  . THR A 1 45  ? 14.190  -10.870 1.421   1.00 16.66 ? 40  THR A CB  1 
ATOM   282  O OG1 . THR A 1 45  ? 14.503  -11.486 0.173   1.00 17.46 ? 40  THR A OG1 1 
ATOM   283  C CG2 . THR A 1 45  ? 14.917  -11.614 2.585   1.00 15.72 ? 40  THR A CG2 1 
ATOM   284  N N   . SER A 1 46  ? 11.335  -10.803 -0.423  1.00 12.53 ? 41  SER A N   1 
ATOM   285  C CA  . SER A 1 46  ? 10.644  -10.186 -1.514  1.00 14.60 ? 41  SER A CA  1 
ATOM   286  C C   . SER A 1 46  ? 9.355   -9.509  -1.077  1.00 13.24 ? 41  SER A C   1 
ATOM   287  O O   . SER A 1 46  ? 9.001   -8.442  -1.664  1.00 12.64 ? 41  SER A O   1 
ATOM   288  C CB  . SER A 1 46  ? 10.246  -11.192 -2.472  1.00 16.16 ? 41  SER A CB  1 
ATOM   289  O OG  . SER A 1 46  ? 11.457  -11.738 -3.131  1.00 16.95 ? 41  SER A OG  1 
ATOM   290  N N   . LEU A 1 47  ? 8.660   -10.010 -0.034  1.00 12.87 ? 42  LEU A N   1 
ATOM   291  C CA  . LEU A 1 47  ? 7.572   -9.247  0.580   1.00 12.27 ? 42  LEU A CA  1 
ATOM   292  C C   . LEU A 1 47  ? 8.117   -8.026  1.137   1.00 12.21 ? 42  LEU A C   1 
ATOM   293  O O   . LEU A 1 47  ? 7.455   -6.920  1.033   1.00 11.73 ? 42  LEU A O   1 
ATOM   294  C CB  . LEU A 1 47  ? 6.893   -10.157 1.623   1.00 12.33 ? 42  LEU A CB  1 
ATOM   295  C CG  . LEU A 1 47  ? 5.998   -9.370  2.544   1.00 12.82 ? 42  LEU A CG  1 
ATOM   296  C CD1 . LEU A 1 47  ? 4.785   -8.847  1.739   1.00 14.45 ? 42  LEU A CD1 1 
ATOM   297  C CD2 . LEU A 1 47  ? 5.517   -10.288 3.716   1.00 15.39 ? 42  LEU A CD2 1 
ATOM   298  N N   . HIS A 1 48  ? 9.263   -8.052  1.803   1.00 11.67 ? 43  HIS A N   1 
ATOM   299  C CA  . HIS A 1 48  ? 9.878   -6.911  2.300   1.00 12.06 ? 43  HIS A CA  1 
ATOM   300  C C   . HIS A 1 48  ? 10.212  -5.878  1.262   1.00 11.29 ? 43  HIS A C   1 
ATOM   301  O O   . HIS A 1 48  ? 9.867   -4.686  1.429   1.00 11.35 ? 43  HIS A O   1 
ATOM   302  C CB  . HIS A 1 48  ? 11.142  -7.318  3.119   1.00 13.06 ? 43  HIS A CB  1 
ATOM   303  C CG  . HIS A 1 48  ? 11.801  -6.263  3.909   1.00 13.76 ? 43  HIS A CG  1 
ATOM   304  N ND1 . HIS A 1 48  ? 12.825  -5.525  3.399   1.00 14.48 ? 43  HIS A ND1 1 
ATOM   305  C CD2 . HIS A 1 48  ? 11.652  -5.819  5.178   1.00 15.35 ? 43  HIS A CD2 1 
ATOM   306  C CE1 . HIS A 1 48  ? 13.308  -4.694  4.297   1.00 16.24 ? 43  HIS A CE1 1 
ATOM   307  N NE2 . HIS A 1 48  ? 12.582  -4.839  5.376   1.00 15.01 ? 43  HIS A NE2 1 
ATOM   308  N N   . LYS A 1 49  ? 10.802  -6.322  0.160   1.00 11.33 ? 44  LYS A N   1 
ATOM   309  C CA  . LYS A 1 49  ? 11.076  -5.378  -0.932  1.00 12.29 ? 44  LYS A CA  1 
ATOM   310  C C   . LYS A 1 49  ? 9.725   -4.814  -1.490  1.00 12.75 ? 44  LYS A C   1 
ATOM   311  O O   . LYS A 1 49  ? 9.651   -3.617  -1.722  1.00 11.77 ? 44  LYS A O   1 
ATOM   312  C CB  . LYS A 1 49  ? 11.784  -6.116  -2.031  1.00 12.03 ? 44  LYS A CB  1 
ATOM   313  C CG  . LYS A 1 49  ? 12.125  -5.174  -3.206  1.00 14.22 ? 44  LYS A CG  1 
ATOM   314  C CD  . LYS A 1 49  ? 13.259  -5.635  -4.040  1.00 17.89 ? 44  LYS A CD  1 
ATOM   315  C CE  . LYS A 1 49  ? 12.799  -6.787  -4.796  1.00 15.55 ? 44  LYS A CE  1 
ATOM   316  N NZ  . LYS A 1 49  ? 13.959  -7.400  -5.602  1.00 19.18 ? 44  LYS A NZ  1 
ATOM   317  N N   . PHE A 1 50  ? 8.747   -5.649  -1.786  1.00 12.39 ? 45  PHE A N   1 
ATOM   318  C CA  . PHE A 1 50  ? 7.471   -5.181  -2.227  1.00 12.74 ? 45  PHE A CA  1 
ATOM   319  C C   . PHE A 1 50  ? 6.905   -4.111  -1.392  1.00 12.07 ? 45  PHE A C   1 
ATOM   320  O O   . PHE A 1 50  ? 6.421   -3.046  -1.849  1.00 11.13 ? 45  PHE A O   1 
ATOM   321  C CB  . PHE A 1 50  ? 6.470   -6.341  -2.302  1.00 12.36 ? 45  PHE A CB  1 
ATOM   322  C CG  . PHE A 1 50  ? 5.038   -5.917  -2.647  1.00 13.01 ? 45  PHE A CG  1 
ATOM   323  C CD1 . PHE A 1 50  ? 4.705   -5.720  -3.938  1.00 14.65 ? 45  PHE A CD1 1 
ATOM   324  C CD2 . PHE A 1 50  ? 4.113   -5.622  -1.682  1.00 13.16 ? 45  PHE A CD2 1 
ATOM   325  C CE1 . PHE A 1 50  ? 3.458   -5.248  -4.308  1.00 12.67 ? 45  PHE A CE1 1 
ATOM   326  C CE2 . PHE A 1 50  ? 2.856   -5.111  -2.041  1.00 11.90 ? 45  PHE A CE2 1 
ATOM   327  C CZ  . PHE A 1 50  ? 2.516   -4.954  -3.311  1.00 13.18 ? 45  PHE A CZ  1 
ATOM   328  N N   . SER A 1 51  ? 6.955   -4.322  -0.056  1.00 10.64 ? 46  SER A N   1 
ATOM   329  C CA  . SER A 1 51  ? 6.398   -3.382  0.889   1.00 10.74 ? 46  SER A CA  1 
ATOM   330  C C   . SER A 1 51  ? 7.060   -2.059  0.775   1.00 11.94 ? 46  SER A C   1 
ATOM   331  O O   . SER A 1 51  ? 6.449   -0.996  0.780   1.00 11.80 ? 46  SER A O   1 
ATOM   332  C CB  . SER A 1 51  ? 6.518   -3.965  2.333   1.00 12.31 ? 46  SER A CB  1 
ATOM   333  O OG  . SER A 1 51  ? 5.761   -5.136  2.486   1.00 13.04 ? 46  SER A OG  1 
ATOM   334  N N   . TYR A 1 52  ? 8.380   -2.026  0.771   1.00 11.31 ? 47  TYR A N   1 
ATOM   335  C CA  . TYR A 1 52  ? 9.126   -0.829  0.614   1.00 11.48 ? 47  TYR A CA  1 
ATOM   336  C C   . TYR A 1 52  ? 8.910   -0.110  -0.736  1.00 10.04 ? 47  TYR A C   1 
ATOM   337  O O   . TYR A 1 52  ? 8.849   1.132   -0.706  1.00 11.46 ? 47  TYR A O   1 
ATOM   338  C CB  . TYR A 1 52  ? 10.624  -1.012  0.818   1.00 13.11 ? 47  TYR A CB  1 
ATOM   339  C CG  . TYR A 1 52  ? 11.079  -0.819  2.270   1.00 15.20 ? 47  TYR A CG  1 
ATOM   340  C CD1 . TYR A 1 52  ? 11.473  0.424   2.694   1.00 18.09 ? 47  TYR A CD1 1 
ATOM   341  C CD2 . TYR A 1 52  ? 11.175  -1.844  3.149   1.00 14.98 ? 47  TYR A CD2 1 
ATOM   342  C CE1 . TYR A 1 52  ? 12.030  0.625   3.943   1.00 17.72 ? 47  TYR A CE1 1 
ATOM   343  C CE2 . TYR A 1 52  ? 11.668  -1.658  4.465   1.00 16.79 ? 47  TYR A CE2 1 
ATOM   344  C CZ  . TYR A 1 52  ? 12.047  -0.348  4.780   1.00 15.49 ? 47  TYR A CZ  1 
ATOM   345  O OH  . TYR A 1 52  ? 12.664  -0.087  6.035   1.00 23.30 ? 47  TYR A OH  1 
ATOM   346  N N   . LYS A 1 53  ? 8.822   -0.868  -1.799  1.00 10.22 ? 48  LYS A N   1 
ATOM   347  C CA  . LYS A 1 53  ? 8.579   -0.196  -3.092  1.00 10.44 ? 48  LYS A CA  1 
ATOM   348  C C   . LYS A 1 53  ? 7.196   0.433   -3.166  1.00 10.34 ? 48  LYS A C   1 
ATOM   349  O O   . LYS A 1 53  ? 7.042   1.567   -3.631  1.00 11.28 ? 48  LYS A O   1 
ATOM   350  C CB  . LYS A 1 53  ? 8.809   -1.183  -4.213  1.00 11.15 ? 48  LYS A CB  1 
ATOM   351  C CG  . LYS A 1 53  ? 10.270  -1.732  -4.291  1.00 12.66 ? 48  LYS A CG  1 
ATOM   352  C CD  . LYS A 1 53  ? 11.318  -0.659  -4.540  1.00 14.60 ? 48  LYS A CD  1 
ATOM   353  C CE  . LYS A 1 53  ? 12.711  -1.195  -4.352  1.00 14.25 ? 48  LYS A CE  1 
ATOM   354  N NZ  . LYS A 1 53  ? 13.748  -0.279  -4.853  1.00 15.39 ? 48  LYS A NZ  1 
ATOM   355  N N   . LEU A 1 54  ? 6.234   -0.269  -2.631  1.00 11.28 ? 49  LEU A N   1 
ATOM   356  C CA  . LEU A 1 54  ? 4.861   0.310   -2.617  1.00 10.09 ? 49  LEU A CA  1 
ATOM   357  C C   . LEU A 1 54  ? 4.769   1.453   -1.766  1.00 10.32 ? 49  LEU A C   1 
ATOM   358  O O   . LEU A 1 54  ? 4.201   2.529   -2.113  1.00 10.36 ? 49  LEU A O   1 
ATOM   359  C CB  . LEU A 1 54  ? 3.865   -0.772  -2.158  1.00 11.73 ? 49  LEU A CB  1 
ATOM   360  C CG  . LEU A 1 54  ? 2.360   -0.350  -2.288  1.00 11.73 ? 49  LEU A CG  1 
ATOM   361  C CD1 . LEU A 1 54  ? 1.968   -0.124  -3.719  1.00 17.06 ? 49  LEU A CD1 1 
ATOM   362  C CD2 . LEU A 1 54  ? 1.427   -1.349  -1.625  1.00 11.95 ? 49  LEU A CD2 1 
ATOM   363  N N   . GLU A 1 55  ? 5.472   1.458   -0.582  1.00 9.54  ? 50  GLU A N   1 
ATOM   364  C CA  . GLU A 1 55  ? 5.488   2.591   0.254   1.00 10.71 ? 50  GLU A CA  1 
ATOM   365  C C   . GLU A 1 55  ? 6.181   3.775   -0.423  1.00 10.40 ? 50  GLU A C   1 
ATOM   366  O O   . GLU A 1 55  ? 5.716   4.916   -0.236  1.00 11.00 ? 50  GLU A O   1 
ATOM   367  C CB  . GLU A 1 55  ? 6.089   2.263   1.642   1.00 12.10 ? 50  GLU A CB  1 
ATOM   368  C CG  . GLU A 1 55  ? 6.083   3.284   2.614   1.00 12.97 ? 50  GLU A CG  1 
ATOM   369  C CD  . GLU A 1 55  ? 6.338   2.706   4.004   1.00 13.06 ? 50  GLU A CD  1 
ATOM   370  O OE1 . GLU A 1 55  ? 7.552   2.502   4.287   1.00 15.10 ? 50  GLU A OE1 1 
ATOM   371  O OE2 . GLU A 1 55  ? 5.420   2.415   4.761   1.00 12.17 ? 50  GLU A OE2 1 
ATOM   372  N N   . TYR A 1 56  ? 7.302   3.545   -1.077  1.00 11.22 ? 51  TYR A N   1 
ATOM   373  C CA  . TYR A 1 56  ? 7.932   4.591   -1.893  1.00 13.28 ? 51  TYR A CA  1 
ATOM   374  C C   . TYR A 1 56  ? 6.937   5.269   -2.796  1.00 10.48 ? 51  TYR A C   1 
ATOM   375  O O   . TYR A 1 56  ? 6.820   6.489   -2.813  1.00 12.19 ? 51  TYR A O   1 
ATOM   376  C CB  . TYR A 1 56  ? 9.103   4.006   -2.652  1.00 13.88 ? 51  TYR A CB  1 
ATOM   377  C CG  . TYR A 1 56  ? 9.847   5.055   -3.525  1.00 18.68 ? 51  TYR A CG  1 
ATOM   378  C CD1 . TYR A 1 56  ? 9.259   5.658   -4.633  1.00 16.79 ? 51  TYR A CD1 1 
ATOM   379  C CD2 . TYR A 1 56  ? 11.166  5.417   -3.228  1.00 22.60 ? 51  TYR A CD2 1 
ATOM   380  C CE1 . TYR A 1 56  ? 9.898   6.642   -5.419  1.00 20.56 ? 51  TYR A CE1 1 
ATOM   381  C CE2 . TYR A 1 56  ? 11.834  6.320   -4.050  1.00 23.28 ? 51  TYR A CE2 1 
ATOM   382  C CZ  . TYR A 1 56  ? 11.140  6.943   -5.046  1.00 21.68 ? 51  TYR A CZ  1 
ATOM   383  O OH  . TYR A 1 56  ? 11.799  7.886   -5.876  1.00 26.28 ? 51  TYR A OH  1 
ATOM   384  N N   . LEU A 1 57  ? 6.193   4.471   -3.518  1.00 10.56 ? 52  LEU A N   1 
ATOM   385  C CA  . LEU A 1 57  ? 5.201   5.051   -4.471  1.00 11.43 ? 52  LEU A CA  1 
ATOM   386  C C   . LEU A 1 57  ? 4.148   5.828   -3.722  1.00 11.55 ? 52  LEU A C   1 
ATOM   387  O O   . LEU A 1 57  ? 3.762   6.962   -4.116  1.00 12.25 ? 52  LEU A O   1 
ATOM   388  C CB  . LEU A 1 57  ? 4.598   3.980   -5.336  1.00 12.58 ? 52  LEU A CB  1 
ATOM   389  C CG  . LEU A 1 57  ? 5.602   3.254   -6.232  1.00 12.84 ? 52  LEU A CG  1 
ATOM   390  C CD1 . LEU A 1 57  ? 4.966   2.059   -6.824  1.00 11.87 ? 52  LEU A CD1 1 
ATOM   391  C CD2 . LEU A 1 57  ? 6.176   4.196   -7.299  1.00 13.60 ? 52  LEU A CD2 1 
ATOM   392  N N   . LEU A 1 58  ? 3.685   5.312   -2.567  1.00 10.01 ? 53  LEU A N   1 
ATOM   393  C CA  . LEU A 1 58  ? 2.658   5.959   -1.791  1.00 9.63  ? 53  LEU A CA  1 
ATOM   394  C C   . LEU A 1 58  ? 3.059   7.255   -1.223  1.00 11.21 ? 53  LEU A C   1 
ATOM   395  O O   . LEU A 1 58  ? 2.224   8.098   -0.829  1.00 11.82 ? 53  LEU A O   1 
ATOM   396  C CB  . LEU A 1 58  ? 2.116   5.004   -0.739  1.00 9.67  ? 53  LEU A CB  1 
ATOM   397  C CG  . LEU A 1 58  ? 1.226   3.873   -1.280  1.00 10.25 ? 53  LEU A CG  1 
ATOM   398  C CD1 . LEU A 1 58  ? 1.182   2.688   -0.345  1.00 10.58 ? 53  LEU A CD1 1 
ATOM   399  C CD2 . LEU A 1 58  ? -0.154  4.291   -1.713  1.00 11.91 ? 53  LEU A CD2 1 
ATOM   400  N N   . GLN A 1 59  ? 4.376   7.425   -1.013  1.00 12.00 ? 54  GLN A N   1 
ATOM   401  C CA  . GLN A 1 59  ? 4.934   8.617   -0.394  1.00 13.41 ? 54  GLN A CA  1 
ATOM   402  C C   . GLN A 1 59  ? 5.469   9.581   -1.501  1.00 14.21 ? 54  GLN A C   1 
ATOM   403  O O   . GLN A 1 59  ? 5.909   10.704  -1.101  1.00 16.17 ? 54  GLN A O   1 
ATOM   404  C CB  . GLN A 1 59  ? 6.003   8.322   0.716   1.00 14.09 ? 54  GLN A CB  1 
ATOM   405  C CG  . GLN A 1 59  ? 5.340   7.486   1.856   1.00 15.25 ? 54  GLN A CG  1 
ATOM   406  C CD  . GLN A 1 59  ? 6.299   7.216   2.999   1.00 15.17 ? 54  GLN A CD  1 
ATOM   407  O OE1 . GLN A 1 59  ? 7.435   6.883   2.732   1.00 17.90 ? 54  GLN A OE1 1 
ATOM   408  N NE2 . GLN A 1 59  ? 5.833   7.256   4.190   1.00 17.55 ? 54  GLN A NE2 1 
ATOM   409  N N   . PHE A 1 60  ? 5.497   9.190   -2.733  1.00 13.28 ? 55  PHE A N   1 
ATOM   410  C CA  . PHE A 1 60  ? 6.139   9.925   -3.823  1.00 13.99 ? 55  PHE A CA  1 
ATOM   411  C C   . PHE A 1 60  ? 5.319   11.088  -4.220  1.00 15.38 ? 55  PHE A C   1 
ATOM   412  O O   . PHE A 1 60  ? 4.213   10.927  -4.674  1.00 14.62 ? 55  PHE A O   1 
ATOM   413  C CB  . PHE A 1 60  ? 6.470   8.996   -4.963  1.00 15.13 ? 55  PHE A CB  1 
ATOM   414  C CG  . PHE A 1 60  ? 7.157   9.664   -6.134  1.00 17.03 ? 55  PHE A CG  1 
ATOM   415  C CD1 . PHE A 1 60  ? 6.387   10.167  -7.219  1.00 17.12 ? 55  PHE A CD1 1 
ATOM   416  C CD2 . PHE A 1 60  ? 8.477   9.771   -6.199  1.00 19.06 ? 55  PHE A CD2 1 
ATOM   417  C CE1 . PHE A 1 60  ? 6.988   10.787  -8.313  1.00 16.54 ? 55  PHE A CE1 1 
ATOM   418  C CE2 . PHE A 1 60  ? 9.077   10.329  -7.302  1.00 20.50 ? 55  PHE A CE2 1 
ATOM   419  C CZ  . PHE A 1 60  ? 8.313   10.841  -8.335  1.00 18.44 ? 55  PHE A CZ  1 
ATOM   420  N N   . ASP A 1 61  ? 5.911   12.300  -4.136  1.00 15.44 ? 56  ASP A N   1 
ATOM   421  C CA  . ASP A 1 61  ? 5.213   13.543  -4.482  1.00 17.06 ? 56  ASP A CA  1 
ATOM   422  C C   . ASP A 1 61  ? 3.919   13.736  -3.689  1.00 15.50 ? 56  ASP A C   1 
ATOM   423  O O   . ASP A 1 61  ? 2.917   14.247  -4.108  1.00 13.91 ? 56  ASP A O   1 
ATOM   424  C CB  . ASP A 1 61  ? 4.984   13.652  -5.994  1.00 16.30 ? 56  ASP A CB  1 
ATOM   425  C CG  . ASP A 1 61  ? 6.009   14.562  -6.693  1.00 17.81 ? 56  ASP A CG  1 
ATOM   426  O OD1 . ASP A 1 61  ? 6.951   15.016  -6.030  1.00 20.51 ? 56  ASP A OD1 1 
ATOM   427  O OD2 . ASP A 1 61  ? 5.772   14.788  -7.916  1.00 23.23 ? 56  ASP A OD2 1 
ATOM   428  N N   . GLN A 1 62  ? 3.930   13.250  -2.434  1.00 17.65 ? 57  GLN A N   1 
ATOM   429  C CA  . GLN A 1 62  ? 2.828   13.337  -1.548  1.00 16.89 ? 57  GLN A CA  1 
ATOM   430  C C   . GLN A 1 62  ? 2.768   14.701  -1.026  1.00 17.60 ? 57  GLN A C   1 
ATOM   431  O O   . GLN A 1 62  ? 3.848   15.189  -0.540  1.00 19.66 ? 57  GLN A O   1 
ATOM   432  C CB  . GLN A 1 62  ? 2.879   12.188  -0.446  1.00 17.71 ? 57  GLN A CB  1 
ATOM   433  C CG  . GLN A 1 62  ? 1.682   12.180  0.425   1.00 18.55 ? 57  GLN A CG  1 
ATOM   434  C CD  . GLN A 1 62  ? 1.800   11.448  1.765   1.00 22.96 ? 57  GLN A CD  1 
ATOM   435  O OE1 . GLN A 1 62  ? 1.591   12.040  2.840   1.00 24.41 ? 57  GLN A OE1 1 
ATOM   436  N NE2 . GLN A 1 62  ? 1.948   10.156  1.708   1.00 18.52 ? 57  GLN A NE2 1 
ATOM   437  N N   . LYS A 1 63  ? 1.644   15.371  -0.992  1.00 17.59 ? 58  LYS A N   1 
ATOM   438  C CA  . LYS A 1 63  ? 1.476   16.651  -0.337  1.00 20.26 ? 58  LYS A CA  1 
ATOM   439  C C   . LYS A 1 63  ? 1.596   16.469  1.171   1.00 20.47 ? 58  LYS A C   1 
ATOM   440  O O   . LYS A 1 63  ? 1.130   15.433  1.704   1.00 22.92 ? 58  LYS A O   1 
ATOM   441  C CB  . LYS A 1 63  ? 0.191   17.294  -0.721  1.00 19.52 ? 58  LYS A CB  1 
ATOM   442  C CG  . LYS A 1 63  ? 0.231   17.738  -2.196  1.00 20.72 ? 58  LYS A CG  1 
ATOM   443  C CD  . LYS A 1 63  ? -1.085  18.182  -2.770  1.00 21.77 ? 58  LYS A CD  1 
ATOM   444  C CE  . LYS A 1 63  ? -0.938  18.728  -4.183  1.00 23.00 ? 58  LYS A CE  1 
ATOM   445  N NZ  . LYS A 1 63  ? -2.202  19.223  -4.738  1.00 26.56 ? 58  LYS A NZ  1 
ATOM   446  N N   A GLU A 1 64  ? 2.150   17.457  1.865   0.50 22.41 ? 59  GLU A N   1 
ATOM   447  N N   B GLU A 1 64  ? 2.347   17.306  1.873   0.50 21.69 ? 59  GLU A N   1 
ATOM   448  C CA  A GLU A 1 64  ? 2.360   17.337  3.304   0.50 23.18 ? 59  GLU A CA  1 
ATOM   449  C CA  B GLU A 1 64  ? 2.527   17.104  3.334   0.50 21.34 ? 59  GLU A CA  1 
ATOM   450  C C   A GLU A 1 64  ? 1.119   17.757  4.020   0.50 22.19 ? 59  GLU A C   1 
ATOM   451  C C   B GLU A 1 64  ? 1.333   17.699  4.100   0.50 20.49 ? 59  GLU A C   1 
ATOM   452  O O   A GLU A 1 64  ? 0.537   18.836  3.703   0.50 23.63 ? 59  GLU A O   1 
ATOM   453  O O   B GLU A 1 64  ? 1.048   18.861  3.944   0.50 20.23 ? 59  GLU A O   1 
ATOM   454  C CB  A GLU A 1 64  ? 3.495   18.252  3.735   0.50 23.68 ? 59  GLU A CB  1 
ATOM   455  C CB  B GLU A 1 64  ? 3.801   17.826  3.796   0.50 23.01 ? 59  GLU A CB  1 
ATOM   456  C CG  A GLU A 1 64  ? 3.570   18.463  5.241   0.50 27.25 ? 59  GLU A CG  1 
ATOM   457  C CG  B GLU A 1 64  ? 5.057   17.374  3.095   0.50 26.57 ? 59  GLU A CG  1 
ATOM   458  C CD  A GLU A 1 64  ? 4.960   18.867  5.682   0.50 30.95 ? 59  GLU A CD  1 
ATOM   459  C CD  B GLU A 1 64  ? 5.852   16.374  3.903   0.50 31.21 ? 59  GLU A CD  1 
ATOM   460  O OE1 A GLU A 1 64  ? 5.169   18.959  6.905   0.50 30.62 ? 59  GLU A OE1 1 
ATOM   461  O OE1 B GLU A 1 64  ? 5.613   16.287  5.131   0.50 35.52 ? 59  GLU A OE1 1 
ATOM   462  O OE2 A GLU A 1 64  ? 5.845   19.074  4.810   0.50 32.58 ? 59  GLU A OE2 1 
ATOM   463  O OE2 B GLU A 1 64  ? 6.735   15.702  3.323   0.50 34.86 ? 59  GLU A OE2 1 
ATOM   464  N N   . LYS A 1 65  ? 0.674   16.912  4.984   1.00 19.21 ? 60  LYS A N   1 
ATOM   465  C CA  . LYS A 1 65  ? -0.523  17.280  5.740   1.00 18.49 ? 60  LYS A CA  1 
ATOM   466  C C   . LYS A 1 65  ? -0.378  16.848  7.191   1.00 16.46 ? 60  LYS A C   1 
ATOM   467  O O   . LYS A 1 65  ? 0.360   15.940  7.460   1.00 17.26 ? 60  LYS A O   1 
ATOM   468  C CB  . LYS A 1 65  ? -1.773  16.609  5.190   1.00 19.85 ? 60  LYS A CB  1 
ATOM   469  C CG  . LYS A 1 65  ? -2.073  17.035  3.735   1.00 20.55 ? 60  LYS A CG  1 
ATOM   470  C CD  . LYS A 1 65  ? -3.389  16.446  3.204   1.00 21.80 ? 60  LYS A CD  1 
ATOM   471  C CE  . LYS A 1 65  ? -3.580  16.556  1.743   1.00 23.73 ? 60  LYS A CE  1 
ATOM   472  N NZ  . LYS A 1 65  ? -3.824  17.894  1.213   1.00 25.68 ? 60  LYS A NZ  1 
ATOM   473  N N   . ALA A 1 66  ? -1.171  17.490  8.049   1.00 18.08 ? 61  ALA A N   1 
ATOM   474  C CA  . ALA A 1 66  ? -1.062  17.236  9.492   1.00 18.62 ? 61  ALA A CA  1 
ATOM   475  C C   . ALA A 1 66  ? -2.451  17.435  10.101  1.00 18.16 ? 61  ALA A C   1 
ATOM   476  O O   . ALA A 1 66  ? -3.287  18.162  9.557   1.00 21.08 ? 61  ALA A O   1 
ATOM   477  C CB  . ALA A 1 66  ? 0.013   18.222  10.113  1.00 20.01 ? 61  ALA A CB  1 
ATOM   478  N N   . THR A 1 67  ? -2.706  16.920  11.316  1.00 19.82 ? 62  THR A N   1 
ATOM   479  C CA  . THR A 1 67  ? -3.902  17.284  12.150  1.00 22.73 ? 62  THR A CA  1 
ATOM   480  C C   . THR A 1 67  ? -3.768  18.673  12.771  1.00 24.90 ? 62  THR A C   1 
ATOM   481  O O   . THR A 1 67  ? -2.676  19.174  12.728  1.00 18.00 ? 62  THR A O   1 
ATOM   482  C CB  . THR A 1 67  ? -4.088  16.304  13.283  1.00 21.93 ? 62  THR A CB  1 
ATOM   483  O OG1 . THR A 1 67  ? -2.982  16.406  14.171  1.00 19.83 ? 62  THR A OG1 1 
ATOM   484  C CG2 . THR A 1 67  ? -3.999  14.850  12.761  1.00 23.59 ? 62  THR A CG2 1 
ATOM   485  N N   . LEU A 1 68  ? -4.780  19.274  13.406  1.00 22.10 ? 63  LEU A N   1 
ATOM   486  C CA  . LEU A 1 68  ? -4.623  20.563  14.005  1.00 22.73 ? 63  LEU A CA  1 
ATOM   487  C C   . LEU A 1 68  ? -3.661  20.553  15.190  1.00 18.88 ? 63  LEU A C   1 
ATOM   488  O O   . LEU A 1 68  ? -3.064  21.597  15.442  1.00 25.45 ? 63  LEU A O   1 
ATOM   489  C CB  . LEU A 1 68  ? -5.956  21.186  14.440  1.00 22.10 ? 63  LEU A CB  1 
ATOM   490  C CG  . LEU A 1 68  ? -6.049  22.658  14.864  1.00 22.71 ? 63  LEU A CG  1 
ATOM   491  C CD1 . LEU A 1 68  ? -5.679  23.528  13.691  1.00 27.50 ? 63  LEU A CD1 1 
ATOM   492  C CD2 . LEU A 1 68  ? -7.489  22.864  15.351  1.00 29.22 ? 63  LEU A CD2 1 
ATOM   493  N N   . LEU A 1 69  ? -3.405  19.419  15.807  1.00 20.23 ? 64  LEU A N   1 
ATOM   494  C CA  . LEU A 1 69  ? -2.323  19.209  16.828  1.00 22.34 ? 64  LEU A CA  1 
ATOM   495  C C   . LEU A 1 69  ? -0.920  18.936  16.283  1.00 18.00 ? 64  LEU A C   1 
ATOM   496  O O   . LEU A 1 69  ? 0.039   18.904  17.055  1.00 17.93 ? 64  LEU A O   1 
ATOM   497  C CB  . LEU A 1 69  ? -2.700  18.090  17.793  1.00 26.29 ? 64  LEU A CB  1 
ATOM   498  C CG  . LEU A 1 69  ? -3.905  18.390  18.699  1.00 30.11 ? 64  LEU A CG  1 
ATOM   499  C CD1 . LEU A 1 69  ? -4.043  17.365  19.804  1.00 31.16 ? 64  LEU A CD1 1 
ATOM   500  C CD2 . LEU A 1 69  ? -3.774  19.787  19.326  1.00 31.92 ? 64  LEU A CD2 1 
ATOM   501  N N   . GLY A 1 70  ? -0.802  18.818  14.983  1.00 17.46 ? 65  GLY A N   1 
ATOM   502  C CA  . GLY A 1 70  ? 0.479   18.699  14.343  1.00 16.58 ? 65  GLY A CA  1 
ATOM   503  C C   . GLY A 1 70  ? 0.994   17.323  14.009  1.00 15.51 ? 65  GLY A C   1 
ATOM   504  O O   . GLY A 1 70  ? 2.065   17.169  13.510  1.00 16.87 ? 65  GLY A O   1 
ATOM   505  N N   . ASN A 1 71  ? 0.167   16.320  14.275  1.00 17.38 ? 66  ASN A N   1 
ATOM   506  C CA  . ASN A 1 71  ? 0.620   14.997  13.985  1.00 18.46 ? 66  ASN A CA  1 
ATOM   507  C C   . ASN A 1 71  ? 0.625   14.745  12.486  1.00 19.19 ? 66  ASN A C   1 
ATOM   508  O O   . ASN A 1 71  ? -0.276  15.246  11.819  1.00 20.06 ? 66  ASN A O   1 
ATOM   509  C CB  . ASN A 1 71  ? -0.300  14.017  14.718  1.00 21.88 ? 66  ASN A CB  1 
ATOM   510  C CG  . ASN A 1 71  ? -0.025  13.958  16.232  1.00 26.30 ? 66  ASN A CG  1 
ATOM   511  O OD1 . ASN A 1 71  ? 1.123   14.033  16.647  1.00 30.76 ? 66  ASN A OD1 1 
ATOM   512  N ND2 . ASN A 1 71  ? -1.056  13.762  17.014  1.00 35.18 ? 66  ASN A ND2 1 
ATOM   513  N N   . LYS A 1 72  ? 1.582   13.969  12.015  1.00 19.21 ? 67  LYS A N   1 
ATOM   514  C CA  . LYS A 1 72  ? 1.746   13.732  10.639  1.00 20.98 ? 67  LYS A CA  1 
ATOM   515  C C   . LYS A 1 72  ? 0.624   12.898  10.047  1.00 18.47 ? 67  LYS A C   1 
ATOM   516  O O   . LYS A 1 72  ? 0.287   11.851  10.634  1.00 20.72 ? 67  LYS A O   1 
ATOM   517  C CB  . LYS A 1 72  ? 3.009   12.936  10.359  1.00 23.78 ? 67  LYS A CB  1 
ATOM   518  C CG  . LYS A 1 72  ? 4.262   13.729  10.668  1.00 34.49 ? 67  LYS A CG  1 
ATOM   519  C CD  . LYS A 1 72  ? 5.448   12.786  10.810  1.00 37.60 ? 67  LYS A CD  1 
ATOM   520  C CE  . LYS A 1 72  ? 6.578   13.356  11.680  1.00 41.04 ? 67  LYS A CE  1 
ATOM   521  N NZ  . LYS A 1 72  ? 7.739   12.413  11.652  1.00 45.51 ? 67  LYS A NZ  1 
ATOM   522  N N   . LYS A 1 73  ? 0.100   13.315  8.927   1.00 16.65 ? 68  LYS A N   1 
ATOM   523  C CA  . LYS A 1 73  ? -0.829  12.433  8.162   1.00 17.59 ? 68  LYS A CA  1 
ATOM   524  C C   . LYS A 1 73  ? 0.105   11.750  7.116   1.00 17.03 ? 68  LYS A C   1 
ATOM   525  O O   . LYS A 1 73  ? 1.207   12.233  6.713   1.00 17.73 ? 68  LYS A O   1 
ATOM   526  C CB  . LYS A 1 73  ? -1.875  13.224  7.569   1.00 17.41 ? 68  LYS A CB  1 
ATOM   527  C CG  . LYS A 1 73  ? -2.885  13.751  8.600   1.00 17.71 ? 68  LYS A CG  1 
ATOM   528  C CD  . LYS A 1 73  ? -4.115  14.390  7.916   1.00 21.56 ? 68  LYS A CD  1 
ATOM   529  C CE  . LYS A 1 73  ? -5.042  15.004  8.938   1.00 25.71 ? 68  LYS A CE  1 
ATOM   530  N NZ  . LYS A 1 73  ? -6.202  15.560  8.182   1.00 29.95 ? 68  LYS A NZ  1 
ATOM   531  N N   . ASP A 1 74  ? -0.327  10.634  6.528   1.00 13.07 ? 69  ASP A N   1 
ATOM   532  C CA  . ASP A 1 74  ? 0.405   9.924   5.523   1.00 12.92 ? 69  ASP A CA  1 
ATOM   533  C C   . ASP A 1 74  ? -0.607  9.185   4.637   1.00 10.31 ? 69  ASP A C   1 
ATOM   534  O O   . ASP A 1 74  ? -1.771  9.452   4.643   1.00 11.80 ? 69  ASP A O   1 
ATOM   535  C CB  . ASP A 1 74  ? 1.478   9.011   6.190   1.00 13.17 ? 69  ASP A CB  1 
ATOM   536  C CG  . ASP A 1 74  ? 2.690   8.796   5.318   1.00 14.86 ? 69  ASP A CG  1 
ATOM   537  O OD1 . ASP A 1 74  ? 2.657   8.649   4.110   1.00 14.62 ? 69  ASP A OD1 1 
ATOM   538  O OD2 . ASP A 1 74  ? 3.810   8.678   5.906   1.00 23.23 ? 69  ASP A OD2 1 
ATOM   539  N N   . TYR A 1 75  ? -0.080  8.219   3.877   1.00 10.47 ? 70  TYR A N   1 
ATOM   540  C CA  . TYR A 1 75  ? -0.984  7.542   2.945   1.00 10.18 ? 70  TYR A CA  1 
ATOM   541  C C   . TYR A 1 75  ? -2.163  6.815   3.552   1.00 9.01  ? 70  TYR A C   1 
ATOM   542  O O   . TYR A 1 75  ? -3.190  6.677   2.889   1.00 9.41  ? 70  TYR A O   1 
ATOM   543  C CB  . TYR A 1 75  ? -0.184  6.619   2.060   1.00 9.84  ? 70  TYR A CB  1 
ATOM   544  C CG  . TYR A 1 75  ? 0.667   5.517   2.704   1.00 9.60  ? 70  TYR A CG  1 
ATOM   545  C CD1 . TYR A 1 75  ? 0.111   4.292   2.994   1.00 9.93  ? 70  TYR A CD1 1 
ATOM   546  C CD2 . TYR A 1 75  ? 2.007   5.674   3.076   1.00 10.57 ? 70  TYR A CD2 1 
ATOM   547  C CE1 . TYR A 1 75  ? 0.801   3.243   3.562   1.00 10.34 ? 70  TYR A CE1 1 
ATOM   548  C CE2 . TYR A 1 75  ? 2.702   4.654   3.664   1.00 10.91 ? 70  TYR A CE2 1 
ATOM   549  C CZ  . TYR A 1 75  ? 2.106   3.458   3.890   1.00 10.65 ? 70  TYR A CZ  1 
ATOM   550  O OH  . TYR A 1 75  ? 2.723   2.368   4.445   1.00 11.26 ? 70  TYR A OH  1 
ATOM   551  N N   . TRP A 1 76  ? -2.062  6.401   4.815   1.00 9.56  ? 71  TRP A N   1 
ATOM   552  C CA  . TRP A 1 76  ? -3.190  5.850   5.500   1.00 9.76  ? 71  TRP A CA  1 
ATOM   553  C C   . TRP A 1 76  ? -4.344  6.811   5.467   1.00 9.90  ? 71  TRP A C   1 
ATOM   554  O O   . TRP A 1 76  ? -5.546  6.443   5.285   1.00 9.89  ? 71  TRP A O   1 
ATOM   555  C CB  . TRP A 1 76  ? -2.840  5.661   6.991   1.00 10.54 ? 71  TRP A CB  1 
ATOM   556  C CG  . TRP A 1 76  ? -3.966  5.541   7.943   1.00 10.27 ? 71  TRP A CG  1 
ATOM   557  C CD1 . TRP A 1 76  ? -4.238  6.420   8.898   1.00 10.56 ? 71  TRP A CD1 1 
ATOM   558  C CD2 . TRP A 1 76  ? -4.959  4.500   8.069   1.00 10.86 ? 71  TRP A CD2 1 
ATOM   559  N NE1 . TRP A 1 76  ? -5.384  6.065   9.551   1.00 13.26 ? 71  TRP A NE1 1 
ATOM   560  C CE2 . TRP A 1 76  ? -5.836  4.874   9.090   1.00 11.41 ? 71  TRP A CE2 1 
ATOM   561  C CE3 . TRP A 1 76  ? -5.229  3.294   7.363   1.00 10.88 ? 71  TRP A CE3 1 
ATOM   562  C CZ2 . TRP A 1 76  ? -6.910  4.088   9.483   1.00 11.67 ? 71  TRP A CZ2 1 
ATOM   563  C CZ3 . TRP A 1 76  ? -6.306  2.543   7.719   1.00 11.59 ? 71  TRP A CZ3 1 
ATOM   564  C CH2 . TRP A 1 76  ? -7.111  2.921   8.758   1.00 11.25 ? 71  TRP A CH2 1 
ATOM   565  N N   . ASP A 1 77  ? -4.093  8.106   5.689   1.00 10.56 ? 72  ASP A N   1 
ATOM   566  C CA  . ASP A 1 77  ? -5.073  9.118   5.739   1.00 11.38 ? 72  ASP A CA  1 
ATOM   567  C C   . ASP A 1 77  ? -5.679  9.347   4.327   1.00 11.63 ? 72  ASP A C   1 
ATOM   568  O O   . ASP A 1 77  ? -6.879  9.586   4.204   1.00 12.53 ? 72  ASP A O   1 
ATOM   569  C CB  . ASP A 1 77  ? -4.525  10.398  6.338   1.00 11.65 ? 72  ASP A CB  1 
ATOM   570  C CG  . ASP A 1 77  ? -4.007  10.176  7.764   1.00 12.60 ? 72  ASP A CG  1 
ATOM   571  O OD1 . ASP A 1 77  ? -4.833  10.240  8.666   1.00 16.46 ? 72  ASP A OD1 1 
ATOM   572  O OD2 . ASP A 1 77  ? -2.810  9.950   7.907   1.00 14.25 ? 72  ASP A OD2 1 
ATOM   573  N N   . TYR A 1 78  ? -4.852  9.219   3.294   1.00 10.26 ? 73  TYR A N   1 
ATOM   574  C CA  . TYR A 1 78  ? -5.362  9.194   1.902   1.00 11.28 ? 73  TYR A CA  1 
ATOM   575  C C   . TYR A 1 78  ? -6.318  8.054   1.686   1.00 10.04 ? 73  TYR A C   1 
ATOM   576  O O   . TYR A 1 78  ? -7.425  8.239   1.143   1.00 10.98 ? 73  TYR A O   1 
ATOM   577  C CB  . TYR A 1 78  ? -4.159  9.150   0.941   1.00 10.80 ? 73  TYR A CB  1 
ATOM   578  C CG  . TYR A 1 78  ? -4.440  8.821   -0.470  1.00 10.26 ? 73  TYR A CG  1 
ATOM   579  C CD1 . TYR A 1 78  ? -5.276  9.614   -1.291  1.00 11.76 ? 73  TYR A CD1 1 
ATOM   580  C CD2 . TYR A 1 78  ? -4.079  7.620   -0.978  1.00 10.76 ? 73  TYR A CD2 1 
ATOM   581  C CE1 . TYR A 1 78  ? -5.577  9.292   -2.548  1.00 11.74 ? 73  TYR A CE1 1 
ATOM   582  C CE2 . TYR A 1 78  ? -4.340  7.283   -2.275  1.00 10.46 ? 73  TYR A CE2 1 
ATOM   583  C CZ  . TYR A 1 78  ? -5.115  8.096   -3.061  1.00 10.07 ? 73  TYR A CZ  1 
ATOM   584  O OH  . TYR A 1 78  ? -5.394  7.738   -4.345  1.00 11.19 ? 73  TYR A OH  1 
ATOM   585  N N   . PHE A 1 79  ? -5.993  6.848   2.151   1.00 9.75  ? 74  PHE A N   1 
ATOM   586  C CA  . PHE A 1 79  ? -6.868  5.722   1.981   1.00 10.94 ? 74  PHE A CA  1 
ATOM   587  C C   . PHE A 1 79  ? -8.162  5.970   2.710   1.00 11.26 ? 74  PHE A C   1 
ATOM   588  O O   . PHE A 1 79  ? -9.268  5.631   2.178   1.00 12.22 ? 74  PHE A O   1 
ATOM   589  C CB  . PHE A 1 79  ? -6.220  4.430   2.596   1.00 12.30 ? 74  PHE A CB  1 
ATOM   590  C CG  . PHE A 1 79  ? -4.960  3.925   1.914   1.00 11.54 ? 74  PHE A CG  1 
ATOM   591  C CD1 . PHE A 1 79  ? -4.637  4.207   0.639   1.00 11.92 ? 74  PHE A CD1 1 
ATOM   592  C CD2 . PHE A 1 79  ? -4.145  3.171   2.666   1.00 11.67 ? 74  PHE A CD2 1 
ATOM   593  C CE1 . PHE A 1 79  ? -3.436  3.667   0.069   1.00 12.78 ? 74  PHE A CE1 1 
ATOM   594  C CE2 . PHE A 1 79  ? -2.943  2.593   2.098   1.00 13.48 ? 74  PHE A CE2 1 
ATOM   595  C CZ  . PHE A 1 79  ? -2.631  2.905   0.840   1.00 11.56 ? 74  PHE A CZ  1 
ATOM   596  N N   . CYS A 1 80  ? -8.137  6.486   3.904   1.00 10.92 ? 75  CYS A N   1 
ATOM   597  C CA  . CYS A 1 80  ? -9.382  6.783   4.655   1.00 11.47 ? 75  CYS A CA  1 
ATOM   598  C C   . CYS A 1 80  ? -10.268 7.800   3.877   1.00 11.58 ? 75  CYS A C   1 
ATOM   599  O O   . CYS A 1 80  ? -11.500 7.604   3.786   1.00 12.65 ? 75  CYS A O   1 
ATOM   600  C CB  . CYS A 1 80  ? -9.121  7.311   6.046   1.00 12.38 ? 75  CYS A CB  1 
ATOM   601  S SG  . CYS A 1 80  ? -8.436  6.147   7.218   1.00 12.68 ? 75  CYS A SG  1 
ATOM   602  N N   . ALA A 1 81  ? -9.653  8.808   3.379   1.00 12.63 ? 76  ALA A N   1 
ATOM   603  C CA  . ALA A 1 81  ? -10.355 9.850   2.624   1.00 12.53 ? 76  ALA A CA  1 
ATOM   604  C C   . ALA A 1 81  ? -11.034 9.270   1.390   1.00 13.04 ? 76  ALA A C   1 
ATOM   605  O O   . ALA A 1 81  ? -12.152 9.625   0.992   1.00 16.51 ? 76  ALA A O   1 
ATOM   606  C CB  . ALA A 1 81  ? -9.434  10.938  2.270   1.00 12.82 ? 76  ALA A CB  1 
ATOM   607  N N   . CYS A 1 82  ? -10.392 8.296   0.740   1.00 11.07 ? 77  CYS A N   1 
ATOM   608  C CA  . CYS A 1 82  ? -10.961 7.642   -0.449  1.00 12.15 ? 77  CYS A CA  1 
ATOM   609  C C   . CYS A 1 82  ? -11.971 6.631   -0.080  1.00 13.64 ? 77  CYS A C   1 
ATOM   610  O O   . CYS A 1 82  ? -13.033 6.486   -0.788  1.00 17.87 ? 77  CYS A O   1 
ATOM   611  C CB  . CYS A 1 82  ? -9.892  6.915   -1.269  1.00 14.18 ? 77  CYS A CB  1 
ATOM   612  S SG  . CYS A 1 82  ? -8.690  7.999   -2.099  1.00 13.05 ? 77  CYS A SG  1 
ATOM   613  N N   . LEU A 1 83  ? -11.808 5.871   0.925   1.00 14.29 ? 78  LEU A N   1 
ATOM   614  C CA  . LEU A 1 83  ? -12.567 4.642   1.147   1.00 16.10 ? 78  LEU A CA  1 
ATOM   615  C C   . LEU A 1 83  ? -13.379 4.515   2.524   1.00 18.06 ? 78  LEU A C   1 
ATOM   616  O O   . LEU A 1 83  ? -14.163 3.517   2.694   1.00 20.15 ? 78  LEU A O   1 
ATOM   617  C CB  . LEU A 1 83  ? -11.722 3.487   1.304   1.00 13.97 ? 78  LEU A CB  1 
ATOM   618  C CG  . LEU A 1 83  ? -10.673 3.222   0.235   1.00 14.74 ? 78  LEU A CG  1 
ATOM   619  C CD1 . LEU A 1 83  ? -9.663  2.158   0.697   1.00 19.25 ? 78  LEU A CD1 1 
ATOM   620  C CD2 . LEU A 1 83  ? -11.401 2.966   -1.103  1.00 15.25 ? 78  LEU A CD2 1 
ATOM   621  N N   . ALA A 1 84  ? -13.201 5.336   3.543   1.00 18.97 ? 79  ALA A N   1 
ATOM   622  C CA  . ALA A 1 84  ? -13.740 5.029   4.880   1.00 22.91 ? 79  ALA A CA  1 
ATOM   623  C C   . ALA A 1 84  ? -15.250 4.929   4.801   1.00 22.74 ? 79  ALA A C   1 
ATOM   624  O O   . ALA A 1 84  ? -15.892 4.259   5.582   1.00 25.31 ? 79  ALA A O   1 
ATOM   625  C CB  . ALA A 1 84  ? -13.336 6.133   5.915   1.00 24.46 ? 79  ALA A CB  1 
ATOM   626  N N   . LYS A 1 85  ? -15.793 5.720   3.906   1.00 27.17 ? 80  LYS A N   1 
ATOM   627  C CA  . LYS A 1 85  ? -17.215 5.683   3.605   1.00 33.37 ? 80  LYS A CA  1 
ATOM   628  C C   . LYS A 1 85  ? -17.078 5.410   2.175   1.00 40.90 ? 80  LYS A C   1 
ATOM   629  O O   . LYS A 1 85  ? -16.786 6.337   1.399   1.00 46.58 ? 80  LYS A O   1 
ATOM   630  C CB  . LYS A 1 85  ? -17.856 7.064   3.823   1.00 38.89 ? 80  LYS A CB  1 
ATOM   631  C CG  . LYS A 1 85  ? -17.195 8.004   4.827   1.00 45.46 ? 80  LYS A CG  1 
ATOM   632  C CD  . LYS A 1 85  ? -17.819 9.399   4.693   1.00 45.91 ? 80  LYS A CD  1 
ATOM   633  C CE  . LYS A 1 85  ? -16.958 10.471  5.344   1.00 46.63 ? 80  LYS A CE  1 
ATOM   634  N NZ  . LYS A 1 85  ? -17.427 11.847  5.053   1.00 47.17 ? 80  LYS A NZ  1 
ATOM   635  N N   . VAL A 1 86  ? -17.074 4.117   1.865   1.00 35.65 ? 81  VAL A N   1 
ATOM   636  C CA  . VAL A 1 86  ? -17.444 3.604   0.558   1.00 37.91 ? 81  VAL A CA  1 
ATOM   637  C C   . VAL A 1 86  ? -17.921 2.230   0.957   1.00 37.37 ? 81  VAL A C   1 
ATOM   638  O O   . VAL A 1 86  ? -17.136 1.423   1.491   1.00 28.63 ? 81  VAL A O   1 
ATOM   639  C CB  . VAL A 1 86  ? -16.278 3.527   -0.449  1.00 40.14 ? 81  VAL A CB  1 
ATOM   640  C CG1 . VAL A 1 86  ? -16.676 2.743   -1.695  1.00 41.75 ? 81  VAL A CG1 1 
ATOM   641  C CG2 . VAL A 1 86  ? -15.871 4.919   -0.874  1.00 39.97 ? 81  VAL A CG2 1 
ATOM   642  N N   . LYS A 1 87  ? -19.228 1.972   0.802   1.00 40.82 ? 82  LYS A N   1 
ATOM   643  C CA  . LYS A 1 87  ? -19.777 0.752   1.340   1.00 34.60 ? 82  LYS A CA  1 
ATOM   644  C C   . LYS A 1 87  ? -19.152 -0.422  0.584   1.00 28.31 ? 82  LYS A C   1 
ATOM   645  O O   . LYS A 1 87  ? -18.963 -0.443  -0.651  1.00 29.87 ? 82  LYS A O   1 
ATOM   646  C CB  . LYS A 1 87  ? -21.326 0.747   1.370   1.00 39.67 ? 82  LYS A CB  1 
ATOM   647  C CG  . LYS A 1 87  ? -21.943 1.647   2.440   1.00 45.35 ? 82  LYS A CG  1 
ATOM   648  C CD  . LYS A 1 87  ? -23.474 1.578   2.451   1.00 52.16 ? 82  LYS A CD  1 
ATOM   649  C CE  . LYS A 1 87  ? -24.106 2.473   3.518   1.00 52.41 ? 82  LYS A CE  1 
ATOM   650  N NZ  . LYS A 1 87  ? -24.124 3.929   3.183   1.00 48.70 ? 82  LYS A NZ  1 
ATOM   651  N N   . GLY A 1 88  ? -18.808 -1.383  1.355   1.00 23.53 ? 83  GLY A N   1 
ATOM   652  C CA  . GLY A 1 88  ? -18.112 -2.494  0.915   1.00 25.00 ? 83  GLY A CA  1 
ATOM   653  C C   . GLY A 1 88  ? -16.627 -2.440  0.902   1.00 24.00 ? 83  GLY A C   1 
ATOM   654  O O   . GLY A 1 88  ? -16.013 -3.504  0.848   1.00 29.57 ? 83  GLY A O   1 
ATOM   655  N N   . ALA A 1 89  ? -16.057 -1.235  0.936   1.00 20.64 ? 84  ALA A N   1 
ATOM   656  C CA  . ALA A 1 89  ? -14.638 -0.914  0.704   1.00 20.73 ? 84  ALA A CA  1 
ATOM   657  C C   . ALA A 1 89  ? -13.841 -0.614  1.926   1.00 19.54 ? 84  ALA A C   1 
ATOM   658  O O   . ALA A 1 89  ? -12.639 -0.315  1.821   1.00 20.86 ? 84  ALA A O   1 
ATOM   659  C CB  . ALA A 1 89  ? -14.583 0.268   -0.261  1.00 22.28 ? 84  ALA A CB  1 
ATOM   660  N N   . ASN A 1 90  ? -14.486 -0.584  3.068   1.00 17.81 ? 85  ASN A N   1 
ATOM   661  C CA  . ASN A 1 90  ? -13.902 -0.165  4.319   1.00 16.64 ? 85  ASN A CA  1 
ATOM   662  C C   . ASN A 1 90  ? -13.661 -1.218  5.330   1.00 15.72 ? 85  ASN A C   1 
ATOM   663  O O   . ASN A 1 90  ? -13.296 -0.961  6.463   1.00 14.92 ? 85  ASN A O   1 
ATOM   664  C CB  . ASN A 1 90  ? -14.770 0.913   4.889   1.00 18.74 ? 85  ASN A CB  1 
ATOM   665  C CG  . ASN A 1 90  ? -16.227 0.523   4.885   1.00 20.52 ? 85  ASN A CG  1 
ATOM   666  O OD1 . ASN A 1 90  ? -16.535 -0.658  4.707   1.00 22.49 ? 85  ASN A OD1 1 
ATOM   667  N ND2 . ASN A 1 90  ? -17.113 1.529   5.034   1.00 25.65 ? 85  ASN A ND2 1 
ATOM   668  N N   . ASP A 1 91  ? -13.652 -2.509  4.946   1.00 15.21 ? 86  ASP A N   1 
ATOM   669  C CA  . ASP A 1 91  ? -13.341 -3.536  5.930   1.00 15.94 ? 86  ASP A CA  1 
ATOM   670  C C   . ASP A 1 91  ? -11.924 -3.393  6.575   1.00 13.53 ? 86  ASP A C   1 
ATOM   671  O O   . ASP A 1 91  ? -11.711 -3.574  7.752   1.00 13.75 ? 86  ASP A O   1 
ATOM   672  C CB  . ASP A 1 91  ? -13.535 -4.984  5.368   1.00 17.52 ? 86  ASP A CB  1 
ATOM   673  C CG  . ASP A 1 91  ? -14.989 -5.361  5.087   1.00 22.86 ? 86  ASP A CG  1 
ATOM   674  O OD1 . ASP A 1 91  ? -15.910 -4.734  5.583   1.00 21.57 ? 86  ASP A OD1 1 
ATOM   675  O OD2 . ASP A 1 91  ? -15.149 -6.371  4.353   1.00 28.13 ? 86  ASP A OD2 1 
ATOM   676  N N   . GLY A 1 92  ? -10.967 -3.126  5.728   1.00 14.15 ? 87  GLY A N   1 
ATOM   677  C CA  . GLY A 1 92  ? -9.578  -2.968  6.155   1.00 13.74 ? 87  GLY A CA  1 
ATOM   678  C C   . GLY A 1 92  ? -9.411  -1.626  6.918   1.00 11.53 ? 87  GLY A C   1 
ATOM   679  O O   . GLY A 1 92  ? -8.611  -1.618  7.838   1.00 12.40 ? 87  GLY A O   1 
ATOM   680  N N   . ILE A 1 93  ? -10.099 -0.613  6.550   1.00 11.47 ? 88  ILE A N   1 
ATOM   681  C CA  . ILE A 1 93  ? -10.119 0.668   7.300   1.00 12.94 ? 88  ILE A CA  1 
ATOM   682  C C   . ILE A 1 93  ? -10.592 0.391   8.698   1.00 12.09 ? 88  ILE A C   1 
ATOM   683  O O   . ILE A 1 93  ? -9.951  0.790   9.692   1.00 12.65 ? 88  ILE A O   1 
ATOM   684  C CB  . ILE A 1 93  ? -10.990 1.733   6.614   1.00 12.84 ? 88  ILE A CB  1 
ATOM   685  C CG1 . ILE A 1 93  ? -10.520 2.146   5.235   1.00 13.53 ? 88  ILE A CG1 1 
ATOM   686  C CG2 . ILE A 1 93  ? -11.041 2.987   7.519   1.00 12.40 ? 88  ILE A CG2 1 
ATOM   687  C CD1 . ILE A 1 93  ? -9.119  2.738   5.177   1.00 13.57 ? 88  ILE A CD1 1 
ATOM   688  N N   . ARG A 1 94  ? -11.695 -0.338  8.846   1.00 12.06 ? 89  ARG A N   1 
ATOM   689  C CA  . ARG A 1 94  ? -12.238 -0.632  10.175  1.00 12.68 ? 89  ARG A CA  1 
ATOM   690  C C   . ARG A 1 94  ? -11.308 -1.533  10.935  1.00 12.69 ? 89  ARG A C   1 
ATOM   691  O O   . ARG A 1 94  ? -11.122 -1.358  12.142  1.00 13.48 ? 89  ARG A O   1 
ATOM   692  C CB  . ARG A 1 94  ? -13.604 -1.217  10.025  1.00 14.90 ? 89  ARG A CB  1 
ATOM   693  C CG  . ARG A 1 94  ? -14.686 -0.295  9.412   1.00 15.74 ? 89  ARG A CG  1 
ATOM   694  C CD  . ARG A 1 94  ? -15.854 -1.103  8.837   1.00 22.13 ? 89  ARG A CD  1 
ATOM   695  N NE  . ARG A 1 94  ? -16.975 -0.278  8.363   1.00 26.12 ? 89  ARG A NE  1 
ATOM   696  C CZ  . ARG A 1 94  ? -18.088 -0.806  7.797   1.00 29.79 ? 89  ARG A CZ  1 
ATOM   697  N NH1 . ARG A 1 94  ? -19.109 -0.039  7.434   1.00 32.58 ? 89  ARG A NH1 1 
ATOM   698  N NH2 . ARG A 1 94  ? -18.237 -2.096  7.695   1.00 32.31 ? 89  ARG A NH2 1 
ATOM   699  N N   . PHE A 1 95  ? -10.718 -2.549  10.275  1.00 12.31 ? 90  PHE A N   1 
ATOM   700  C CA  . PHE A 1 95  ? -9.824  -3.403  10.974  1.00 14.12 ? 90  PHE A CA  1 
ATOM   701  C C   . PHE A 1 95  ? -8.679  -2.587  11.592  1.00 11.68 ? 90  PHE A C   1 
ATOM   702  O O   . PHE A 1 95  ? -8.317  -2.764  12.701  1.00 13.48 ? 90  PHE A O   1 
ATOM   703  C CB  . PHE A 1 95  ? -9.305  -4.524  9.995   1.00 15.77 ? 90  PHE A CB  1 
ATOM   704  C CG  . PHE A 1 95  ? -8.141  -5.277  10.477  1.00 17.86 ? 90  PHE A CG  1 
ATOM   705  C CD1 . PHE A 1 95  ? -8.260  -6.373  11.312  1.00 20.71 ? 90  PHE A CD1 1 
ATOM   706  C CD2 . PHE A 1 95  ? -6.873  -4.848  10.093  1.00 20.87 ? 90  PHE A CD2 1 
ATOM   707  C CE1 . PHE A 1 95  ? -7.096  -7.026  11.760  1.00 26.81 ? 90  PHE A CE1 1 
ATOM   708  C CE2 . PHE A 1 95  ? -5.733  -5.521  10.531  1.00 27.07 ? 90  PHE A CE2 1 
ATOM   709  C CZ  . PHE A 1 95  ? -5.864  -6.553  11.378  1.00 25.04 ? 90  PHE A CZ  1 
ATOM   710  N N   . VAL A 1 96  ? -8.063  -1.730  10.762  1.00 11.54 ? 91  VAL A N   1 
ATOM   711  C CA  . VAL A 1 96  ? -6.866  -1.039  11.275  1.00 12.05 ? 91  VAL A CA  1 
ATOM   712  C C   . VAL A 1 96  ? -7.275  -0.094  12.315  1.00 13.46 ? 91  VAL A C   1 
ATOM   713  O O   . VAL A 1 96  ? -6.519  0.024   13.286  1.00 14.43 ? 91  VAL A O   1 
ATOM   714  C CB  . VAL A 1 96  ? -6.178  -0.315  10.059  1.00 12.18 ? 91  VAL A CB  1 
ATOM   715  C CG1 . VAL A 1 96  ? -5.072  0.629   10.592  1.00 11.94 ? 91  VAL A CG1 1 
ATOM   716  C CG2 . VAL A 1 96  ? -5.537  -1.366  9.170   1.00 12.91 ? 91  VAL A CG2 1 
ATOM   717  N N   . LYS A 1 97  ? -8.403  0.579   12.164  1.00 13.19 ? 92  LYS A N   1 
ATOM   718  C CA  . LYS A 1 97  ? -8.918  1.505   13.250  1.00 15.52 ? 92  LYS A CA  1 
ATOM   719  C C   . LYS A 1 97  ? -9.177  0.764   14.572  1.00 16.61 ? 92  LYS A C   1 
ATOM   720  O O   . LYS A 1 97  ? -9.178  1.422   15.647  1.00 21.65 ? 92  LYS A O   1 
ATOM   721  C CB  . LYS A 1 97  ? -10.107 2.281   12.816  1.00 14.97 ? 92  LYS A CB  1 
ATOM   722  C CG  . LYS A 1 97  ? -9.792  3.381   11.800  1.00 14.13 ? 92  LYS A CG  1 
ATOM   723  C CD  . LYS A 1 97  ? -11.105 4.072   11.449  1.00 15.33 ? 92  LYS A CD  1 
ATOM   724  C CE  . LYS A 1 97  ? -10.820 5.233   10.480  1.00 17.29 ? 92  LYS A CE  1 
ATOM   725  N NZ  . LYS A 1 97  ? -11.937 6.135   10.313  1.00 20.83 ? 92  LYS A NZ  1 
ATOM   726  N N   . SER A 1 98  ? -9.328  -0.517  14.594  1.00 15.56 ? 93  SER A N   1 
ATOM   727  C CA  . SER A 1 98  ? -9.578  -1.242  15.837  1.00 18.42 ? 93  SER A CA  1 
ATOM   728  C C   . SER A 1 98  ? -8.339  -1.692  16.500  1.00 19.58 ? 93  SER A C   1 
ATOM   729  O O   . SER A 1 98  ? -8.466  -2.310  17.591  1.00 24.75 ? 93  SER A O   1 
ATOM   730  C CB  . SER A 1 98  ? -10.368 -2.483  15.471  1.00 17.78 ? 93  SER A CB  1 
ATOM   731  O OG  . SER A 1 98  ? -9.596  -3.560  14.950  1.00 19.32 ? 93  SER A OG  1 
ATOM   732  N N   . ILE A 1 99  ? -7.145  -1.444  15.942  1.00 17.25 ? 94  ILE A N   1 
ATOM   733  C CA  . ILE A 1 99  ? -5.898  -1.907  16.558  1.00 19.85 ? 94  ILE A CA  1 
ATOM   734  C C   . ILE A 1 99  ? -5.391  -0.761  17.411  1.00 19.95 ? 94  ILE A C   1 
ATOM   735  O O   . ILE A 1 99  ? -4.805  0.184   16.898  1.00 19.60 ? 94  ILE A O   1 
ATOM   736  C CB  . ILE A 1 99  ? -4.873  -2.320  15.491  1.00 20.10 ? 94  ILE A CB  1 
ATOM   737  C CG1 . ILE A 1 99  ? -5.455  -3.399  14.632  1.00 21.13 ? 94  ILE A CG1 1 
ATOM   738  C CG2 . ILE A 1 99  ? -3.558  -2.787  16.128  1.00 19.85 ? 94  ILE A CG2 1 
ATOM   739  C CD1 . ILE A 1 99  ? -4.571  -3.758  13.438  1.00 24.04 ? 94  ILE A CD1 1 
ATOM   740  N N   . SER A 1 100 ? -5.468  -0.887  18.727  1.00 21.26 ? 95  SER A N   1 
ATOM   741  C CA  . SER A 1 100 ? -5.017  0.157   19.595  1.00 21.82 ? 95  SER A CA  1 
ATOM   742  C C   . SER A 1 100 ? -3.470  0.400   19.590  1.00 18.34 ? 95  SER A C   1 
ATOM   743  O O   . SER A 1 100 ? -3.093  1.519   19.833  1.00 23.54 ? 95  SER A O   1 
ATOM   744  C CB  . SER A 1 100 ? -5.425  -0.140  21.076  1.00 23.90 ? 95  SER A CB  1 
ATOM   745  O OG  . SER A 1 100 ? -4.980  -1.394  21.435  1.00 28.45 ? 95  SER A OG  1 
ATOM   746  N N   A GLU A 1 101 ? -2.718  -0.653  19.277  0.50 18.94 ? 96  GLU A N   1 
ATOM   747  N N   B GLU A 1 101 ? -2.687  -0.613  19.268  0.50 19.43 ? 96  GLU A N   1 
ATOM   748  C CA  A GLU A 1 101 ? -1.244  -0.650  19.325  0.50 19.59 ? 96  GLU A CA  1 
ATOM   749  C CA  B GLU A 1 101 ? -1.227  -0.477  19.364  0.50 20.20 ? 96  GLU A CA  1 
ATOM   750  C C   A GLU A 1 101 ? -0.621  0.320   18.269  0.50 20.65 ? 96  GLU A C   1 
ATOM   751  C C   B GLU A 1 101 ? -0.571  0.106   18.124  0.50 19.40 ? 96  GLU A C   1 
ATOM   752  O O   A GLU A 1 101 ? 0.449   0.968   18.553  0.50 20.86 ? 96  GLU A O   1 
ATOM   753  O O   B GLU A 1 101 ? 0.600   0.171   18.065  0.50 17.32 ? 96  GLU A O   1 
ATOM   754  C CB  A GLU A 1 101 ? -0.714  -2.083  19.156  0.50 20.24 ? 96  GLU A CB  1 
ATOM   755  C CB  B GLU A 1 101 ? -0.586  -1.803  19.631  0.50 22.39 ? 96  GLU A CB  1 
ATOM   756  C CG  A GLU A 1 101 ? -1.261  -3.106  20.144  0.50 21.07 ? 96  GLU A CG  1 
ATOM   757  C CG  B GLU A 1 101 ? -1.104  -2.420  20.883  0.50 21.81 ? 96  GLU A CG  1 
ATOM   758  C CD  A GLU A 1 101 ? -2.579  -3.726  19.621  0.50 20.06 ? 96  GLU A CD  1 
ATOM   759  C CD  B GLU A 1 101 ? -2.433  -3.130  20.647  0.50 24.02 ? 96  GLU A CD  1 
ATOM   760  O OE1 A GLU A 1 101 ? -2.551  -4.619  18.768  0.50 27.09 ? 96  GLU A OE1 1 
ATOM   761  O OE1 B GLU A 1 101 ? -3.188  -2.757  19.695  0.50 27.92 ? 96  GLU A OE1 1 
ATOM   762  O OE2 A GLU A 1 101 ? -3.669  -3.322  20.049  0.50 24.49 ? 96  GLU A OE2 1 
ATOM   763  O OE2 B GLU A 1 101 ? -2.697  -4.102  21.404  0.50 26.68 ? 96  GLU A OE2 1 
ATOM   764  N N   . LEU A 1 102 ? -1.367  0.528   17.144  1.00 18.13 ? 97  LEU A N   1 
ATOM   765  C CA  . LEU A 1 102 ? -0.822  1.333   16.058  1.00 18.28 ? 97  LEU A CA  1 
ATOM   766  C C   . LEU A 1 102 ? -1.018  2.803   16.395  1.00 18.40 ? 97  LEU A C   1 
ATOM   767  O O   . LEU A 1 102 ? -2.137  3.236   16.558  1.00 20.22 ? 97  LEU A O   1 
ATOM   768  C CB  . LEU A 1 102 ? -1.554  0.927   14.779  1.00 15.99 ? 97  LEU A CB  1 
ATOM   769  C CG  . LEU A 1 102 ? -1.274  -0.463  14.314  1.00 17.99 ? 97  LEU A CG  1 
ATOM   770  C CD1 . LEU A 1 102 ? -2.233  -0.816  13.207  1.00 18.34 ? 97  LEU A CD1 1 
ATOM   771  C CD2 . LEU A 1 102 ? 0.168   -0.477  13.853  1.00 22.49 ? 97  LEU A CD2 1 
ATOM   772  N N   . ARG A 1 103 ? 0.039   3.553   16.543  1.00 18.13 ? 98  ARG A N   1 
ATOM   773  C CA  . ARG A 1 103 ? -0.011  4.840   17.004  1.00 18.09 ? 98  ARG A CA  1 
ATOM   774  C C   . ARG A 1 103 ? 0.118   6.004   15.995  1.00 20.54 ? 98  ARG A C   1 
ATOM   775  O O   . ARG A 1 103 ? -0.118  7.142   16.253  1.00 20.15 ? 98  ARG A O   1 
ATOM   776  C CB  . ARG A 1 103 ? 1.099   5.032   18.077  1.00 21.17 ? 98  ARG A CB  1 
ATOM   777  C CG  . ARG A 1 103 ? 1.129   3.964   19.207  1.00 23.49 ? 98  ARG A CG  1 
ATOM   778  C CD  . ARG A 1 103 ? -0.201  3.578   19.827  1.00 25.28 ? 98  ARG A CD  1 
ATOM   779  N NE  . ARG A 1 103 ? -0.557  4.656   20.679  1.00 27.65 ? 98  ARG A NE  1 
ATOM   780  C CZ  . ARG A 1 103 ? -1.545  4.583   21.542  1.00 33.41 ? 98  ARG A CZ  1 
ATOM   781  N NH1 . ARG A 1 103 ? -2.311  3.497   21.556  1.00 29.85 ? 98  ARG A NH1 1 
ATOM   782  N NH2 . ARG A 1 103 ? -1.746  5.605   22.378  1.00 31.06 ? 98  ARG A NH2 1 
ATOM   783  N N   . THR A 1 104 ? 0.644   5.636   14.856  1.00 16.54 ? 99  THR A N   1 
ATOM   784  C CA  . THR A 1 104 ? 0.994   6.579   13.847  1.00 15.14 ? 99  THR A CA  1 
ATOM   785  C C   . THR A 1 104 ? 0.252   6.269   12.468  1.00 13.35 ? 99  THR A C   1 
ATOM   786  O O   . THR A 1 104 ? 0.002   5.090   12.237  1.00 12.60 ? 99  THR A O   1 
ATOM   787  C CB  . THR A 1 104 ? 2.492   6.661   13.555  1.00 13.89 ? 99  THR A CB  1 
ATOM   788  O OG1 . THR A 1 104 ? 3.001   5.599   12.901  1.00 15.04 ? 99  THR A OG1 1 
ATOM   789  C CG2 . THR A 1 104 ? 3.302   6.897   14.896  1.00 17.27 ? 99  THR A CG2 1 
ATOM   790  N N   . SER A 1 105 ? 0.184   7.272   11.645  1.00 13.17 ? 100 SER A N   1 
ATOM   791  C CA  . SER A 1 105 ? -0.387  7.055   10.281  1.00 12.03 ? 100 SER A CA  1 
ATOM   792  C C   . SER A 1 105 ? 0.541   6.160   9.557   1.00 12.90 ? 100 SER A C   1 
ATOM   793  O O   . SER A 1 105 ? -0.023  5.354   8.754   1.00 11.59 ? 100 SER A O   1 
ATOM   794  C CB  . SER A 1 105 ? -0.625  8.334   9.609   1.00 12.79 ? 100 SER A CB  1 
ATOM   795  O OG  . SER A 1 105 ? -1.721  9.015   10.113  1.00 14.95 ? 100 SER A OG  1 
ATOM   796  N N   . LEU A 1 106 ? 1.882   6.192   9.675   1.00 11.73 ? 101 LEU A N   1 
ATOM   797  C CA  . LEU A 1 106 ? 2.691   5.319   8.959   1.00 11.85 ? 101 LEU A CA  1 
ATOM   798  C C   . LEU A 1 106 ? 2.283   3.901   9.338   1.00 12.82 ? 101 LEU A C   1 
ATOM   799  O O   . LEU A 1 106 ? 2.208   3.042   8.414   1.00 12.46 ? 101 LEU A O   1 
ATOM   800  C CB  . LEU A 1 106 ? 4.151   5.635   9.307   1.00 12.90 ? 101 LEU A CB  1 
ATOM   801  C CG  . LEU A 1 106 ? 5.162   4.835   8.635   1.00 15.22 ? 101 LEU A CG  1 
ATOM   802  C CD1 . LEU A 1 106 ? 5.158   5.020   7.137   1.00 16.61 ? 101 LEU A CD1 1 
ATOM   803  C CD2 . LEU A 1 106 ? 6.581   5.238   9.223   1.00 16.92 ? 101 LEU A CD2 1 
ATOM   804  N N   . GLY A 1 107 ? 2.263   3.583   10.678  1.00 11.48 ? 102 GLY A N   1 
ATOM   805  C CA  . GLY A 1 107 ? 2.022   2.276   11.062  1.00 12.85 ? 102 GLY A CA  1 
ATOM   806  C C   . GLY A 1 107 ? 0.623   1.708   10.607  1.00 10.65 ? 102 GLY A C   1 
ATOM   807  O O   . GLY A 1 107 ? 0.523   0.550   10.185  1.00 11.51 ? 102 GLY A O   1 
ATOM   808  N N   A LYS A 1 108 ? -0.340  2.580   10.699  0.50 11.88 ? 103 LYS A N   1 
ATOM   809  N N   B LYS A 1 108 ? -0.333  2.555   10.672  0.50 11.41 ? 103 LYS A N   1 
ATOM   810  C CA  A LYS A 1 108 ? -1.704  2.238   10.264  0.50 10.65 ? 103 LYS A CA  1 
ATOM   811  C CA  B LYS A 1 108 ? -1.661  2.141   10.231  0.50 9.85  ? 103 LYS A CA  1 
ATOM   812  C C   A LYS A 1 108 ? -1.724  1.907   8.785   0.50 10.40 ? 103 LYS A C   1 
ATOM   813  C C   B LYS A 1 108 ? -1.710  1.881   8.769   0.50 10.04 ? 103 LYS A C   1 
ATOM   814  O O   A LYS A 1 108 ? -2.356  0.947   8.348   0.50 10.76 ? 103 LYS A O   1 
ATOM   815  O O   B LYS A 1 108 ? -2.345  0.933   8.321   0.50 10.43 ? 103 LYS A O   1 
ATOM   816  C CB  A LYS A 1 108 ? -2.673  3.394   10.547  0.50 10.60 ? 103 LYS A CB  1 
ATOM   817  C CB  B LYS A 1 108 ? -2.631  3.230   10.579  0.50 9.30  ? 103 LYS A CB  1 
ATOM   818  C CG  A LYS A 1 108 ? -2.866  3.727   12.026  0.50 11.81 ? 103 LYS A CG  1 
ATOM   819  C CG  B LYS A 1 108 ? -2.789  3.288   12.093  0.50 9.79  ? 103 LYS A CG  1 
ATOM   820  C CD  A LYS A 1 108 ? -3.565  5.075   12.326  0.50 12.63 ? 103 LYS A CD  1 
ATOM   821  C CD  B LYS A 1 108 ? -3.611  4.509   12.458  0.50 10.26 ? 103 LYS A CD  1 
ATOM   822  C CE  A LYS A 1 108 ? -3.431  5.328   13.812  0.50 13.52 ? 103 LYS A CE  1 
ATOM   823  C CE  B LYS A 1 108 ? -3.575  4.855   13.950  0.50 10.82 ? 103 LYS A CE  1 
ATOM   824  N NZ  A LYS A 1 108 ? -4.549  4.688   14.504  0.50 16.79 ? 103 LYS A NZ  1 
ATOM   825  N NZ  B LYS A 1 108 ? -4.310  6.082   14.264  0.50 13.36 ? 103 LYS A NZ  1 
ATOM   826  N N   . GLY A 1 109 ? -1.038  2.707   7.971   1.00 9.98  ? 104 GLY A N   1 
ATOM   827  C CA  . GLY A 1 109 ? -0.975  2.452   6.566   1.00 9.11  ? 104 GLY A CA  1 
ATOM   828  C C   . GLY A 1 109 ? -0.313  1.122   6.235   1.00 8.61  ? 104 GLY A C   1 
ATOM   829  O O   . GLY A 1 109 ? -0.753  0.397   5.337   1.00 9.55  ? 104 GLY A O   1 
ATOM   830  N N   . ARG A 1 110 ? 0.767   0.784   6.965   1.00 9.46  ? 105 ARG A N   1 
ATOM   831  C CA  . ARG A 1 110 ? 1.440   -0.517  6.756   1.00 9.92  ? 105 ARG A CA  1 
ATOM   832  C C   . ARG A 1 110 ? 0.455   -1.665  7.112   1.00 9.66  ? 105 ARG A C   1 
ATOM   833  O O   . ARG A 1 110 ? 0.467   -2.704  6.425   1.00 10.97 ? 105 ARG A O   1 
ATOM   834  C CB  . ARG A 1 110 ? 2.738   -0.578  7.600   1.00 9.85  ? 105 ARG A CB  1 
ATOM   835  C CG  . ARG A 1 110 ? 3.746   0.393   7.059   1.00 10.36 ? 105 ARG A CG  1 
ATOM   836  C CD  . ARG A 1 110 ? 4.956   0.456   7.930   1.00 11.00 ? 105 ARG A CD  1 
ATOM   837  N NE  . ARG A 1 110 ? 5.983   1.225   7.295   1.00 11.61 ? 105 ARG A NE  1 
ATOM   838  C CZ  . ARG A 1 110 ? 7.137   1.620   7.883   1.00 12.59 ? 105 ARG A CZ  1 
ATOM   839  N NH1 . ARG A 1 110 ? 7.374   1.232   9.157   1.00 14.22 ? 105 ARG A NH1 1 
ATOM   840  N NH2 . ARG A 1 110 ? 7.978   2.245   7.177   1.00 14.43 ? 105 ARG A NH2 1 
ATOM   841  N N   . ALA A 1 111 ? -0.226  -1.528  8.247   1.00 10.49 ? 106 ALA A N   1 
ATOM   842  C CA  . ALA A 1 111 ? -1.202  -2.526  8.635   1.00 10.08 ? 106 ALA A CA  1 
ATOM   843  C C   . ALA A 1 111 ? -2.254  -2.696  7.575   1.00 10.87 ? 106 ALA A C   1 
ATOM   844  O O   . ALA A 1 111 ? -2.709  -3.832  7.314   1.00 11.29 ? 106 ALA A O   1 
ATOM   845  C CB  . ALA A 1 111 ? -1.847  -2.160  9.989   1.00 11.21 ? 106 ALA A CB  1 
ATOM   846  N N   . PHE A 1 112 ? -2.696  -1.572  6.989   1.00 10.08 ? 107 PHE A N   1 
ATOM   847  C CA  . PHE A 1 112 ? -3.715  -1.705  5.943   1.00 9.37  ? 107 PHE A CA  1 
ATOM   848  C C   . PHE A 1 112 ? -3.204  -2.435  4.718   1.00 9.57  ? 107 PHE A C   1 
ATOM   849  O O   . PHE A 1 112 ? -3.922  -3.241  4.122   1.00 9.73  ? 107 PHE A O   1 
ATOM   850  C CB  . PHE A 1 112 ? -4.159  -0.287  5.586   1.00 9.15  ? 107 PHE A CB  1 
ATOM   851  C CG  . PHE A 1 112 ? -5.216  -0.264  4.540   1.00 9.75  ? 107 PHE A CG  1 
ATOM   852  C CD1 . PHE A 1 112 ? -6.568  -0.407  4.930   1.00 12.92 ? 107 PHE A CD1 1 
ATOM   853  C CD2 . PHE A 1 112 ? -4.960  -0.048  3.240   1.00 11.16 ? 107 PHE A CD2 1 
ATOM   854  C CE1 . PHE A 1 112 ? -7.603  -0.411  3.958   1.00 14.31 ? 107 PHE A CE1 1 
ATOM   855  C CE2 . PHE A 1 112 ? -5.971  -0.043  2.259   1.00 12.57 ? 107 PHE A CE2 1 
ATOM   856  C CZ  . PHE A 1 112 ? -7.313  -0.161  2.628   1.00 13.78 ? 107 PHE A CZ  1 
ATOM   857  N N   . ILE A 1 113 ? -1.978  -2.132  4.314   1.00 9.16  ? 108 ILE A N   1 
ATOM   858  C CA  . ILE A 1 113 ? -1.391  -2.873  3.168   1.00 9.85  ? 108 ILE A CA  1 
ATOM   859  C C   . ILE A 1 113 ? -1.340  -4.365  3.474   1.00 10.14 ? 108 ILE A C   1 
ATOM   860  O O   . ILE A 1 113 ? -1.704  -5.181  2.615   1.00 10.99 ? 108 ILE A O   1 
ATOM   861  C CB  . ILE A 1 113 ? 0.002   -2.287  2.835   1.00 8.89  ? 108 ILE A CB  1 
ATOM   862  C CG1 . ILE A 1 113 ? -0.117  -0.889  2.211   1.00 10.35 ? 108 ILE A CG1 1 
ATOM   863  C CG2 . ILE A 1 113 ? 0.796   -3.221  1.978   1.00 9.58  ? 108 ILE A CG2 1 
ATOM   864  C CD1 . ILE A 1 113 ? 1.255   -0.201  2.165   1.00 10.90 ? 108 ILE A CD1 1 
ATOM   865  N N   . ARG A 1 114 ? -0.890  -4.699  4.699   1.00 9.93  ? 109 ARG A N   1 
ATOM   866  C CA  . ARG A 1 114 ? -0.719  -6.135  5.016   1.00 10.23 ? 109 ARG A CA  1 
ATOM   867  C C   . ARG A 1 114 ? -2.104  -6.822  5.114   1.00 9.77  ? 109 ARG A C   1 
ATOM   868  O O   . ARG A 1 114 ? -2.218  -7.945  4.652   1.00 12.46 ? 109 ARG A O   1 
ATOM   869  C CB  . ARG A 1 114 ? 0.121   -6.256  6.298   1.00 11.18 ? 109 ARG A CB  1 
ATOM   870  C CG  . ARG A 1 114 ? 1.591   -5.871  6.051   1.00 12.86 ? 109 ARG A CG  1 
ATOM   871  C CD  . ARG A 1 114 ? 2.334   -5.648  7.361   1.00 13.94 ? 109 ARG A CD  1 
ATOM   872  N NE  . ARG A 1 114 ? 2.239   -6.853  8.242   1.00 16.22 ? 109 ARG A NE  1 
ATOM   873  C CZ  . ARG A 1 114 ? 2.883   -7.985  8.036   1.00 15.73 ? 109 ARG A CZ  1 
ATOM   874  N NH1 . ARG A 1 114 ? 3.840   -8.149  7.118   1.00 16.36 ? 109 ARG A NH1 1 
ATOM   875  N NH2 . ARG A 1 114 ? 2.729   -8.997  8.922   1.00 15.93 ? 109 ARG A NH2 1 
ATOM   876  N N   . TYR A 1 115 ? -3.082  -6.144  5.700   1.00 10.84 ? 110 TYR A N   1 
ATOM   877  C CA  . TYR A 1 115 ? -4.408  -6.697  5.719   1.00 12.30 ? 110 TYR A CA  1 
ATOM   878  C C   . TYR A 1 115 ? -4.912  -6.956  4.330   1.00 13.06 ? 110 TYR A C   1 
ATOM   879  O O   . TYR A 1 115 ? -5.535  -8.024  3.981   1.00 12.32 ? 110 TYR A O   1 
ATOM   880  C CB  . TYR A 1 115 ? -5.338  -5.776  6.496   1.00 12.14 ? 110 TYR A CB  1 
ATOM   881  C CG  . TYR A 1 115 ? -6.793  -6.165  6.398   1.00 13.09 ? 110 TYR A CG  1 
ATOM   882  C CD1 . TYR A 1 115 ? -7.549  -5.753  5.358   1.00 14.04 ? 110 TYR A CD1 1 
ATOM   883  C CD2 . TYR A 1 115 ? -7.469  -6.848  7.417   1.00 13.82 ? 110 TYR A CD2 1 
ATOM   884  C CE1 . TYR A 1 115 ? -8.897  -6.135  5.211   1.00 14.54 ? 110 TYR A CE1 1 
ATOM   885  C CE2 . TYR A 1 115 ? -8.864  -7.141  7.274   1.00 14.55 ? 110 TYR A CE2 1 
ATOM   886  C CZ  . TYR A 1 115 ? -9.499  -6.774  6.210   1.00 14.40 ? 110 TYR A CZ  1 
ATOM   887  O OH  . TYR A 1 115 ? -10.866 -7.197  5.938   1.00 18.21 ? 110 TYR A OH  1 
ATOM   888  N N   . SER A 1 116 ? -4.674  -6.006  3.413   1.00 11.08 ? 111 SER A N   1 
ATOM   889  C CA  . SER A 1 116 ? -5.125  -6.090  2.042   1.00 11.67 ? 111 SER A CA  1 
ATOM   890  C C   . SER A 1 116 ? -4.459  -7.296  1.341   1.00 11.42 ? 111 SER A C   1 
ATOM   891  O O   . SER A 1 116 ? -5.160  -7.989  0.572   1.00 13.12 ? 111 SER A O   1 
ATOM   892  C CB  . SER A 1 116 ? -4.900  -4.801  1.324   1.00 11.16 ? 111 SER A CB  1 
ATOM   893  O OG  . SER A 1 116 ? -5.651  -3.731  1.991   1.00 13.04 ? 111 SER A OG  1 
ATOM   894  N N   . LEU A 1 117 ? -3.165  -7.457  1.553   1.00 11.20 ? 112 LEU A N   1 
ATOM   895  C CA  . LEU A 1 117 ? -2.463  -8.665  1.001   1.00 11.20 ? 112 LEU A CA  1 
ATOM   896  C C   . LEU A 1 117 ? -3.061  -9.963  1.510   1.00 12.41 ? 112 LEU A C   1 
ATOM   897  O O   . LEU A 1 117 ? -3.273  -10.870 0.730   1.00 13.06 ? 112 LEU A O   1 
ATOM   898  C CB  . LEU A 1 117 ? -0.974  -8.605  1.295   1.00 10.66 ? 112 LEU A CB  1 
ATOM   899  C CG  . LEU A 1 117 ? -0.149  -7.520  0.532   1.00 10.71 ? 112 LEU A CG  1 
ATOM   900  C CD1 . LEU A 1 117 ? 1.211   -7.459  1.130   1.00 11.45 ? 112 LEU A CD1 1 
ATOM   901  C CD2 . LEU A 1 117 ? -0.127  -7.849  -0.958  1.00 12.32 ? 112 LEU A CD2 1 
ATOM   902  N N   . VAL A 1 118 ? -3.295  -10.056 2.792   1.00 12.09 ? 113 VAL A N   1 
ATOM   903  C CA  . VAL A 1 118 ? -3.848  -11.263 3.398   1.00 13.88 ? 113 VAL A CA  1 
ATOM   904  C C   . VAL A 1 118 ? -5.190  -11.573 2.759   1.00 14.69 ? 113 VAL A C   1 
ATOM   905  O O   . VAL A 1 118 ? -5.530  -12.781 2.508   1.00 15.78 ? 113 VAL A O   1 
ATOM   906  C CB  . VAL A 1 118 ? -3.932  -11.127 4.886   1.00 13.34 ? 113 VAL A CB  1 
ATOM   907  C CG1 . VAL A 1 118 ? -4.804  -12.223 5.536   1.00 15.25 ? 113 VAL A CG1 1 
ATOM   908  C CG2 . VAL A 1 118 ? -2.596  -11.116 5.547   1.00 13.51 ? 113 VAL A CG2 1 
ATOM   909  N N   . HIS A 1 119 ? -6.058  -10.560 2.554   1.00 12.46 ? 114 HIS A N   1 
ATOM   910  C CA  . HIS A 1 119 ? -7.346  -10.723 2.006   1.00 11.95 ? 114 HIS A CA  1 
ATOM   911  C C   . HIS A 1 119 ? -7.438  -10.655 0.488   1.00 13.47 ? 114 HIS A C   1 
ATOM   912  O O   . HIS A 1 119 ? -8.478  -10.747 -0.047  1.00 14.58 ? 114 HIS A O   1 
ATOM   913  C CB  . HIS A 1 119 ? -8.331  -9.720  2.660   1.00 13.69 ? 114 HIS A CB  1 
ATOM   914  C CG  . HIS A 1 119 ? -8.665  -10.055 4.053   1.00 15.49 ? 114 HIS A CG  1 
ATOM   915  N ND1 . HIS A 1 119 ? -7.856  -9.807  5.123   1.00 16.20 ? 114 HIS A ND1 1 
ATOM   916  C CD2 . HIS A 1 119 ? -9.728  -10.767 4.518   1.00 19.58 ? 114 HIS A CD2 1 
ATOM   917  C CE1 . HIS A 1 119 ? -8.431  -10.326 6.215   1.00 15.15 ? 114 HIS A CE1 1 
ATOM   918  N NE2 . HIS A 1 119 ? -9.613  -10.786 5.874   1.00 23.31 ? 114 HIS A NE2 1 
ATOM   919  N N   . GLN A 1 120 ? -6.289  -10.550 -0.194  1.00 12.67 ? 115 GLN A N   1 
ATOM   920  C CA  . GLN A 1 120 ? -6.235  -10.582 -1.619  1.00 14.38 ? 115 GLN A CA  1 
ATOM   921  C C   . GLN A 1 120 ? -7.001  -9.453  -2.251  1.00 13.68 ? 115 GLN A C   1 
ATOM   922  O O   . GLN A 1 120 ? -7.554  -9.530  -3.354  1.00 15.30 ? 115 GLN A O   1 
ATOM   923  C CB  . GLN A 1 120 ? -6.624  -11.989 -2.130  1.00 16.22 ? 115 GLN A CB  1 
ATOM   924  C CG  . GLN A 1 120 ? -5.572  -13.034 -1.740  1.00 19.30 ? 115 GLN A CG  1 
ATOM   925  C CD  . GLN A 1 120 ? -5.996  -14.486 -2.035  1.00 25.25 ? 115 GLN A CD  1 
ATOM   926  O OE1 . GLN A 1 120 ? -7.007  -14.929 -1.531  1.00 30.53 ? 115 GLN A OE1 1 
ATOM   927  N NE2 . GLN A 1 120 ? -5.335  -15.125 -2.942  1.00 27.68 ? 115 GLN A NE2 1 
ATOM   928  N N   . ARG A 1 121 ? -6.990  -8.259  -1.619  1.00 12.29 ? 116 ARG A N   1 
ATOM   929  C CA  . ARG A 1 121 ? -7.755  -7.118  -2.048  1.00 11.53 ? 116 ARG A CA  1 
ATOM   930  C C   . ARG A 1 121 ? -6.866  -5.909  -2.425  1.00 12.58 ? 116 ARG A C   1 
ATOM   931  O O   . ARG A 1 121 ? -7.429  -4.822  -2.689  1.00 12.78 ? 116 ARG A O   1 
ATOM   932  C CB  . ARG A 1 121 ? -8.717  -6.628  -0.957  1.00 13.07 ? 116 ARG A CB  1 
ATOM   933  C CG  . ARG A 1 121 ? -9.742  -7.660  -0.470  1.00 13.85 ? 116 ARG A CG  1 
ATOM   934  C CD  . ARG A 1 121 ? -10.528 -8.296  -1.622  1.00 16.62 ? 116 ARG A CD  1 
ATOM   935  N NE  . ARG A 1 121 ? -11.226 -7.334  -2.389  1.00 15.36 ? 116 ARG A NE  1 
ATOM   936  C CZ  . ARG A 1 121 ? -11.719 -7.529  -3.637  1.00 15.13 ? 116 ARG A CZ  1 
ATOM   937  N NH1 . ARG A 1 121 ? -11.441 -8.592  -4.275  1.00 17.41 ? 116 ARG A NH1 1 
ATOM   938  N NH2 . ARG A 1 121 ? -12.371 -6.563  -4.141  1.00 16.58 ? 116 ARG A NH2 1 
ATOM   939  N N   . LEU A 1 122 ? -5.525  -6.032  -2.411  1.00 11.32 ? 117 LEU A N   1 
ATOM   940  C CA  . LEU A 1 122 ? -4.757  -4.798  -2.553  1.00 11.92 ? 117 LEU A CA  1 
ATOM   941  C C   . LEU A 1 122 ? -5.008  -4.052  -3.818  1.00 10.59 ? 117 LEU A C   1 
ATOM   942  O O   . LEU A 1 122 ? -5.165  -2.842  -3.847  1.00 11.28 ? 117 LEU A O   1 
ATOM   943  C CB  . LEU A 1 122 ? -3.301  -5.005  -2.247  1.00 12.85 ? 117 LEU A CB  1 
ATOM   944  C CG  . LEU A 1 122 ? -2.322  -3.837  -2.247  1.00 12.65 ? 117 LEU A CG  1 
ATOM   945  C CD1 . LEU A 1 122 ? -2.628  -2.854  -1.085  1.00 13.23 ? 117 LEU A CD1 1 
ATOM   946  C CD2 . LEU A 1 122 ? -0.895  -4.286  -2.224  1.00 14.35 ? 117 LEU A CD2 1 
ATOM   947  N N   . ALA A 1 123 ? -4.859  -4.753  -4.910  1.00 10.63 ? 118 ALA A N   1 
ATOM   948  C CA  . ALA A 1 123 ? -5.121  -4.124  -6.171  1.00 11.44 ? 118 ALA A CA  1 
ATOM   949  C C   . ALA A 1 123 ? -6.471  -3.410  -6.312  1.00 13.09 ? 118 ALA A C   1 
ATOM   950  O O   . ALA A 1 123 ? -6.585  -2.292  -6.786  1.00 11.95 ? 118 ALA A O   1 
ATOM   951  C CB  . ALA A 1 123 ? -4.976  -5.154  -7.286  1.00 11.89 ? 118 ALA A CB  1 
ATOM   952  N N   . ASP A 1 124 ? -7.493  -4.051  -5.832  1.00 12.52 ? 119 ASP A N   1 
ATOM   953  C CA  . ASP A 1 124 ? -8.860  -3.514  -5.951  1.00 11.58 ? 119 ASP A CA  1 
ATOM   954  C C   . ASP A 1 124 ? -9.032  -2.276  -5.107  1.00 12.75 ? 119 ASP A C   1 
ATOM   955  O O   . ASP A 1 124 ? -9.616  -1.257  -5.488  1.00 13.84 ? 119 ASP A O   1 
ATOM   956  C CB  . ASP A 1 124 ? -9.920  -4.550  -5.590  1.00 13.41 ? 119 ASP A CB  1 
ATOM   957  C CG  . ASP A 1 124 ? -10.033 -5.590  -6.747  1.00 15.26 ? 119 ASP A CG  1 
ATOM   958  O OD1 . ASP A 1 124 ? -10.980 -5.478  -7.528  1.00 19.54 ? 119 ASP A OD1 1 
ATOM   959  O OD2 . ASP A 1 124 ? -9.231  -6.499  -6.826  1.00 16.87 ? 119 ASP A OD2 1 
ATOM   960  N N   . THR A 1 125 ? -8.405  -2.358  -3.934  1.00 11.36 ? 120 THR A N   1 
ATOM   961  C CA  . THR A 1 125 ? -8.499  -1.193  -2.986  1.00 12.66 ? 120 THR A CA  1 
ATOM   962  C C   . THR A 1 125 ? -7.763  -0.004  -3.538  1.00 10.77 ? 120 THR A C   1 
ATOM   963  O O   . THR A 1 125 ? -8.278  1.130   -3.540  1.00 11.62 ? 120 THR A O   1 
ATOM   964  C CB  . THR A 1 125 ? -7.873  -1.595  -1.660  1.00 15.37 ? 120 THR A CB  1 
ATOM   965  O OG1 . THR A 1 125 ? -8.595  -2.702  -1.146  1.00 19.06 ? 120 THR A OG1 1 
ATOM   966  C CG2 . THR A 1 125 ? -7.811  -0.442  -0.690  1.00 19.54 ? 120 THR A CG2 1 
ATOM   967  N N   . LEU A 1 126 ? -6.589  -0.208  -4.071  1.00 11.56 ? 121 LEU A N   1 
ATOM   968  C CA  . LEU A 1 126 ? -5.837  0.906   -4.675  1.00 12.11 ? 121 LEU A CA  1 
ATOM   969  C C   . LEU A 1 126 ? -6.391  1.417   -5.915  1.00 11.51 ? 121 LEU A C   1 
ATOM   970  O O   . LEU A 1 126 ? -6.485  2.635   -6.136  1.00 11.79 ? 121 LEU A O   1 
ATOM   971  C CB  . LEU A 1 126 ? -4.342  0.582   -4.864  1.00 14.20 ? 121 LEU A CB  1 
ATOM   972  C CG  . LEU A 1 126 ? -3.565  0.313   -3.574  1.00 17.93 ? 121 LEU A CG  1 
ATOM   973  C CD1 . LEU A 1 126 ? -2.082  0.037   -3.775  1.00 16.62 ? 121 LEU A CD1 1 
ATOM   974  C CD2 . LEU A 1 126 ? -3.714  1.442   -2.652  1.00 19.13 ? 121 LEU A CD2 1 
ATOM   975  N N   . GLN A 1 127 ? -6.978  0.526   -6.775  1.00 10.21 ? 122 GLN A N   1 
ATOM   976  C CA  . GLN A 1 127 ? -7.655  0.958   -7.934  1.00 10.80 ? 122 GLN A CA  1 
ATOM   977  C C   . GLN A 1 127 ? -8.793  1.925   -7.551  1.00 10.34 ? 122 GLN A C   1 
ATOM   978  O O   . GLN A 1 127 ? -9.065  2.928   -8.219  1.00 11.20 ? 122 GLN A O   1 
ATOM   979  C CB  . GLN A 1 127 ? -8.186  -0.231  -8.783  1.00 12.27 ? 122 GLN A CB  1 
ATOM   980  C CG  . GLN A 1 127 ? -8.847  0.144   -10.114 1.00 13.45 ? 122 GLN A CG  1 
ATOM   981  C CD  . GLN A 1 127 ? -10.338 0.452   -9.998  1.00 14.92 ? 122 GLN A CD  1 
ATOM   982  O OE1 . GLN A 1 127 ? -10.992 0.103   -9.011  1.00 13.74 ? 122 GLN A OE1 1 
ATOM   983  N NE2 . GLN A 1 127 ? -10.909 1.143   -10.992 1.00 15.23 ? 122 GLN A NE2 1 
ATOM   984  N N   A GLN A 1 128 ? -9.512  1.570   -6.482  0.50 11.03 ? 123 GLN A N   1 
ATOM   985  N N   B GLN A 1 128 ? -9.504  1.591   -6.493  0.50 11.25 ? 123 GLN A N   1 
ATOM   986  C CA  A GLN A 1 128 ? -10.654 2.364   -6.031  0.50 12.38 ? 123 GLN A CA  1 
ATOM   987  C CA  B GLN A 1 128 ? -10.604 2.425   -6.092  0.50 12.54 ? 123 GLN A CA  1 
ATOM   988  C C   A GLN A 1 128 ? -10.169 3.731   -5.545  0.50 11.51 ? 123 GLN A C   1 
ATOM   989  C C   B GLN A 1 128 ? -10.138 3.768   -5.578  0.50 11.77 ? 123 GLN A C   1 
ATOM   990  O O   A GLN A 1 128 ? -10.800 4.751   -5.772  0.50 13.41 ? 123 GLN A O   1 
ATOM   991  O O   B GLN A 1 128 ? -10.756 4.795   -5.800  0.50 13.36 ? 123 GLN A O   1 
ATOM   992  C CB  A GLN A 1 128 ? -11.415 1.640   -4.903  0.50 12.65 ? 123 GLN A CB  1 
ATOM   993  C CB  B GLN A 1 128 ? -11.350 1.732   -4.982  0.50 13.01 ? 123 GLN A CB  1 
ATOM   994  C CG  A GLN A 1 128 ? -12.749 2.282   -4.404  0.50 14.74 ? 123 GLN A CG  1 
ATOM   995  C CG  B GLN A 1 128 ? -12.100 0.500   -5.432  0.50 15.73 ? 123 GLN A CG  1 
ATOM   996  C CD  A GLN A 1 128 ? -13.902 2.179   -5.430  0.50 16.69 ? 123 GLN A CD  1 
ATOM   997  C CD  B GLN A 1 128 ? -12.347 -0.493  -4.310  0.50 21.88 ? 123 GLN A CD  1 
ATOM   998  O OE1 A GLN A 1 128 ? -14.723 3.078   -5.552  0.50 21.02 ? 123 GLN A OE1 1 
ATOM   999  O OE1 B GLN A 1 128 ? -12.234 -0.194  -3.122  0.50 24.30 ? 123 GLN A OE1 1 
ATOM   1000 N NE2 A GLN A 1 128 ? -14.000 1.026   -6.099  0.50 20.47 ? 123 GLN A NE2 1 
ATOM   1001 N NE2 B GLN A 1 128 ? -12.675 -1.708  -4.702  0.50 24.66 ? 123 GLN A NE2 1 
ATOM   1002 N N   . CYS A 1 129 ? -9.008  3.812   -4.858  1.00 10.43 ? 124 CYS A N   1 
ATOM   1003 C CA  . CYS A 1 129 ? -8.405  5.085   -4.458  1.00 10.71 ? 124 CYS A CA  1 
ATOM   1004 C C   . CYS A 1 129 ? -8.031  5.949   -5.600  1.00 10.08 ? 124 CYS A C   1 
ATOM   1005 O O   . CYS A 1 129 ? -8.406  7.095   -5.714  1.00 10.94 ? 124 CYS A O   1 
ATOM   1006 C CB  . CYS A 1 129 ? -7.199  4.929   -3.516  1.00 10.72 ? 124 CYS A CB  1 
ATOM   1007 S SG  . CYS A 1 129 ? -7.554  4.138   -1.942  1.00 11.88 ? 124 CYS A SG  1 
ATOM   1008 N N   . PHE A 1 130 ? -7.370  5.392   -6.615  1.00 10.57 ? 125 PHE A N   1 
ATOM   1009 C CA  . PHE A 1 130 ? -6.842  6.185   -7.683  1.00 10.51 ? 125 PHE A CA  1 
ATOM   1010 C C   . PHE A 1 130 ? -7.954  6.602   -8.603  1.00 12.26 ? 125 PHE A C   1 
ATOM   1011 O O   . PHE A 1 130 ? -7.833  7.597   -9.325  1.00 13.62 ? 125 PHE A O   1 
ATOM   1012 C CB  . PHE A 1 130 ? -5.770  5.444   -8.492  1.00 11.20 ? 125 PHE A CB  1 
ATOM   1013 C CG  . PHE A 1 130 ? -4.624  4.886   -7.658  1.00 12.04 ? 125 PHE A CG  1 
ATOM   1014 C CD1 . PHE A 1 130 ? -4.236  5.363   -6.473  1.00 12.23 ? 125 PHE A CD1 1 
ATOM   1015 C CD2 . PHE A 1 130 ? -3.944  3.721   -8.139  1.00 12.28 ? 125 PHE A CD2 1 
ATOM   1016 C CE1 . PHE A 1 130 ? -3.170  4.809   -5.734  1.00 12.15 ? 125 PHE A CE1 1 
ATOM   1017 C CE2 . PHE A 1 130 ? -2.930  3.165   -7.409  1.00 13.94 ? 125 PHE A CE2 1 
ATOM   1018 C CZ  . PHE A 1 130 ? -2.572  3.676   -6.184  1.00 13.79 ? 125 PHE A CZ  1 
ATOM   1019 N N   . MET A 1 131 ? -9.065  5.926   -8.577  1.00 12.67 ? 126 MET A N   1 
ATOM   1020 C CA  . MET A 1 131 ? -10.198 6.388   -9.360  1.00 14.12 ? 126 MET A CA  1 
ATOM   1021 C C   . MET A 1 131 ? -10.767 7.719   -8.859  1.00 15.43 ? 126 MET A C   1 
ATOM   1022 O O   . MET A 1 131 ? -11.437 8.454   -9.621  1.00 16.18 ? 126 MET A O   1 
ATOM   1023 C CB  . MET A 1 131 ? -11.234 5.291   -9.303  1.00 16.42 ? 126 MET A CB  1 
ATOM   1024 C CG  . MET A 1 131 ? -12.430 5.428   -10.178 1.00 18.84 ? 126 MET A CG  1 
ATOM   1025 S SD  . MET A 1 131 ? -13.395 3.871   -10.445 1.00 17.65 ? 126 MET A SD  1 
ATOM   1026 C CE  . MET A 1 131 ? -13.803 3.508   -8.742  1.00 21.53 ? 126 MET A CE  1 
ATOM   1027 N N   . ASN A 1 132 ? -10.592 7.952   -7.534  1.00 12.45 ? 127 ASN A N   1 
ATOM   1028 C CA  . ASN A 1 132 ? -11.019 9.187   -6.964  1.00 12.66 ? 127 ASN A CA  1 
ATOM   1029 C C   . ASN A 1 132 ? -10.014 10.241  -7.229  1.00 11.94 ? 127 ASN A C   1 
ATOM   1030 O O   . ASN A 1 132 ? -9.068  10.499  -6.518  1.00 12.53 ? 127 ASN A O   1 
ATOM   1031 C CB  . ASN A 1 132 ? -11.246 9.009   -5.489  1.00 12.30 ? 127 ASN A CB  1 
ATOM   1032 C CG  . ASN A 1 132 ? -11.983 10.198  -4.896  1.00 12.55 ? 127 ASN A CG  1 
ATOM   1033 O OD1 . ASN A 1 132 ? -11.783 11.341  -5.274  1.00 13.00 ? 127 ASN A OD1 1 
ATOM   1034 N ND2 . ASN A 1 132 ? -12.832 9.880   -3.902  1.00 12.94 ? 127 ASN A ND2 1 
ATOM   1035 N N   A THR A 1 133 ? -10.221 10.879  -8.387  0.50 14.34 ? 128 THR A N   1 
ATOM   1036 N N   B THR A 1 133 ? -10.163 10.958  -8.359  0.50 13.94 ? 128 THR A N   1 
ATOM   1037 C CA  A THR A 1 133 ? -9.389  11.940  -8.888  0.50 14.94 ? 128 THR A CA  1 
ATOM   1038 C CA  B THR A 1 133 ? -9.186  11.989  -8.737  0.50 13.96 ? 128 THR A CA  1 
ATOM   1039 C C   A THR A 1 133 ? -9.316  13.168  -8.001  0.50 12.77 ? 128 THR A C   1 
ATOM   1040 C C   B THR A 1 133 ? -9.263  13.217  -7.912  0.50 12.43 ? 128 THR A C   1 
ATOM   1041 O O   A THR A 1 133 ? -8.251  13.807  -7.871  0.50 14.31 ? 128 THR A O   1 
ATOM   1042 O O   B THR A 1 133 ? -8.240  13.877  -7.686  0.50 14.43 ? 128 THR A O   1 
ATOM   1043 C CB  A THR A 1 133 ? -9.897  12.370  -10.333 0.50 16.15 ? 128 THR A CB  1 
ATOM   1044 C CB  B THR A 1 133 ? -9.303  12.354  -10.241 0.50 15.26 ? 128 THR A CB  1 
ATOM   1045 O OG1 A THR A 1 133 ? -9.833  11.265  -11.237 0.50 18.01 ? 128 THR A OG1 1 
ATOM   1046 O OG1 B THR A 1 133 ? -10.597 12.917  -10.482 0.50 16.51 ? 128 THR A OG1 1 
ATOM   1047 C CG2 A THR A 1 133 ? -9.050  13.484  -10.844 0.50 17.82 ? 128 THR A CG2 1 
ATOM   1048 C CG2 B THR A 1 133 ? -9.117  11.114  -11.062 0.50 16.22 ? 128 THR A CG2 1 
ATOM   1049 N N   . LYS A 1 134 ? -10.427 13.465  -7.373  1.00 13.93 ? 129 LYS A N   1 
ATOM   1050 C CA  . LYS A 1 134 ? -10.589 14.624  -6.476  1.00 14.26 ? 129 LYS A CA  1 
ATOM   1051 C C   . LYS A 1 134 ? -9.683  14.460  -5.233  1.00 14.91 ? 129 LYS A C   1 
ATOM   1052 O O   . LYS A 1 134 ? -8.878  15.256  -4.975  1.00 15.38 ? 129 LYS A O   1 
ATOM   1053 C CB  . LYS A 1 134 ? -12.048 14.804  -6.089  1.00 16.21 ? 129 LYS A CB  1 
ATOM   1054 C CG  . LYS A 1 134 ? -12.368 15.967  -5.067  1.00 20.08 ? 129 LYS A CG  1 
ATOM   1055 C CD  . LYS A 1 134 ? -12.297 15.531  -3.620  1.00 23.53 ? 129 LYS A CD  1 
ATOM   1056 C CE  . LYS A 1 134 ? -12.600 16.685  -2.681  1.00 24.68 ? 129 LYS A CE  1 
ATOM   1057 N NZ  . LYS A 1 134 ? -11.929 17.932  -3.061  1.00 29.36 ? 129 LYS A NZ  1 
ATOM   1058 N N   . VAL A 1 135 ? -9.846  13.313  -4.558  1.00 13.67 ? 130 VAL A N   1 
ATOM   1059 C CA  . VAL A 1 135 ? -9.004  13.075  -3.402  1.00 14.23 ? 130 VAL A CA  1 
ATOM   1060 C C   . VAL A 1 135 ? -7.575  12.882  -3.756  1.00 13.70 ? 130 VAL A C   1 
ATOM   1061 O O   . VAL A 1 135 ? -6.616  13.399  -3.080  1.00 13.61 ? 130 VAL A O   1 
ATOM   1062 C CB  . VAL A 1 135 ? -9.597  11.948  -2.592  1.00 14.46 ? 130 VAL A CB  1 
ATOM   1063 C CG1 . VAL A 1 135 ? -8.644  11.619  -1.403  1.00 14.29 ? 130 VAL A CG1 1 
ATOM   1064 C CG2 . VAL A 1 135 ? -10.997 12.276  -2.058  1.00 15.65 ? 130 VAL A CG2 1 
ATOM   1065 N N   . THR A 1 136 ? -7.236  12.124  -4.826  1.00 12.51 ? 131 THR A N   1 
ATOM   1066 C CA  . THR A 1 136 ? -5.877  11.923  -5.218  1.00 13.48 ? 131 THR A CA  1 
ATOM   1067 C C   . THR A 1 136 ? -5.170  13.200  -5.552  1.00 13.17 ? 131 THR A C   1 
ATOM   1068 O O   . THR A 1 136 ? -4.033  13.414  -5.132  1.00 13.43 ? 131 THR A O   1 
ATOM   1069 C CB  . THR A 1 136 ? -5.768  10.835  -6.331  1.00 11.82 ? 131 THR A CB  1 
ATOM   1070 O OG1 . THR A 1 136 ? -6.483  9.681   -5.933  1.00 12.36 ? 131 THR A OG1 1 
ATOM   1071 C CG2 . THR A 1 136 ? -4.340  10.481  -6.623  1.00 13.34 ? 131 THR A CG2 1 
ATOM   1072 N N   A SER A 1 137 ? -5.836  14.095  -6.273  0.50 15.24 ? 132 SER A N   1 
ATOM   1073 N N   B SER A 1 137 ? -5.805  14.076  -6.321  0.50 14.35 ? 132 SER A N   1 
ATOM   1074 C CA  A SER A 1 137 ? -5.223  15.407  -6.575  0.50 16.51 ? 132 SER A CA  1 
ATOM   1075 C CA  B SER A 1 137 ? -5.141  15.351  -6.649  0.50 14.55 ? 132 SER A CA  1 
ATOM   1076 C C   A SER A 1 137 ? -5.000  16.262  -5.335  0.50 17.48 ? 132 SER A C   1 
ATOM   1077 C C   B SER A 1 137 ? -5.015  16.264  -5.383  0.50 16.52 ? 132 SER A C   1 
ATOM   1078 O O   A SER A 1 137 ? -4.028  17.061  -5.254  0.50 18.69 ? 132 SER A O   1 
ATOM   1079 O O   B SER A 1 137 ? -4.067  17.093  -5.328  0.50 18.47 ? 132 SER A O   1 
ATOM   1080 C CB  A SER A 1 137 ? -6.203  16.160  -7.482  0.50 18.09 ? 132 SER A CB  1 
ATOM   1081 C CB  B SER A 1 137 ? -5.948  16.054  -7.788  0.50 15.83 ? 132 SER A CB  1 
ATOM   1082 O OG  A SER A 1 137 ? -6.107  15.635  -8.766  0.50 21.24 ? 132 SER A OG  1 
ATOM   1083 O OG  B SER A 1 137 ? -7.252  16.409  -7.348  0.50 17.41 ? 132 SER A OG  1 
ATOM   1084 N N   . ASP A 1 138 ? -5.854  16.135  -4.358  1.00 15.82 ? 133 ASP A N   1 
ATOM   1085 C CA  . ASP A 1 138 ? -5.683  16.853  -3.078  1.00 19.31 ? 133 ASP A CA  1 
ATOM   1086 C C   . ASP A 1 138 ? -4.432  16.351  -2.274  1.00 17.84 ? 133 ASP A C   1 
ATOM   1087 O O   . ASP A 1 138 ? -3.853  17.019  -1.399  1.00 18.88 ? 133 ASP A O   1 
ATOM   1088 C CB  . ASP A 1 138 ? -6.857  16.698  -2.181  1.00 18.27 ? 133 ASP A CB  1 
ATOM   1089 C CG  . ASP A 1 138 ? -8.102  17.517  -2.564  1.00 25.23 ? 133 ASP A CG  1 
ATOM   1090 O OD1 . ASP A 1 138 ? -7.945  18.374  -3.360  1.00 27.48 ? 133 ASP A OD1 1 
ATOM   1091 O OD2 . ASP A 1 138 ? -9.207  17.194  -2.007  1.00 26.91 ? 133 ASP A OD2 1 
ATOM   1092 N N   . TRP A 1 139 ? -4.067  15.066  -2.511  1.00 14.94 ? 134 TRP A N   1 
ATOM   1093 C CA  . TRP A 1 139 ? -2.911  14.386  -1.787  1.00 14.07 ? 134 TRP A CA  1 
ATOM   1094 C C   . TRP A 1 139 ? -1.658  14.308  -2.520  1.00 13.82 ? 134 TRP A C   1 
ATOM   1095 O O   . TRP A 1 139 ? -0.618  14.031  -1.821  1.00 14.36 ? 134 TRP A O   1 
ATOM   1096 C CB  . TRP A 1 139 ? -3.496  13.007  -1.391  1.00 14.67 ? 134 TRP A CB  1 
ATOM   1097 C CG  . TRP A 1 139 ? -4.233  13.075  -0.144  1.00 14.46 ? 134 TRP A CG  1 
ATOM   1098 C CD1 . TRP A 1 139 ? -5.535  13.199  0.055   1.00 14.96 ? 134 TRP A CD1 1 
ATOM   1099 C CD2 . TRP A 1 139 ? -3.670  12.950  1.155   1.00 19.11 ? 134 TRP A CD2 1 
ATOM   1100 N NE1 . TRP A 1 139 ? -5.860  13.201  1.405   1.00 20.48 ? 134 TRP A NE1 1 
ATOM   1101 C CE2 . TRP A 1 139 ? -4.692  13.027  2.071   1.00 15.97 ? 134 TRP A CE2 1 
ATOM   1102 C CE3 . TRP A 1 139 ? -2.388  12.716  1.623   1.00 19.08 ? 134 TRP A CE3 1 
ATOM   1103 C CZ2 . TRP A 1 139 ? -4.427  12.923  3.484   1.00 18.68 ? 134 TRP A CZ2 1 
ATOM   1104 C CZ3 . TRP A 1 139 ? -2.188  12.651  2.999   1.00 22.68 ? 134 TRP A CZ3 1 
ATOM   1105 C CH2 . TRP A 1 139 ? -3.173  12.776  3.848   1.00 18.64 ? 134 TRP A CH2 1 
ATOM   1106 N N   . TYR A 1 140 ? -1.562  14.517  -3.824  1.00 13.14 ? 135 TYR A N   1 
ATOM   1107 C CA  . TYR A 1 140 ? -0.401  14.243  -4.595  1.00 13.23 ? 135 TYR A CA  1 
ATOM   1108 C C   . TYR A 1 140 ? -0.117  15.384  -5.613  1.00 15.01 ? 135 TYR A C   1 
ATOM   1109 O O   . TYR A 1 140 ? -1.044  15.840  -6.253  1.00 16.29 ? 135 TYR A O   1 
ATOM   1110 C CB  . TYR A 1 140 ? -0.463  12.917  -5.321  1.00 12.99 ? 135 TYR A CB  1 
ATOM   1111 C CG  . TYR A 1 140 ? -0.462  11.716  -4.430  1.00 13.41 ? 135 TYR A CG  1 
ATOM   1112 C CD1 . TYR A 1 140 ? -1.591  11.231  -3.879  1.00 12.49 ? 135 TYR A CD1 1 
ATOM   1113 C CD2 . TYR A 1 140 ? 0.737   11.245  -3.937  1.00 12.52 ? 135 TYR A CD2 1 
ATOM   1114 C CE1 . TYR A 1 140 ? -1.558  10.139  -2.989  1.00 13.31 ? 135 TYR A CE1 1 
ATOM   1115 C CE2 . TYR A 1 140 ? 0.780   10.207  -2.989  1.00 12.76 ? 135 TYR A CE2 1 
ATOM   1116 C CZ  . TYR A 1 140 ? -0.351  9.679   -2.510  1.00 11.42 ? 135 TYR A CZ  1 
ATOM   1117 O OH  . TYR A 1 140 ? -0.340  8.631   -1.581  1.00 12.07 ? 135 TYR A OH  1 
ATOM   1118 N N   . TYR A 1 141 ? 1.143   15.636  -5.762  1.00 16.06 ? 136 TYR A N   1 
ATOM   1119 C CA  . TYR A 1 141 ? 1.653   16.533  -6.886  1.00 19.08 ? 136 TYR A CA  1 
ATOM   1120 C C   . TYR A 1 141 ? 1.742   15.738  -8.201  1.00 20.35 ? 136 TYR A C   1 
ATOM   1121 O O   . TYR A 1 141 ? 1.473   14.471  -8.283  1.00 19.13 ? 136 TYR A O   1 
ATOM   1122 C CB  . TYR A 1 141 ? 3.029   17.104  -6.537  1.00 18.58 ? 136 TYR A CB  1 
ATOM   1123 C CG  . TYR A 1 141 ? 3.046   17.983  -5.330  1.00 19.33 ? 136 TYR A CG  1 
ATOM   1124 C CD1 . TYR A 1 141 ? 2.465   19.310  -5.332  1.00 21.90 ? 136 TYR A CD1 1 
ATOM   1125 C CD2 . TYR A 1 141 ? 3.671   17.590  -4.178  1.00 21.24 ? 136 TYR A CD2 1 
ATOM   1126 C CE1 . TYR A 1 141 ? 2.504   20.102  -4.225  1.00 21.78 ? 136 TYR A CE1 1 
ATOM   1127 C CE2 . TYR A 1 141 ? 3.683   18.411  -3.090  1.00 19.28 ? 136 TYR A CE2 1 
ATOM   1128 C CZ  . TYR A 1 141 ? 3.159   19.650  -3.073  1.00 21.41 ? 136 TYR A CZ  1 
ATOM   1129 O OH  . TYR A 1 141 ? 3.201   20.364  -1.905  1.00 24.52 ? 136 TYR A OH  1 
ATOM   1130 N N   . ALA A 1 142 ? 2.189   16.456  -9.255  1.00 24.55 ? 137 ALA A N   1 
ATOM   1131 C CA  . ALA A 1 142 ? 1.853   16.082  -10.602 1.00 23.42 ? 137 ALA A CA  1 
ATOM   1132 C C   . ALA A 1 142 ? 2.418   14.796  -11.072 1.00 18.22 ? 137 ALA A C   1 
ATOM   1133 O O   . ALA A 1 142 ? 1.673   13.972  -11.819 1.00 20.68 ? 137 ALA A O   1 
ATOM   1134 C CB  . ALA A 1 142 ? 2.253   17.191  -11.593 1.00 25.01 ? 137 ALA A CB  1 
ATOM   1135 N N   . ARG A 1 143 ? 3.617   14.606  -10.593 1.00 19.59 ? 138 ARG A N   1 
ATOM   1136 C CA  . ARG A 1 143 ? 4.437   13.504  -11.086 1.00 19.68 ? 138 ARG A CA  1 
ATOM   1137 C C   . ARG A 1 143 ? 3.958   12.203  -10.449 1.00 14.51 ? 138 ARG A C   1 
ATOM   1138 O O   . ARG A 1 143 ? 4.477   11.191  -10.810 1.00 17.32 ? 138 ARG A O   1 
ATOM   1139 C CB  . ARG A 1 143 ? 5.920   13.627  -10.780 1.00 23.40 ? 138 ARG A CB  1 
ATOM   1140 C CG  . ARG A 1 143 ? 6.640   14.772  -11.423 1.00 23.22 ? 138 ARG A CG  1 
ATOM   1141 C CD  . ARG A 1 143 ? 8.071   14.768  -11.005 1.00 25.68 ? 138 ARG A CD  1 
ATOM   1142 N NE  . ARG A 1 143 ? 8.162   15.094  -9.566  1.00 21.13 ? 138 ARG A NE  1 
ATOM   1143 C CZ  . ARG A 1 143 ? 9.189   15.712  -8.971  1.00 21.19 ? 138 ARG A CZ  1 
ATOM   1144 N NH1 . ARG A 1 143 ? 10.212  16.177  -9.698  1.00 22.67 ? 138 ARG A NH1 1 
ATOM   1145 N NH2 . ARG A 1 143 ? 9.126   16.015  -7.745  1.00 21.19 ? 138 ARG A NH2 1 
ATOM   1146 N N   . SER A 1 144 ? 3.031   12.204  -9.518  1.00 16.17 ? 139 SER A N   1 
ATOM   1147 C CA  . SER A 1 144 ? 2.592   10.938  -8.876  1.00 13.57 ? 139 SER A CA  1 
ATOM   1148 C C   . SER A 1 144 ? 2.051   10.031  -9.953  1.00 15.16 ? 139 SER A C   1 
ATOM   1149 O O   . SER A 1 144 ? 1.189   10.519  -10.752 1.00 13.79 ? 139 SER A O   1 
ATOM   1150 C CB  . SER A 1 144 ? 1.538   11.220  -7.872  1.00 15.22 ? 139 SER A CB  1 
ATOM   1151 O OG  . SER A 1 144 ? 0.945   9.948   -7.475  1.00 13.72 ? 139 SER A OG  1 
ATOM   1152 N N   . PRO A 1 145 ? 2.424   8.772   -10.028 1.00 13.22 ? 140 PRO A N   1 
ATOM   1153 C CA  . PRO A 1 145 ? 1.818   7.907   -10.955 1.00 14.23 ? 140 PRO A CA  1 
ATOM   1154 C C   . PRO A 1 145 ? 0.349   7.776   -10.723 1.00 11.91 ? 140 PRO A C   1 
ATOM   1155 O O   . PRO A 1 145 ? -0.368  7.332   -11.630 1.00 13.37 ? 140 PRO A O   1 
ATOM   1156 C CB  . PRO A 1 145 ? 2.511   6.525   -10.740 1.00 15.11 ? 140 PRO A CB  1 
ATOM   1157 C CG  . PRO A 1 145 ? 3.006   6.608   -9.294  1.00 15.80 ? 140 PRO A CG  1 
ATOM   1158 C CD  . PRO A 1 145 ? 3.360   8.070   -9.116  1.00 13.89 ? 140 PRO A CD  1 
ATOM   1159 N N   . PHE A 1 146 ? -0.138  8.077   -9.504  1.00 12.24 ? 141 PHE A N   1 
ATOM   1160 C CA  . PHE A 1 146 ? -1.584  7.787   -9.223  1.00 12.74 ? 141 PHE A CA  1 
ATOM   1161 C C   . PHE A 1 146 ? -2.508  8.731   -9.984  1.00 13.75 ? 141 PHE A C   1 
ATOM   1162 O O   . PHE A 1 146 ? -3.686  8.426   -10.065 1.00 12.98 ? 141 PHE A O   1 
ATOM   1163 C CB  . PHE A 1 146 ? -1.844  7.943   -7.726  1.00 11.95 ? 141 PHE A CB  1 
ATOM   1164 C CG  . PHE A 1 146 ? -0.862  7.138   -6.815  1.00 10.92 ? 141 PHE A CG  1 
ATOM   1165 C CD1 . PHE A 1 146 ? -0.427  5.931   -7.267  1.00 11.85 ? 141 PHE A CD1 1 
ATOM   1166 C CD2 . PHE A 1 146 ? -0.552  7.576   -5.588  1.00 13.31 ? 141 PHE A CD2 1 
ATOM   1167 C CE1 . PHE A 1 146 ? 0.404   5.160   -6.454  1.00 11.97 ? 141 PHE A CE1 1 
ATOM   1168 C CE2 . PHE A 1 146 ? 0.326   6.823   -4.689  1.00 12.95 ? 141 PHE A CE2 1 
ATOM   1169 C CZ  . PHE A 1 146 ? 0.780   5.654   -5.235  1.00 12.88 ? 141 PHE A CZ  1 
ATOM   1170 N N   . LEU A 1 147 ? -1.970  9.807   -10.504 1.00 15.18 ? 142 LEU A N   1 
ATOM   1171 C CA  . LEU A 1 147 ? -2.818  10.738  -11.262 1.00 14.67 ? 142 LEU A CA  1 
ATOM   1172 C C   . LEU A 1 147 ? -2.846  10.417  -12.803 1.00 15.61 ? 142 LEU A C   1 
ATOM   1173 O O   . LEU A 1 147 ? -3.526  11.167  -13.566 1.00 19.39 ? 142 LEU A O   1 
ATOM   1174 C CB  . LEU A 1 147 ? -2.344  12.136  -10.939 1.00 16.65 ? 142 LEU A CB  1 
ATOM   1175 C CG  . LEU A 1 147 ? -2.631  12.689  -9.530  1.00 18.43 ? 142 LEU A CG  1 
ATOM   1176 C CD1 . LEU A 1 147 ? -1.722  13.886  -9.166  1.00 21.16 ? 142 LEU A CD1 1 
ATOM   1177 C CD2 . LEU A 1 147 ? -4.103  12.892  -9.260  1.00 17.35 ? 142 LEU A CD2 1 
ATOM   1178 N N   . GLN A 1 148 ? -2.164  9.337   -13.253 1.00 15.23 ? 143 GLN A N   1 
ATOM   1179 C CA  . GLN A 1 148 ? -1.859  9.123   -14.636 1.00 14.92 ? 143 GLN A CA  1 
ATOM   1180 C C   . GLN A 1 148 ? -2.291  7.640   -14.942 1.00 17.24 ? 143 GLN A C   1 
ATOM   1181 O O   . GLN A 1 148 ? -1.573  6.759   -14.574 1.00 15.26 ? 143 GLN A O   1 
ATOM   1182 C CB  . GLN A 1 148 ? -0.333  9.327   -14.868 1.00 19.38 ? 143 GLN A CB  1 
ATOM   1183 C CG  . GLN A 1 148 ? 0.203   10.711  -14.561 1.00 19.27 ? 143 GLN A CG  1 
ATOM   1184 C CD  . GLN A 1 148 ? 1.716   10.826  -14.669 1.00 18.95 ? 143 GLN A CD  1 
ATOM   1185 O OE1 . GLN A 1 148 ? 2.320   10.684  -15.737 1.00 20.81 ? 143 GLN A OE1 1 
ATOM   1186 N NE2 . GLN A 1 148 ? 2.353   11.024  -13.589 1.00 18.20 ? 143 GLN A NE2 1 
ATOM   1187 N N   . PRO A 1 149 ? -3.456  7.378   -15.583 1.00 15.42 ? 144 PRO A N   1 
ATOM   1188 C CA  . PRO A 1 149 ? -3.735  5.922   -15.796 1.00 16.52 ? 144 PRO A CA  1 
ATOM   1189 C C   . PRO A 1 149 ? -2.711  5.147   -16.434 1.00 14.66 ? 144 PRO A C   1 
ATOM   1190 O O   . PRO A 1 149 ? -2.615  3.958   -16.188 1.00 16.51 ? 144 PRO A O   1 
ATOM   1191 C CB  . PRO A 1 149 ? -5.041  5.966   -16.693 1.00 20.07 ? 144 PRO A CB  1 
ATOM   1192 C CG  . PRO A 1 149 ? -5.716  7.181   -16.228 1.00 22.47 ? 144 PRO A CG  1 
ATOM   1193 C CD  . PRO A 1 149 ? -4.624  8.178   -15.976 1.00 18.76 ? 144 PRO A CD  1 
ATOM   1194 N N   . LYS A 1 150 ? -2.004  5.771   -17.460 1.00 15.94 ? 145 LYS A N   1 
ATOM   1195 C CA  . LYS A 1 150 ? -0.938  5.043   -18.047 1.00 17.53 ? 145 LYS A CA  1 
ATOM   1196 C C   . LYS A 1 150 ? -0.035  4.375   -16.978 1.00 16.98 ? 145 LYS A C   1 
ATOM   1197 O O   . LYS A 1 150 ? 0.464   3.268   -17.184 1.00 19.99 ? 145 LYS A O   1 
ATOM   1198 C CB  . LYS A 1 150 ? -0.144  6.057   -18.899 1.00 17.76 ? 145 LYS A CB  1 
ATOM   1199 C CG  . LYS A 1 150 ? 1.189   5.603   -19.422 1.00 20.01 ? 145 LYS A CG  1 
ATOM   1200 C CD  . LYS A 1 150 ? 1.808   6.723   -20.290 1.00 21.10 ? 145 LYS A CD  1 
ATOM   1201 C CE  . LYS A 1 150 ? 3.002   6.195   -21.079 1.00 23.53 ? 145 LYS A CE  1 
ATOM   1202 N NZ  . LYS A 1 150 ? 3.733   7.410   -21.675 1.00 22.68 ? 145 LYS A NZ  1 
ATOM   1203 N N   . LEU A 1 151 ? 0.317   5.092   -15.969 1.00 16.81 ? 146 LEU A N   1 
ATOM   1204 C CA  . LEU A 1 151 ? 1.149   4.601   -14.860 1.00 14.65 ? 146 LEU A CA  1 
ATOM   1205 C C   . LEU A 1 151 ? 0.363   3.902   -13.742 1.00 15.50 ? 146 LEU A C   1 
ATOM   1206 O O   . LEU A 1 151 ? 0.845   2.835   -13.269 1.00 15.76 ? 146 LEU A O   1 
ATOM   1207 C CB  . LEU A 1 151 ? 1.982   5.676   -14.266 1.00 14.84 ? 146 LEU A CB  1 
ATOM   1208 C CG  . LEU A 1 151 ? 2.895   6.469   -15.215 1.00 16.77 ? 146 LEU A CG  1 
ATOM   1209 C CD1 . LEU A 1 151 ? 3.781   7.384   -14.418 1.00 16.71 ? 146 LEU A CD1 1 
ATOM   1210 C CD2 . LEU A 1 151 ? 3.752   5.526   -16.134 1.00 16.85 ? 146 LEU A CD2 1 
ATOM   1211 N N   . SER A 1 152 ? -0.737  4.512   -13.294 1.00 13.56 ? 147 SER A N   1 
ATOM   1212 C CA  . SER A 1 152 ? -1.523  3.826   -12.257 1.00 12.83 ? 147 SER A CA  1 
ATOM   1213 C C   . SER A 1 152 ? -2.052  2.449   -12.560 1.00 13.39 ? 147 SER A C   1 
ATOM   1214 O O   . SER A 1 152 ? -1.979  1.569   -11.778 1.00 15.15 ? 147 SER A O   1 
ATOM   1215 C CB  . SER A 1 152 ? -2.598  4.691   -11.750 1.00 14.69 ? 147 SER A CB  1 
ATOM   1216 O OG  . SER A 1 152 ? -3.771  4.688   -12.593 1.00 13.67 ? 147 SER A OG  1 
ATOM   1217 N N   . SER A 1 153 ? -2.520  2.213   -13.852 1.00 14.04 ? 148 SER A N   1 
ATOM   1218 C CA  . SER A 1 153 ? -2.901  0.816   -14.321 1.00 14.33 ? 148 SER A CA  1 
ATOM   1219 C C   . SER A 1 153 ? -1.796  -0.104  -14.503 1.00 12.19 ? 148 SER A C   1 
ATOM   1220 O O   . SER A 1 153 ? -1.951  -1.285  -14.459 1.00 14.99 ? 148 SER A O   1 
ATOM   1221 C CB  . SER A 1 153 ? -3.819  0.870   -15.519 1.00 15.22 ? 148 SER A CB  1 
ATOM   1222 O OG  . SER A 1 153 ? -5.008  1.579   -15.190 1.00 16.20 ? 148 SER A OG  1 
ATOM   1223 N N   . ASP A 1 154 ? -0.578  0.476   -14.752 1.00 15.97 ? 149 ASP A N   1 
ATOM   1224 C CA  . ASP A 1 154 ? 0.614   -0.406  -14.788 1.00 17.77 ? 149 ASP A CA  1 
ATOM   1225 C C   . ASP A 1 154 ? 0.822   -0.965  -13.354 1.00 13.99 ? 149 ASP A C   1 
ATOM   1226 O O   . ASP A 1 154 ? 0.944   -2.190  -13.151 1.00 17.81 ? 149 ASP A O   1 
ATOM   1227 C CB  . ASP A 1 154 ? 1.845   0.362   -15.341 1.00 19.04 ? 149 ASP A CB  1 
ATOM   1228 C CG  . ASP A 1 154 ? 3.232   -0.389  -15.234 1.00 24.71 ? 149 ASP A CG  1 
ATOM   1229 O OD1 . ASP A 1 154 ? 3.508   -1.424  -14.589 1.00 26.93 ? 149 ASP A OD1 1 
ATOM   1230 O OD2 . ASP A 1 154 ? 4.134   0.200   -15.826 1.00 27.93 ? 149 ASP A OD2 1 
ATOM   1231 N N   . ILE A 1 155 ? 0.865   -0.056  -12.395 1.00 14.35 ? 150 ILE A N   1 
ATOM   1232 C CA  . ILE A 1 155 ? 1.033   -0.505  -11.000 1.00 14.76 ? 150 ILE A CA  1 
ATOM   1233 C C   . ILE A 1 155 ? -0.129  -1.423  -10.543 1.00 13.26 ? 150 ILE A C   1 
ATOM   1234 O O   . ILE A 1 155 ? 0.077   -2.503  -10.044 1.00 15.06 ? 150 ILE A O   1 
ATOM   1235 C CB  . ILE A 1 155 ? 1.009   0.727   -10.140 1.00 13.54 ? 150 ILE A CB  1 
ATOM   1236 C CG1 . ILE A 1 155 ? 2.293   1.533   -10.277 1.00 14.18 ? 150 ILE A CG1 1 
ATOM   1237 C CG2 . ILE A 1 155 ? 0.843   0.380   -8.646  1.00 15.75 ? 150 ILE A CG2 1 
ATOM   1238 C CD1 . ILE A 1 155 ? 2.179   2.917   -9.684  1.00 15.12 ? 150 ILE A CD1 1 
ATOM   1239 N N   . VAL A 1 156 ? -1.363  -0.990  -10.827 1.00 13.05 ? 151 VAL A N   1 
ATOM   1240 C CA  . VAL A 1 156 ? -2.528  -1.862  -10.473 1.00 14.02 ? 151 VAL A CA  1 
ATOM   1241 C C   . VAL A 1 156 ? -2.553  -3.222  -11.115 1.00 12.76 ? 151 VAL A C   1 
ATOM   1242 O O   . VAL A 1 156 ? -2.799  -4.262  -10.566 1.00 13.78 ? 151 VAL A O   1 
ATOM   1243 C CB  . VAL A 1 156 ? -3.799  -1.123  -10.614 1.00 13.61 ? 151 VAL A CB  1 
ATOM   1244 C CG1 . VAL A 1 156 ? -5.042  -2.065  -10.410 1.00 15.68 ? 151 VAL A CG1 1 
ATOM   1245 C CG2 . VAL A 1 156 ? -3.938  0.105   -9.568  1.00 14.33 ? 151 VAL A CG2 1 
ATOM   1246 N N   . GLY A 1 157 ? -2.175  -3.150  -12.422 1.00 14.69 ? 152 GLY A N   1 
ATOM   1247 C CA  . GLY A 1 157 ? -1.915  -4.384  -13.178 1.00 15.59 ? 152 GLY A CA  1 
ATOM   1248 C C   . GLY A 1 157 ? -0.996  -5.399  -12.520 1.00 14.25 ? 152 GLY A C   1 
ATOM   1249 O O   . GLY A 1 157 ? -1.303  -6.621  -12.462 1.00 16.09 ? 152 GLY A O   1 
ATOM   1250 N N   . GLN A 1 158 ? 0.133   -4.925  -12.028 1.00 16.17 ? 153 GLN A N   1 
ATOM   1251 C CA  . GLN A 1 158 ? 1.082   -5.752  -11.276 1.00 17.01 ? 153 GLN A CA  1 
ATOM   1252 C C   . GLN A 1 158 ? 0.377   -6.323  -10.048 1.00 15.76 ? 153 GLN A C   1 
ATOM   1253 O O   . GLN A 1 158 ? 0.452   -7.527  -9.783  1.00 19.30 ? 153 GLN A O   1 
ATOM   1254 C CB  . GLN A 1 158 ? 2.334   -5.009  -10.804 1.00 18.72 ? 153 GLN A CB  1 
ATOM   1255 C CG  . GLN A 1 158 ? 3.118   -4.228  -11.905 1.00 21.68 ? 153 GLN A CG  1 
ATOM   1256 C CD  . GLN A 1 158 ? 4.166   -3.340  -11.208 1.00 21.50 ? 153 GLN A CD  1 
ATOM   1257 O OE1 . GLN A 1 158 ? 4.551   -3.650  -10.068 1.00 27.42 ? 153 GLN A OE1 1 
ATOM   1258 N NE2 . GLN A 1 158 ? 4.558   -2.225  -11.823 1.00 21.86 ? 153 GLN A NE2 1 
ATOM   1259 N N   . LEU A 1 159 ? -0.410  -5.501  -9.374  1.00 17.11 ? 154 LEU A N   1 
ATOM   1260 C CA  . LEU A 1 159 ? -1.065  -5.890  -8.187  1.00 16.54 ? 154 LEU A CA  1 
ATOM   1261 C C   . LEU A 1 159 ? -2.111  -6.928  -8.347  1.00 16.02 ? 154 LEU A C   1 
ATOM   1262 O O   . LEU A 1 159 ? -2.268  -7.793  -7.505  1.00 15.96 ? 154 LEU A O   1 
ATOM   1263 C CB  . LEU A 1 159 ? -1.541  -4.609  -7.429  1.00 15.52 ? 154 LEU A CB  1 
ATOM   1264 C CG  . LEU A 1 159 ? -0.440  -3.650  -7.007  1.00 16.22 ? 154 LEU A CG  1 
ATOM   1265 C CD1 . LEU A 1 159 ? -1.040  -2.508  -6.309  1.00 17.65 ? 154 LEU A CD1 1 
ATOM   1266 C CD2 . LEU A 1 159 ? 0.627   -4.407  -6.143  1.00 17.39 ? 154 LEU A CD2 1 
ATOM   1267 N N   . TYR A 1 160 ? -2.769  -6.943  -9.507  1.00 17.11 ? 155 TYR A N   1 
ATOM   1268 C CA  . TYR A 1 160 ? -3.741  -8.000  -9.766  1.00 15.44 ? 155 TYR A CA  1 
ATOM   1269 C C   . TYR A 1 160 ? -3.112  -9.347  -9.809  1.00 17.58 ? 155 TYR A C   1 
ATOM   1270 O O   . TYR A 1 160 ? -3.781  -10.348 -9.481  1.00 18.53 ? 155 TYR A O   1 
ATOM   1271 C CB  . TYR A 1 160 ? -4.552  -7.794  -11.106 1.00 16.31 ? 155 TYR A CB  1 
ATOM   1272 C CG  . TYR A 1 160 ? -5.466  -6.674  -11.112 1.00 15.63 ? 155 TYR A CG  1 
ATOM   1273 C CD1 . TYR A 1 160 ? -6.438  -6.563  -10.096 1.00 15.68 ? 155 TYR A CD1 1 
ATOM   1274 C CD2 . TYR A 1 160 ? -5.529  -5.826  -12.217 1.00 15.04 ? 155 TYR A CD2 1 
ATOM   1275 C CE1 . TYR A 1 160 ? -7.353  -5.564  -10.115 1.00 14.97 ? 155 TYR A CE1 1 
ATOM   1276 C CE2 . TYR A 1 160 ? -6.340  -4.775  -12.192 1.00 14.98 ? 155 TYR A CE2 1 
ATOM   1277 C CZ  . TYR A 1 160 ? -7.248  -4.592  -11.155 1.00 15.19 ? 155 TYR A CZ  1 
ATOM   1278 O OH  . TYR A 1 160 ? -8.097  -3.522  -11.208 1.00 16.13 ? 155 TYR A OH  1 
ATOM   1279 N N   A GLU A 1 161 ? -1.816  -9.439  -10.149 0.50 20.11 ? 156 GLU A N   1 
ATOM   1280 N N   B GLU A 1 161 ? -1.801  -9.404  -10.161 0.50 19.70 ? 156 GLU A N   1 
ATOM   1281 C CA  A GLU A 1 161 ? -1.178  -10.758 -10.096 0.50 22.03 ? 156 GLU A CA  1 
ATOM   1282 C CA  B GLU A 1 161 ? -1.016  -10.669 -10.082 0.50 21.11 ? 156 GLU A CA  1 
ATOM   1283 C C   A GLU A 1 161 ? -1.055  -11.248 -8.659  0.50 19.85 ? 156 GLU A C   1 
ATOM   1284 C C   B GLU A 1 161 ? -1.102  -11.233 -8.667  0.50 19.64 ? 156 GLU A C   1 
ATOM   1285 O O   A GLU A 1 161 ? -0.950  -12.433 -8.429  0.50 21.43 ? 156 GLU A O   1 
ATOM   1286 O O   B GLU A 1 161 ? -1.217  -12.436 -8.457  0.50 21.96 ? 156 GLU A O   1 
ATOM   1287 C CB  A GLU A 1 161 ? 0.168   -10.782 -10.775 0.50 23.35 ? 156 GLU A CB  1 
ATOM   1288 C CB  B GLU A 1 161 ? 0.466   -10.477 -10.473 0.50 22.68 ? 156 GLU A CB  1 
ATOM   1289 C CG  A GLU A 1 161 ? 0.187   -10.116 -12.132 0.50 26.52 ? 156 GLU A CG  1 
ATOM   1290 C CG  B GLU A 1 161 ? 0.647   -10.198 -11.959 0.50 23.38 ? 156 GLU A CG  1 
ATOM   1291 C CD  A GLU A 1 161 ? -0.901  -10.603 -13.076 0.50 29.29 ? 156 GLU A CD  1 
ATOM   1292 C CD  B GLU A 1 161 ? 2.071   -9.872  -12.418 0.50 27.86 ? 156 GLU A CD  1 
ATOM   1293 O OE1 A GLU A 1 161 ? -0.645  -10.642 -14.270 0.50 32.17 ? 156 GLU A OE1 1 
ATOM   1294 O OE1 B GLU A 1 161 ? 2.867   -10.798 -12.639 0.50 30.97 ? 156 GLU A OE1 1 
ATOM   1295 O OE2 A GLU A 1 161 ? -2.020  -10.931 -12.643 0.50 34.41 ? 156 GLU A OE2 1 
ATOM   1296 O OE2 B GLU A 1 161 ? 2.377   -8.683  -12.604 0.50 28.10 ? 156 GLU A OE2 1 
ATOM   1297 N N   . LEU A 1 162 ? -1.093  -10.341 -7.646  1.00 18.70 ? 157 LEU A N   1 
ATOM   1298 C CA  . LEU A 1 162 ? -1.127  -10.813 -6.308  1.00 16.85 ? 157 LEU A CA  1 
ATOM   1299 C C   . LEU A 1 162 ? -2.514  -11.257 -5.820  1.00 17.96 ? 157 LEU A C   1 
ATOM   1300 O O   . LEU A 1 162 ? -2.625  -11.853 -4.760  1.00 17.72 ? 157 LEU A O   1 
ATOM   1301 C CB  . LEU A 1 162 ? -0.631  -9.725  -5.329  1.00 16.19 ? 157 LEU A CB  1 
ATOM   1302 C CG  . LEU A 1 162 ? 0.763   -9.284  -5.538  1.00 16.70 ? 157 LEU A CG  1 
ATOM   1303 C CD1 . LEU A 1 162 ? 1.296   -8.264  -4.525  1.00 17.42 ? 157 LEU A CD1 1 
ATOM   1304 C CD2 . LEU A 1 162 ? 1.785   -10.454 -5.617  1.00 20.23 ? 157 LEU A CD2 1 
ATOM   1305 N N   . THR A 1 163 ? -3.548  -10.862 -6.566  1.00 21.26 ? 158 THR A N   1 
ATOM   1306 C CA  . THR A 1 163 ? -4.871  -11.224 -6.166  1.00 22.55 ? 158 THR A CA  1 
ATOM   1307 C C   . THR A 1 163 ? -4.906  -12.757 -6.033  1.00 24.82 ? 158 THR A C   1 
ATOM   1308 O O   . THR A 1 163 ? -5.456  -13.282 -5.087  1.00 25.53 ? 158 THR A O   1 
ATOM   1309 C CB  . THR A 1 163 ? -5.874  -10.485 -7.114  1.00 24.20 ? 158 THR A CB  1 
ATOM   1310 O OG1 . THR A 1 163 ? -5.648  -9.070  -6.973  1.00 29.24 ? 158 THR A OG1 1 
ATOM   1311 C CG2 . THR A 1 163 ? -7.268  -10.755 -6.653  1.00 24.97 ? 158 THR A CG2 1 
ATOM   1312 N N   . GLU A 1 164 ? -4.130  -13.509 -6.833  1.00 28.84 ? 159 GLU A N   1 
ATOM   1313 C CA  . GLU A 1 164 ? -4.071  -14.964 -6.626  1.00 32.39 ? 159 GLU A CA  1 
ATOM   1314 C C   . GLU A 1 164 ? -2.953  -15.604 -5.766  1.00 33.17 ? 159 GLU A C   1 
ATOM   1315 O O   . GLU A 1 164 ? -2.886  -16.833 -5.661  1.00 35.86 ? 159 GLU A O   1 
ATOM   1316 C CB  . GLU A 1 164 ? -4.119  -15.658 -7.970  1.00 36.79 ? 159 GLU A CB  1 
ATOM   1317 C CG  . GLU A 1 164 ? -2.945  -15.369 -8.880  1.00 37.04 ? 159 GLU A CG  1 
ATOM   1318 C CD  . GLU A 1 164 ? -3.195  -15.933 -10.260 1.00 48.05 ? 159 GLU A CD  1 
ATOM   1319 O OE1 . GLU A 1 164 ? -2.622  -16.997 -10.566 1.00 47.32 ? 159 GLU A OE1 1 
ATOM   1320 O OE2 . GLU A 1 164 ? -3.978  -15.311 -11.011 1.00 43.71 ? 159 GLU A OE2 1 
ATOM   1321 N N   . VAL A 1 165 ? -2.086  -14.787 -5.171  1.00 25.71 ? 160 VAL A N   1 
ATOM   1322 C CA  . VAL A 1 165 ? -1.055  -15.212 -4.295  1.00 22.80 ? 160 VAL A CA  1 
ATOM   1323 C C   . VAL A 1 165 ? -1.587  -15.079 -2.902  1.00 23.67 ? 160 VAL A C   1 
ATOM   1324 O O   . VAL A 1 165 ? -2.188  -14.067 -2.550  1.00 23.05 ? 160 VAL A O   1 
ATOM   1325 C CB  . VAL A 1 165 ? 0.231   -14.315 -4.439  1.00 19.81 ? 160 VAL A CB  1 
ATOM   1326 C CG1 . VAL A 1 165 ? 1.298   -14.679 -3.451  1.00 21.96 ? 160 VAL A CG1 1 
ATOM   1327 C CG2 . VAL A 1 165 ? 0.811   -14.428 -5.836  1.00 20.32 ? 160 VAL A CG2 1 
ATOM   1328 N N   . GLN A 1 166 ? -1.391  -16.113 -2.082  1.00 23.02 ? 161 GLN A N   1 
ATOM   1329 C CA  . GLN A 1 166 ? -1.807  -16.093 -0.721  1.00 20.75 ? 161 GLN A CA  1 
ATOM   1330 C C   . GLN A 1 166 ? -0.757  -15.664 0.184   1.00 18.94 ? 161 GLN A C   1 
ATOM   1331 O O   . GLN A 1 166 ? 0.422   -15.935 -0.025  1.00 21.96 ? 161 GLN A O   1 
ATOM   1332 C CB  . GLN A 1 166 ? -2.301  -17.510 -0.370  1.00 22.55 ? 161 GLN A CB  1 
ATOM   1333 C CG  . GLN A 1 166 ? -3.610  -17.867 -1.025  1.00 23.82 ? 161 GLN A CG  1 
ATOM   1334 C CD  . GLN A 1 166 ? -3.943  -19.278 -0.690  1.00 31.65 ? 161 GLN A CD  1 
ATOM   1335 O OE1 . GLN A 1 166 ? -4.085  -20.088 -1.567  1.00 35.60 ? 161 GLN A OE1 1 
ATOM   1336 N NE2 . GLN A 1 166 ? -3.934  -19.596 0.602   1.00 33.25 ? 161 GLN A NE2 1 
ATOM   1337 N N   . PHE A 1 167 ? -1.109  -14.859 1.197   1.00 16.64 ? 162 PHE A N   1 
ATOM   1338 C CA  . PHE A 1 167 ? -0.311  -14.349 2.114   1.00 15.32 ? 162 PHE A CA  1 
ATOM   1339 C C   . PHE A 1 167 ? -0.824  -14.732 3.472   1.00 20.13 ? 162 PHE A C   1 
ATOM   1340 O O   . PHE A 1 167 ? -1.961  -14.404 3.847   1.00 20.34 ? 162 PHE A O   1 
ATOM   1341 C CB  . PHE A 1 167 ? -0.220  -12.752 2.039   1.00 15.05 ? 162 PHE A CB  1 
ATOM   1342 C CG  . PHE A 1 167 ? 0.464   -12.212 0.806   1.00 13.68 ? 162 PHE A CG  1 
ATOM   1343 C CD1 . PHE A 1 167 ? -0.201  -12.254 -0.364  1.00 16.49 ? 162 PHE A CD1 1 
ATOM   1344 C CD2 . PHE A 1 167 ? 1.871   -11.818 0.872   1.00 15.33 ? 162 PHE A CD2 1 
ATOM   1345 C CE1 . PHE A 1 167 ? 0.412   -11.826 -1.530  1.00 15.08 ? 162 PHE A CE1 1 
ATOM   1346 C CE2 . PHE A 1 167 ? 2.452   -11.407 -0.383  1.00 15.88 ? 162 PHE A CE2 1 
ATOM   1347 C CZ  . PHE A 1 167 ? 1.681   -11.406 -1.506  1.00 16.45 ? 162 PHE A CZ  1 
ATOM   1348 N N   . ASP A 1 168 ? 0.098   -15.324 4.224   1.00 18.89 ? 163 ASP A N   1 
ATOM   1349 C CA  . ASP A 1 168 ? -0.257  -15.704 5.599   1.00 21.17 ? 163 ASP A CA  1 
ATOM   1350 C C   . ASP A 1 168 ? 0.572   -14.851 6.454   1.00 19.54 ? 163 ASP A C   1 
ATOM   1351 O O   . ASP A 1 168 ? 1.709   -15.218 6.861   1.00 20.35 ? 163 ASP A O   1 
ATOM   1352 C CB  . ASP A 1 168 ? 0.045   -17.169 5.883   1.00 23.83 ? 163 ASP A CB  1 
ATOM   1353 C CG  . ASP A 1 168 ? -0.449  -17.612 7.271   1.00 32.04 ? 163 ASP A CG  1 
ATOM   1354 O OD1 . ASP A 1 168 ? -1.153  -16.842 7.978   1.00 32.17 ? 163 ASP A OD1 1 
ATOM   1355 O OD2 . ASP A 1 168 ? -0.058  -18.774 7.658   1.00 30.22 ? 163 ASP A OD2 1 
ATOM   1356 N N   . LEU A 1 169 ? 0.107   -13.634 6.750   1.00 20.44 ? 164 LEU A N   1 
ATOM   1357 C CA  . LEU A 1 169 ? 0.889   -12.661 7.422   1.00 18.61 ? 164 LEU A CA  1 
ATOM   1358 C C   . LEU A 1 169 ? 0.407   -12.581 8.798   1.00 21.95 ? 164 LEU A C   1 
ATOM   1359 O O   . LEU A 1 169 ? -0.810  -12.485 9.078   1.00 24.14 ? 164 LEU A O   1 
ATOM   1360 C CB  . LEU A 1 169 ? 0.774   -11.270 6.715   1.00 16.56 ? 164 LEU A CB  1 
ATOM   1361 C CG  . LEU A 1 169 ? 1.202   -11.321 5.273   1.00 16.67 ? 164 LEU A CG  1 
ATOM   1362 C CD1 . LEU A 1 169 ? 1.294   -9.799  4.782   1.00 17.74 ? 164 LEU A CD1 1 
ATOM   1363 C CD2 . LEU A 1 169 ? 2.520   -12.042 5.001   1.00 18.45 ? 164 LEU A CD2 1 
ATOM   1364 N N   . ALA A 1 170 ? 1.361   -12.555 9.709   1.00 21.60 ? 165 ALA A N   1 
ATOM   1365 C CA  . ALA A 1 170 ? 1.010   -12.552 11.099  1.00 22.22 ? 165 ALA A CA  1 
ATOM   1366 C C   . ALA A 1 170 ? 0.455   -11.221 11.514  1.00 20.99 ? 165 ALA A C   1 
ATOM   1367 O O   . ALA A 1 170 ? 0.812   -10.196 10.968  1.00 21.27 ? 165 ALA A O   1 
ATOM   1368 C CB  . ALA A 1 170 ? 2.239   -12.828 11.902  1.00 22.75 ? 165 ALA A CB  1 
ATOM   1369 N N   . SER A 1 171 ? -0.353  -11.224 12.570  1.00 26.24 ? 166 SER A N   1 
ATOM   1370 C CA  . SER A 1 171 ? -0.946  -9.976  13.017  1.00 25.13 ? 166 SER A CA  1 
ATOM   1371 C C   . SER A 1 171 ? -0.201  -9.347  14.197  1.00 24.68 ? 166 SER A C   1 
ATOM   1372 O O   . SER A 1 171 ? -0.331  -8.158  14.449  1.00 26.04 ? 166 SER A O   1 
ATOM   1373 C CB  . SER A 1 171 ? -2.458  -10.176 13.333  1.00 33.59 ? 166 SER A CB  1 
ATOM   1374 O OG  . SER A 1 171 ? -3.103  -8.927  13.182  1.00 40.01 ? 166 SER A OG  1 
ATOM   1375 N N   . ARG A 1 172 ? 0.691   -10.110 14.783  1.00 22.82 ? 167 ARG A N   1 
ATOM   1376 C CA  . ARG A 1 172 ? 1.567   -9.612  15.850  1.00 21.45 ? 167 ARG A CA  1 
ATOM   1377 C C   . ARG A 1 172 ? 2.899   -10.205 15.670  1.00 20.76 ? 167 ARG A C   1 
ATOM   1378 O O   . ARG A 1 172 ? 3.011   -11.137 14.826  1.00 18.34 ? 167 ARG A O   1 
ATOM   1379 C CB  . ARG A 1 172 ? 1.016   -10.146 17.207  1.00 21.31 ? 167 ARG A CB  1 
ATOM   1380 C CG  . ARG A 1 172 ? -0.347  -9.590  17.600  1.00 26.69 ? 167 ARG A CG  1 
ATOM   1381 C CD  . ARG A 1 172 ? -0.809  -10.028 19.009  1.00 28.67 ? 167 ARG A CD  1 
ATOM   1382 N NE  . ARG A 1 172 ? -0.018  -9.285  19.981  1.00 35.10 ? 167 ARG A NE  1 
ATOM   1383 C CZ  . ARG A 1 172 ? -0.245  -8.028  20.384  1.00 45.02 ? 167 ARG A CZ  1 
ATOM   1384 N NH1 . ARG A 1 172 ? 0.601   -7.468  21.234  1.00 46.68 ? 167 ARG A NH1 1 
ATOM   1385 N NH2 . ARG A 1 172 ? -1.301  -7.324  19.966  1.00 47.80 ? 167 ARG A NH2 1 
ATOM   1386 N N   . GLY A 1 173 ? 3.873   -9.755  16.458  1.00 19.47 ? 168 GLY A N   1 
ATOM   1387 C CA  . GLY A 1 173 ? 5.259   -10.204 16.406  1.00 22.01 ? 168 GLY A CA  1 
ATOM   1388 C C   . GLY A 1 173 ? 6.205   -9.203  15.812  1.00 18.67 ? 168 GLY A C   1 
ATOM   1389 O O   . GLY A 1 173 ? 7.222   -9.604  15.206  1.00 20.48 ? 168 GLY A O   1 
ATOM   1390 N N   . PHE A 1 174 ? 5.835   -7.889  15.857  1.00 19.27 ? 169 PHE A N   1 
ATOM   1391 C CA  . PHE A 1 174 ? 6.576   -6.774  15.130  1.00 18.72 ? 169 PHE A CA  1 
ATOM   1392 C C   . PHE A 1 174 ? 5.917   -5.444  15.605  1.00 17.47 ? 169 PHE A C   1 
ATOM   1393 O O   . PHE A 1 174 ? 4.886   -5.501  16.291  1.00 22.12 ? 169 PHE A O   1 
ATOM   1394 C CB  . PHE A 1 174 ? 6.466   -6.906  13.602  1.00 18.15 ? 169 PHE A CB  1 
ATOM   1395 C CG  . PHE A 1 174 ? 5.086   -7.250  13.165  1.00 17.39 ? 169 PHE A CG  1 
ATOM   1396 C CD1 . PHE A 1 174 ? 4.145   -6.246  13.107  1.00 16.27 ? 169 PHE A CD1 1 
ATOM   1397 C CD2 . PHE A 1 174 ? 4.744   -8.544  12.737  1.00 17.63 ? 169 PHE A CD2 1 
ATOM   1398 C CE1 . PHE A 1 174 ? 2.862   -6.531  12.715  1.00 18.84 ? 169 PHE A CE1 1 
ATOM   1399 C CE2 . PHE A 1 174 ? 3.456   -8.844  12.396  1.00 18.53 ? 169 PHE A CE2 1 
ATOM   1400 C CZ  . PHE A 1 174 ? 2.531   -7.846  12.342  1.00 20.29 ? 169 PHE A CZ  1 
ATOM   1401 N N   . ASP A 1 175 ? 6.495   -4.295  15.242  1.00 16.39 ? 170 ASP A N   1 
ATOM   1402 C CA  . ASP A 1 175 ? 5.994   -2.949  15.570  1.00 16.88 ? 170 ASP A CA  1 
ATOM   1403 C C   . ASP A 1 175 ? 5.967   -2.107  14.249  1.00 16.53 ? 170 ASP A C   1 
ATOM   1404 O O   . ASP A 1 175 ? 6.964   -1.532  13.837  1.00 15.80 ? 170 ASP A O   1 
ATOM   1405 C CB  . ASP A 1 175 ? 6.846   -2.239  16.598  1.00 20.85 ? 170 ASP A CB  1 
ATOM   1406 C CG  . ASP A 1 175 ? 6.366   -0.884  16.877  1.00 22.84 ? 170 ASP A CG  1 
ATOM   1407 O OD1 . ASP A 1 175 ? 5.372   -0.415  16.268  1.00 23.86 ? 170 ASP A OD1 1 
ATOM   1408 O OD2 . ASP A 1 175 ? 7.053   -0.181  17.692  1.00 28.57 ? 170 ASP A OD2 1 
ATOM   1409 N N   . LEU A 1 176 ? 4.826   -2.059  13.596  1.00 15.10 ? 171 LEU A N   1 
ATOM   1410 C CA  . LEU A 1 176 ? 4.729   -1.298  12.289  1.00 13.49 ? 171 LEU A CA  1 
ATOM   1411 C C   . LEU A 1 176 ? 4.967   0.116   12.333  1.00 13.83 ? 171 LEU A C   1 
ATOM   1412 O O   . LEU A 1 176 ? 5.350   0.746   11.314  1.00 14.15 ? 171 LEU A O   1 
ATOM   1413 C CB  . LEU A 1 176 ? 3.394   -1.610  11.703  1.00 13.14 ? 171 LEU A CB  1 
ATOM   1414 C CG  . LEU A 1 176 ? 3.150   -3.063  11.347  1.00 14.23 ? 171 LEU A CG  1 
ATOM   1415 C CD1 . LEU A 1 176 ? 1.734   -3.211  10.810  1.00 15.83 ? 171 LEU A CD1 1 
ATOM   1416 C CD2 . LEU A 1 176 ? 4.102   -3.716  10.405  1.00 15.61 ? 171 LEU A CD2 1 
ATOM   1417 N N   . ASP A 1 177 ? 4.711   0.774   13.439  1.00 14.77 ? 172 ASP A N   1 
ATOM   1418 C CA  . ASP A 1 177 ? 5.064   2.190   13.587  1.00 14.65 ? 172 ASP A CA  1 
ATOM   1419 C C   . ASP A 1 177 ? 6.614   2.469   13.446  1.00 17.14 ? 172 ASP A C   1 
ATOM   1420 O O   . ASP A 1 177 ? 7.004   3.496   12.972  1.00 17.89 ? 172 ASP A O   1 
ATOM   1421 C CB  . ASP A 1 177 ? 4.683   2.752   14.980  1.00 17.30 ? 172 ASP A CB  1 
ATOM   1422 C CG  . ASP A 1 177 ? 3.223   2.816   15.151  1.00 18.28 ? 172 ASP A CG  1 
ATOM   1423 O OD1 . ASP A 1 177 ? 2.530   3.287   14.178  1.00 16.32 ? 172 ASP A OD1 1 
ATOM   1424 O OD2 . ASP A 1 177 ? 2.682   2.462   16.228  1.00 21.07 ? 172 ASP A OD2 1 
ATOM   1425 N N   . ALA A 1 178 ? 7.366   1.416   13.743  1.00 16.42 ? 173 ALA A N   1 
ATOM   1426 C CA  . ALA A 1 178 ? 8.844   1.503   13.695  1.00 18.26 ? 173 ALA A CA  1 
ATOM   1427 C C   . ALA A 1 178 ? 9.435   0.910   12.436  1.00 18.66 ? 173 ALA A C   1 
ATOM   1428 O O   . ALA A 1 178 ? 10.494  1.343   11.979  1.00 22.05 ? 173 ALA A O   1 
ATOM   1429 C CB  . ALA A 1 178 ? 9.422   0.786   14.926  1.00 21.90 ? 173 ALA A CB  1 
ATOM   1430 N N   . ALA A 1 179 ? 8.870   -0.125  11.878  1.00 15.61 ? 174 ALA A N   1 
ATOM   1431 C CA  . ALA A 1 179 ? 9.472   -0.910  10.829  1.00 16.66 ? 174 ALA A CA  1 
ATOM   1432 C C   . ALA A 1 179 ? 8.553   -1.901  10.177  1.00 16.33 ? 174 ALA A C   1 
ATOM   1433 O O   . ALA A 1 179 ? 7.675   -2.493  10.862  1.00 17.70 ? 174 ALA A O   1 
ATOM   1434 C CB  . ALA A 1 179 ? 10.675  -1.743  11.423  1.00 18.75 ? 174 ALA A CB  1 
ATOM   1435 N N   . TRP A 1 180 ? 8.793   -2.206  8.899   1.00 16.19 ? 175 TRP A N   1 
ATOM   1436 C CA  . TRP A 1 180 ? 8.174   -3.291  8.286   1.00 16.57 ? 175 TRP A CA  1 
ATOM   1437 C C   . TRP A 1 180 ? 8.672   -4.624  8.958   1.00 15.98 ? 175 TRP A C   1 
ATOM   1438 O O   . TRP A 1 180 ? 9.880   -4.722  9.261   1.00 15.79 ? 175 TRP A O   1 
ATOM   1439 C CB  . TRP A 1 180 ? 8.481   -3.338  6.774   1.00 15.43 ? 175 TRP A CB  1 
ATOM   1440 C CG  . TRP A 1 180 ? 7.786   -2.297  5.984   1.00 15.00 ? 175 TRP A CG  1 
ATOM   1441 C CD1 . TRP A 1 180 ? 8.308   -1.132  5.505   1.00 17.15 ? 175 TRP A CD1 1 
ATOM   1442 C CD2 . TRP A 1 180 ? 6.464   -2.389  5.518   1.00 12.65 ? 175 TRP A CD2 1 
ATOM   1443 N NE1 . TRP A 1 180 ? 7.367   -0.438  4.760   1.00 14.01 ? 175 TRP A NE1 1 
ATOM   1444 C CE2 . TRP A 1 180 ? 6.217   -1.200  4.743   1.00 13.23 ? 175 TRP A CE2 1 
ATOM   1445 C CE3 . TRP A 1 180 ? 5.469   -3.295  5.663   1.00 14.34 ? 175 TRP A CE3 1 
ATOM   1446 C CZ2 . TRP A 1 180 ? 5.034   -0.994  4.080   1.00 13.65 ? 175 TRP A CZ2 1 
ATOM   1447 C CZ3 . TRP A 1 180 ? 4.272   -3.082  5.026   1.00 12.76 ? 175 TRP A CZ3 1 
ATOM   1448 C CH2 . TRP A 1 180 ? 4.050   -1.911  4.273   1.00 12.31 ? 175 TRP A CH2 1 
ATOM   1449 N N   . PRO A 1 181 ? 7.854   -5.591  9.073   1.00 14.20 ? 176 PRO A N   1 
ATOM   1450 C CA  . PRO A 1 181 ? 8.416   -6.940  9.599   1.00 16.47 ? 176 PRO A CA  1 
ATOM   1451 C C   . PRO A 1 181 ? 9.470   -7.522  8.750   1.00 19.01 ? 176 PRO A C   1 
ATOM   1452 O O   . PRO A 1 181 ? 9.511   -7.351  7.561   1.00 17.43 ? 176 PRO A O   1 
ATOM   1453 C CB  . PRO A 1 181 ? 7.170   -7.864  9.561   1.00 16.54 ? 176 PRO A CB  1 
ATOM   1454 C CG  . PRO A 1 181 ? 6.025   -6.851  9.695   1.00 16.76 ? 176 PRO A CG  1 
ATOM   1455 C CD  . PRO A 1 181 ? 6.458   -5.834  8.659   1.00 14.90 ? 176 PRO A CD  1 
ATOM   1456 N N   . THR A 1 182 ? 10.414  -8.184  9.396   1.00 15.66 ? 177 THR A N   1 
ATOM   1457 C CA  . THR A 1 182 ? 11.568  -8.831  8.698   1.00 17.24 ? 177 THR A CA  1 
ATOM   1458 C C   . THR A 1 182 ? 11.584  -10.381 8.804   1.00 14.89 ? 177 THR A C   1 
ATOM   1459 O O   . THR A 1 182 ? 12.336  -11.043 8.081   1.00 18.57 ? 177 THR A O   1 
ATOM   1460 C CB  . THR A 1 182 ? 12.943  -8.347  9.216   1.00 16.89 ? 177 THR A CB  1 
ATOM   1461 O OG1 . THR A 1 182 ? 12.965  -8.728  10.614  1.00 18.81 ? 177 THR A OG1 1 
ATOM   1462 C CG2 . THR A 1 182 ? 13.236  -6.847  9.105   1.00 18.60 ? 177 THR A CG2 1 
ATOM   1463 N N   . PHE A 1 183 ? 10.677  -10.980 9.610   1.00 16.72 ? 178 PHE A N   1 
ATOM   1464 C CA  . PHE A 1 183 ? 10.553  -12.413 9.778   1.00 15.87 ? 178 PHE A CA  1 
ATOM   1465 C C   . PHE A 1 183 ? 9.231   -12.898 10.453  1.00 17.55 ? 178 PHE A C   1 
ATOM   1466 O O   . PHE A 1 183 ? 8.607   -12.034 10.991  1.00 19.57 ? 178 PHE A O   1 
ATOM   1467 C CB  . PHE A 1 183 ? 11.853  -12.940 10.454  1.00 21.75 ? 178 PHE A CB  1 
ATOM   1468 C CG  . PHE A 1 183 ? 11.981  -12.639 11.931  1.00 19.51 ? 178 PHE A CG  1 
ATOM   1469 C CD1 . PHE A 1 183 ? 11.942  -13.724 12.882  1.00 20.64 ? 178 PHE A CD1 1 
ATOM   1470 C CD2 . PHE A 1 183 ? 12.114  -11.363 12.408  1.00 19.71 ? 178 PHE A CD2 1 
ATOM   1471 C CE1 . PHE A 1 183 ? 12.117  -13.417 14.237  1.00 21.12 ? 178 PHE A CE1 1 
ATOM   1472 C CE2 . PHE A 1 183 ? 12.249  -11.072 13.751  1.00 21.89 ? 178 PHE A CE2 1 
ATOM   1473 C CZ  . PHE A 1 183 ? 12.193  -12.108 14.674  1.00 24.73 ? 178 PHE A CZ  1 
ATOM   1474 O OXT . PHE A 1 183 ? 9.002   -14.115 10.489  1.00 20.08 ? 178 PHE A OXT 1 
HETATM 1475 O O   . HOH B 2 .   ? 13.852  -5.082  -9.579  1.00 21.88 ? 201 HOH A O   1 
HETATM 1476 O O   . HOH B 2 .   ? -17.032 -4.037  7.942   1.00 28.11 ? 202 HOH A O   1 
HETATM 1477 O O   . HOH B 2 .   ? 1.061   -25.812 -3.038  1.00 30.75 ? 203 HOH A O   1 
HETATM 1478 O O   . HOH B 2 .   ? -6.098  -3.520  19.748  1.00 36.11 ? 204 HOH A O   1 
HETATM 1479 O O   . HOH B 2 .   ? 7.483   16.581  -4.189  1.00 32.31 ? 205 HOH A O   1 
HETATM 1480 O O   . HOH B 2 .   ? -6.935  4.834   13.834  1.00 26.93 ? 206 HOH A O   1 
HETATM 1481 O O   . HOH B 2 .   ? 6.905   2.291   18.052  1.00 38.32 ? 207 HOH A O   1 
HETATM 1482 O O   . HOH B 2 .   ? 4.312   9.503   8.247   1.00 22.08 ? 208 HOH A O   1 
HETATM 1483 O O   . HOH B 2 .   ? -0.839  22.503  14.640  1.00 22.03 ? 209 HOH A O   1 
HETATM 1484 O O   . HOH B 2 .   ? -12.075 -8.596  7.689   1.00 30.61 ? 210 HOH A O   1 
HETATM 1485 O O   . HOH B 2 .   ? 14.337  4.970   -15.006 1.00 29.95 ? 211 HOH A O   1 
HETATM 1486 O O   . HOH B 2 .   ? -14.027 -3.854  2.435   1.00 23.54 ? 212 HOH A O   1 
HETATM 1487 O O   . HOH B 2 .   ? 4.113   11.453  2.184   1.00 29.62 ? 213 HOH A O   1 
HETATM 1488 O O   . HOH B 2 .   ? -7.290  -7.409  -5.384  1.00 19.48 ? 214 HOH A O   1 
HETATM 1489 O O   . HOH B 2 .   ? -8.139  -3.746  1.283   1.00 24.68 ? 215 HOH A O   1 
HETATM 1490 O O   . HOH B 2 .   ? 11.286  -1.016  8.025   1.00 26.30 ? 216 HOH A O   1 
HETATM 1491 O O   . HOH B 2 .   ? -12.400 -0.057  14.002  0.50 25.48 ? 217 HOH A O   1 
HETATM 1492 O O   . HOH B 2 .   ? -4.144  -7.610  -5.418  1.00 15.16 ? 218 HOH A O   1 
HETATM 1493 O O   . HOH B 2 .   ? 6.708   -0.282  -15.844 1.00 32.78 ? 219 HOH A O   1 
HETATM 1494 O O   . HOH B 2 .   ? 5.820   5.838   12.842  1.00 25.49 ? 220 HOH A O   1 
HETATM 1495 O O   . HOH B 2 .   ? 2.838   9.012   -5.841  1.00 15.20 ? 221 HOH A O   1 
HETATM 1496 O O   . HOH B 2 .   ? 1.101   10.007  12.330  1.00 18.58 ? 222 HOH A O   1 
HETATM 1497 O O   . HOH B 2 .   ? 9.484   -9.854  4.886   1.00 27.26 ? 223 HOH A O   1 
HETATM 1498 O O   . HOH B 2 .   ? -8.842  18.060  -5.838  1.00 32.96 ? 224 HOH A O   1 
HETATM 1499 O O   . HOH B 2 .   ? 7.430   -16.882 2.449   1.00 25.67 ? 225 HOH A O   1 
HETATM 1500 O O   . HOH B 2 .   ? 13.668  -9.907  -9.548  1.00 36.39 ? 226 HOH A O   1 
HETATM 1501 O O   . HOH B 2 .   ? 5.879   -12.259 11.623  1.00 24.89 ? 227 HOH A O   1 
HETATM 1502 O O   . HOH B 2 .   ? 4.105   1.625   18.319  1.00 28.33 ? 228 HOH A O   1 
HETATM 1503 O O   . HOH B 2 .   ? -5.402  3.006   -11.324 1.00 17.55 ? 229 HOH A O   1 
HETATM 1504 O O   . HOH B 2 .   ? 9.655   3.919   3.433   1.00 27.55 ? 230 HOH A O   1 
HETATM 1505 O O   . HOH B 2 .   ? -4.845  7.150   -12.476 1.00 18.77 ? 231 HOH A O   1 
HETATM 1506 O O   . HOH B 2 .   ? -0.676  9.839   0.806   1.00 23.23 ? 232 HOH A O   1 
HETATM 1507 O O   . HOH B 2 .   ? 2.956   -20.683 4.220   1.00 33.29 ? 233 HOH A O   1 
HETATM 1508 O O   . HOH B 2 .   ? -14.209 4.832   9.637   1.00 24.92 ? 234 HOH A O   1 
HETATM 1509 O O   . HOH B 2 .   ? -2.407  17.502  -7.898  1.00 26.09 ? 235 HOH A O   1 
HETATM 1510 O O   . HOH B 2 .   ? 3.581   19.215  12.585  1.00 24.68 ? 236 HOH A O   1 
HETATM 1511 O O   . HOH B 2 .   ? -5.251  2.021   14.612  1.00 23.07 ? 237 HOH A O   1 
HETATM 1512 O O   . HOH B 2 .   ? -10.747 -1.436  3.413   1.00 22.54 ? 238 HOH A O   1 
HETATM 1513 O O   . HOH B 2 .   ? -7.515  10.626  8.489   1.00 25.86 ? 239 HOH A O   1 
HETATM 1514 O O   . HOH B 2 .   ? -13.379 5.590   -5.563  1.00 18.52 ? 240 HOH A O   1 
HETATM 1515 O O   . HOH B 2 .   ? 3.759   19.470  0.603   1.00 32.23 ? 241 HOH A O   1 
HETATM 1516 O O   . HOH B 2 .   ? -6.170  2.279   -17.550 1.00 17.75 ? 242 HOH A O   1 
HETATM 1517 O O   . HOH B 2 .   ? -13.762 7.234   -3.302  1.00 16.41 ? 243 HOH A O   1 
HETATM 1518 O O   . HOH B 2 .   ? 8.647   1.928   -15.187 1.00 29.01 ? 244 HOH A O   1 
HETATM 1519 O O   . HOH B 2 .   ? 7.947   -7.417  5.325   1.00 23.65 ? 245 HOH A O   1 
HETATM 1520 O O   . HOH B 2 .   ? 1.129   -20.538 5.941   1.00 31.91 ? 246 HOH A O   1 
HETATM 1521 O O   . HOH B 2 .   ? 1.464   14.105  4.634   1.00 21.37 ? 247 HOH A O   1 
HETATM 1522 O O   . HOH B 2 .   ? -13.087 -3.773  -7.126  1.00 24.37 ? 248 HOH A O   1 
HETATM 1523 O O   . HOH B 2 .   ? -5.906  0.646   -12.774 1.00 19.82 ? 249 HOH A O   1 
HETATM 1524 O O   . HOH B 2 .   ? -9.776  -6.267  15.343  1.00 27.44 ? 250 HOH A O   1 
HETATM 1525 O O   . HOH B 2 .   ? -11.389 -7.346  3.245   1.00 28.28 ? 251 HOH A O   1 
HETATM 1526 O O   . HOH B 2 .   ? 13.899  -6.452  1.040   1.00 15.82 ? 252 HOH A O   1 
HETATM 1527 O O   . HOH B 2 .   ? -6.131  9.753   -9.570  1.00 16.93 ? 253 HOH A O   1 
HETATM 1528 O O   . HOH B 2 .   ? 4.753   -13.066 13.900  1.00 21.44 ? 254 HOH A O   1 
HETATM 1529 O O   . HOH B 2 .   ? -14.898 2.870   7.757   1.00 24.86 ? 255 HOH A O   1 
HETATM 1530 O O   . HOH B 2 .   ? -9.735  -11.181 -3.759  1.00 21.16 ? 256 HOH A O   1 
HETATM 1531 O O   . HOH B 2 .   ? 0.504   5.767   6.068   1.00 11.42 ? 257 HOH A O   1 
HETATM 1532 O O   . HOH B 2 .   ? 12.173  -3.686  7.859   1.00 22.31 ? 258 HOH A O   1 
HETATM 1533 O O   . HOH B 2 .   ? -0.635  14.375  -13.299 1.00 26.34 ? 259 HOH A O   1 
HETATM 1534 O O   . HOH B 2 .   ? -4.015  -14.762 1.287   1.00 22.66 ? 260 HOH A O   1 
HETATM 1535 O O   . HOH B 2 .   ? -12.958 -4.147  -2.886  1.00 34.57 ? 261 HOH A O   1 
HETATM 1536 O O   . HOH B 2 .   ? -11.231 8.200   8.581   1.00 23.52 ? 262 HOH A O   1 
HETATM 1537 O O   . HOH B 2 .   ? 6.325   15.733  -1.699  1.00 30.13 ? 263 HOH A O   1 
HETATM 1538 O O   . HOH B 2 .   ? 11.759  -14.107 -1.690  1.00 24.63 ? 264 HOH A O   1 
HETATM 1539 O O   . HOH B 2 .   ? 2.987   -7.470  17.792  1.00 28.73 ? 265 HOH A O   1 
HETATM 1540 O O   . HOH B 2 .   ? -4.618  11.256  11.272  1.00 30.79 ? 266 HOH A O   1 
HETATM 1541 O O   . HOH B 2 .   ? 5.820   -26.096 -5.451  1.00 32.78 ? 267 HOH A O   1 
HETATM 1542 O O   . HOH B 2 .   ? -0.587  -6.050  12.604  1.00 34.66 ? 268 HOH A O   1 
HETATM 1543 O O   . HOH B 2 .   ? -0.852  21.248  12.179  1.00 26.32 ? 269 HOH A O   1 
HETATM 1544 O O   . HOH B 2 .   ? 10.977  16.203  -12.409 1.00 28.41 ? 270 HOH A O   1 
HETATM 1545 O O   . HOH B 2 .   ? 0.088   -6.558  10.040  1.00 24.20 ? 271 HOH A O   1 
HETATM 1546 O O   . HOH B 2 .   ? 0.909   -4.058  -15.266 1.00 32.33 ? 272 HOH A O   1 
HETATM 1547 O O   . HOH B 2 .   ? -3.740  14.481  16.095  1.00 29.96 ? 273 HOH A O   1 
HETATM 1548 O O   . HOH B 2 .   ? -2.628  -14.431 7.833   1.00 31.01 ? 274 HOH A O   1 
HETATM 1549 O O   . HOH B 2 .   ? -7.919  3.650   -10.706 1.00 14.27 ? 275 HOH A O   1 
HETATM 1550 O O   . HOH B 2 .   ? 5.240   11.084  -13.585 1.00 19.96 ? 276 HOH A O   1 
HETATM 1551 O O   . HOH B 2 .   ? 8.994   -19.236 0.747   1.00 31.15 ? 277 HOH A O   1 
HETATM 1552 O O   . HOH B 2 .   ? -2.730  -10.718 -2.049  1.00 15.91 ? 278 HOH A O   1 
HETATM 1553 O O   . HOH B 2 .   ? 5.079   10.693  4.353   1.00 27.20 ? 279 HOH A O   1 
HETATM 1554 O O   . HOH B 2 .   ? -8.391  11.243  5.951   1.00 21.84 ? 280 HOH A O   1 
HETATM 1555 O O   . HOH B 2 .   ? -14.446 8.150   3.279   1.00 35.73 ? 281 HOH A O   1 
HETATM 1556 O O   . HOH B 2 .   ? 9.513   -8.935  -13.485 1.00 34.43 ? 282 HOH A O   1 
HETATM 1557 O O   . HOH B 2 .   ? 10.241  -8.206  12.243  1.00 26.92 ? 283 HOH A O   1 
HETATM 1558 O O   . HOH B 2 .   ? -13.003 7.006   12.823  1.00 29.08 ? 284 HOH A O   1 
HETATM 1559 O O   . HOH B 2 .   ? -11.393 8.141   -12.470 1.00 28.09 ? 285 HOH A O   1 
HETATM 1560 O O   . HOH B 2 .   ? 11.519  2.174   -0.669  1.00 21.99 ? 286 HOH A O   1 
HETATM 1561 O O   . HOH B 2 .   ? 8.597   12.657  -3.194  1.00 25.71 ? 287 HOH A O   1 
HETATM 1562 O O   . HOH B 2 .   ? -12.148 -5.240  -0.656  1.00 30.89 ? 288 HOH A O   1 
HETATM 1563 O O   . HOH B 2 .   ? 8.629   8.423   -1.702  1.00 20.23 ? 289 HOH A O   1 
HETATM 1564 O O   . HOH B 2 .   ? 8.528   -4.198  13.013  1.00 27.08 ? 290 HOH A O   1 
HETATM 1565 O O   . HOH B 2 .   ? -3.796  -8.310  -2.706  1.00 13.78 ? 291 HOH A O   1 
HETATM 1566 O O   . HOH B 2 .   ? -0.955  -8.935  9.065   1.00 30.84 ? 292 HOH A O   1 
HETATM 1567 O O   . HOH B 2 .   ? 4.128   -14.636 8.580   1.00 23.77 ? 293 HOH A O   1 
HETATM 1568 O O   . HOH B 2 .   ? -3.130  8.381   12.561  1.00 27.43 ? 294 HOH A O   1 
HETATM 1569 O O   . HOH B 2 .   ? 5.184   -6.530  5.105   1.00 15.39 ? 295 HOH A O   1 
HETATM 1570 O O   . HOH B 2 .   ? 2.477   -3.187  14.930  1.00 19.78 ? 296 HOH A O   1 
HETATM 1571 O O   . HOH B 2 .   ? 13.453  1.816   -2.808  1.00 21.10 ? 297 HOH A O   1 
HETATM 1572 O O   . HOH B 2 .   ? -2.135  8.592   -18.290 1.00 29.98 ? 298 HOH A O   1 
HETATM 1573 O O   . HOH B 2 .   ? 3.133   8.683   10.627  1.00 17.78 ? 299 HOH A O   1 
HETATM 1574 O O   . HOH B 2 .   ? -7.493  7.515   -12.253 1.00 29.60 ? 300 HOH A O   1 
HETATM 1575 O O   . HOH B 2 .   ? -13.238 -4.962  9.862   1.00 21.74 ? 301 HOH A O   1 
HETATM 1576 O O   . HOH B 2 .   ? -2.230  -5.831  9.469   1.00 27.67 ? 302 HOH A O   1 
HETATM 1577 O O   . HOH B 2 .   ? 9.981   2.713   9.381   1.00 26.93 ? 303 HOH A O   1 
HETATM 1578 O O   . HOH B 2 .   ? 10.581  -5.242  12.117  1.00 26.71 ? 304 HOH A O   1 
HETATM 1579 O O   . HOH B 2 .   ? 3.249   12.437  13.965  1.00 31.64 ? 305 HOH A O   1 
HETATM 1580 O O   . HOH B 2 .   ? 6.382   -19.269 2.823   1.00 37.67 ? 306 HOH A O   1 
HETATM 1581 O O   . HOH B 2 .   ? -8.107  -14.461 1.228   1.00 40.38 ? 307 HOH A O   1 
HETATM 1582 O O   . HOH B 2 .   ? -6.974  7.138   11.951  1.00 30.48 ? 308 HOH A O   1 
HETATM 1583 O O   . HOH B 2 .   ? 8.148   7.245   6.228   1.00 27.35 ? 309 HOH A O   1 
HETATM 1584 O O   . HOH B 2 .   ? -9.066  4.515   15.698  1.00 36.92 ? 310 HOH A O   1 
HETATM 1585 O O   . HOH B 2 .   ? -15.043 9.041   0.052   1.00 31.33 ? 311 HOH A O   1 
HETATM 1586 O O   . HOH B 2 .   ? 4.965   8.757   -19.099 0.50 20.62 ? 312 HOH A O   1 
HETATM 1587 O O   . HOH B 2 .   ? -19.334 3.069   8.094   1.00 33.39 ? 313 HOH A O   1 
HETATM 1588 O O   . HOH B 2 .   ? 11.742  -10.857 -11.013 1.00 42.14 ? 314 HOH A O   1 
HETATM 1589 O O   . HOH B 2 .   ? 8.557   4.337   16.041  1.00 41.54 ? 315 HOH A O   1 
HETATM 1590 O O   . HOH B 2 .   ? 6.921   6.355   15.433  1.00 35.85 ? 316 HOH A O   1 
HETATM 1591 O O   . HOH B 2 .   ? 19.468  17.497  -13.952 1.00 44.48 ? 317 HOH A O   1 
HETATM 1592 O O   . HOH B 2 .   ? 0.153   19.562  -8.390  1.00 25.36 ? 318 HOH A O   1 
HETATM 1593 O O   . HOH B 2 .   ? -16.351 8.270   -3.341  1.00 30.78 ? 319 HOH A O   1 
HETATM 1594 O O   . HOH B 2 .   ? 5.514   8.437   11.903  1.00 27.38 ? 320 HOH A O   1 
HETATM 1595 O O   . HOH B 2 .   ? -10.318 -13.235 2.866   1.00 38.54 ? 321 HOH A O   1 
HETATM 1596 O O   . HOH B 2 .   ? 15.530  -15.187 1.186   1.00 32.59 ? 322 HOH A O   1 
HETATM 1597 O O   . HOH B 2 .   ? 1.881   10.503  14.891  1.00 29.05 ? 323 HOH A O   1 
HETATM 1598 O O   . HOH B 2 .   ? -3.612  -8.348  9.146   1.00 36.63 ? 324 HOH A O   1 
HETATM 1599 O O   . HOH B 2 .   ? 6.846   9.039   8.652   1.00 37.61 ? 325 HOH A O   1 
HETATM 1600 O O   . HOH B 2 .   ? 10.331  10.264  -2.750  1.00 34.97 ? 326 HOH A O   1 
HETATM 1601 O O   . HOH B 2 .   ? 0.551   -2.803  -17.635 1.00 30.07 ? 327 HOH A O   1 
HETATM 1602 O O   . HOH B 2 .   ? 13.150  -16.642 -1.705  1.00 30.23 ? 328 HOH A O   1 
HETATM 1603 O O   . HOH B 2 .   ? -13.721 13.852  -0.374  1.00 30.80 ? 329 HOH A O   1 
# 
